data_4NEN
#
_entry.id   4NEN
#
_cell.length_a   127.087
_cell.length_b   119.851
_cell.length_c   182.399
_cell.angle_alpha   90.00
_cell.angle_beta   90.00
_cell.angle_gamma   90.00
#
_symmetry.space_group_name_H-M   'P 21 21 21'
#
loop_
_entity.id
_entity.type
_entity.pdbx_description
1 polymer 'Integrin alpha-X'
2 polymer 'Integrin beta-2'
3 branched 2-acetamido-2-deoxy-beta-D-glucopyranose-(1-4)-2-acetamido-2-deoxy-beta-D-glucopyranose
4 branched alpha-D-mannopyranose-(1-3)-alpha-D-mannopyranose-(1-6)-[alpha-D-mannopyranose-(1-3)]beta-D-mannopyranose-(1-4)-2-acetamido-2-deoxy-beta-D-glucopyranose-(1-4)-2-acetamido-2-deoxy-beta-D-glucopyranose
5 non-polymer 'CALCIUM ION'
6 non-polymer 'MAGNESIUM ION'
7 non-polymer 'CHLORIDE ION'
8 water water
#
loop_
_entity_poly.entity_id
_entity_poly.type
_entity_poly.pdbx_seq_one_letter_code
_entity_poly.pdbx_strand_id
1 'polypeptide(L)'
;FNLDTEELTAFRVDSAGFGDSVVQYANSWVVVGAPQKITAADQTGGLYQCGYSTGACEPIGLQVPPEAVNMSLGLSLAST
TSPSQLLACGPTVHHECGRNMYLTGLCFLLGPTQLTQRLPVSRQECPRQEQDIVFLIDGSGSISSRNFATMMNFVRAVIS
QFQRPSTQFSLMQFSNKFQTHFTFEEFRRSSNPLSLLASVHQLQGFTYTATAIQNVVHRLFHASYGARRDAAKILIVITD
GKKEGDSLDYKDVIPMADAAGIIRYAIGVGLAFQNRNSWKELNDIASKPSQEHIFKVEDFDALKDIQNQLKEKIFAIEGT
ETTSSSSFELEMAQEGFSAVFTPDGPVLGAVGSFTWSGGAFLYPPNMDPTFINMSQENVDMRDSYLGYSTELALWKGVQS
LVLGAPRYQHTGKAVIFTQVSRQWRMKAEVTGTQIGSYFGASLCSVDVDSDGSTDLVLIGAPHYYEQTRGGQVSVCPLPR
GWRRWWCDAVLYGEQGHPWGRFGAALTVLGDVNGDKLTDVVIGAPGEEENRGAVYLFHGVLGPSISPSHSQRIAGSQLSS
RLQYFGQALSGGQDLTQDGLVDLAVGARGQVLLLRTRPVLWVGVSMQFIPAEIPRSAFECREQVVSEQTLVQSNICLYID
KRSKNLLGSRDLQSSVTLDLALDPGRLSPRATFQETKTRSLSRVRVLGLKAHCENFNLLLPSCVEDSVTPITLRLNFTLV
GKPLLAFRNLRPMLAADAQRYFTASLPFEKNCGADHICQDNLGISFSFPGLKSLLVGSNLELNAEVMVWNDGEDSYGTTI
TFSHPAGLSYRYVAEGQKQGQLRSLHLTCDSAPVGSQGTWSTSCRINHLIFRGGAQITFLATFDVSPKAVLGDRLLLTAN
VSSESNTPRTSKTTFQLELPVKYAVYTVVSSHEQFTKYLCFSESEEKESHVAMHRYQVNNLGQRDLPVSINFWVPVELNQ
EAVWMDVEVSHPQNPSLRCSSEKIAPPASDFLAHIQKNPVLDCSIAGCLRFRCDVPSFSVQEELDFTLKGNLSFGWVRQI
LQKKVSVVSVAEITFDTSVYSQLPGQEAFMRAQTTTVLEKYKPGPAALQTLFQG
;
A
2 'polypeptide(L)'
;QECTKFKVSSCRECIESGPGCTWCQKLNFTGPGDPDSIRCDTRPQLLMRGCAADDIMDPTSLAETQEDHNGGQKQLSPQK
VTLYLRPGQAAAFNVTFRRAKGYPIDLYYLMDLSYSMLDDLRNVKKLGGDLLRALNEITESGRIGFGSFVDKTVLPFVNT
HPDKLRNPCPNKEKECQPPFAFRHVLKLTDNSNQFQTEVGKQLISGNLDAPEGGLDAMMQVAACPEEIGWRKVTRLLVFA
TDDGFHFAGDGKLGAILTPNDGRCHLEDNLYKRSNEFDYPSVGQLAHKLAENNIQPIFAVTSRMVKTYEKLTEIIPKSAV
GELSEDSSNVVQLIKNAYNKLSSRVFLDHNALPDTLKVTYDSFCSNGVTHRNQPRGDCDGVQINVPITFQVKVTATECIQ
EQSFVIRALGFTDIVTVQVLPQCECRCRDQSRDRSLCHGKGFLECGICRCDTGYIGKNCECQTQGRSSQELEGSCRKDNN
SIICSGLGDCVCGQCLCHTSDVPGKLIYGQYCECDTINCERYNGQVCGGPGRGLCFCGKCRCHPGFEGSACQCERTTEGC
LNPRRVECSGRGRCRCNVCECHSGYQLPLCQECPGCPSPCGKYISCAECLKFEKGPFGKNCSAACPGLQLSNNPVKGRTC
KERDSEGCWVAYTLEQQDGMDRYLIYVDESRECCGGPAALQTLFQG
;
B
#
loop_
_chem_comp.id
_chem_comp.type
_chem_comp.name
_chem_comp.formula
BMA D-saccharide, beta linking beta-D-mannopyranose 'C6 H12 O6'
CA non-polymer 'CALCIUM ION' 'Ca 2'
CL non-polymer 'CHLORIDE ION' 'Cl -1'
MAN D-saccharide, alpha linking alpha-D-mannopyranose 'C6 H12 O6'
MG non-polymer 'MAGNESIUM ION' 'Mg 2'
NAG D-saccharide, beta linking 2-acetamido-2-deoxy-beta-D-glucopyranose 'C8 H15 N O6'
#
# COMPACT_ATOMS: atom_id res chain seq x y z
N PHE A 1 -19.29 7.65 7.91
CA PHE A 1 -20.02 8.10 9.09
C PHE A 1 -21.49 7.69 9.03
N ASN A 2 -21.93 7.24 7.86
CA ASN A 2 -23.35 6.90 7.68
C ASN A 2 -23.62 5.39 7.65
N LEU A 3 -22.65 4.60 8.10
CA LEU A 3 -22.88 3.17 8.30
C LEU A 3 -23.75 2.96 9.53
N ASP A 4 -24.92 2.35 9.35
CA ASP A 4 -25.87 2.19 10.45
C ASP A 4 -25.41 1.09 11.41
N THR A 5 -25.24 1.46 12.67
CA THR A 5 -24.76 0.52 13.68
C THR A 5 -25.90 -0.08 14.51
N GLU A 6 -26.92 0.72 14.78
CA GLU A 6 -27.97 0.33 15.71
C GLU A 6 -29.00 -0.62 15.11
N GLU A 7 -29.40 -0.38 13.86
CA GLU A 7 -30.27 -1.33 13.16
C GLU A 7 -29.41 -2.25 12.30
N LEU A 8 -29.35 -3.53 12.69
CA LEU A 8 -28.34 -4.42 12.16
C LEU A 8 -28.86 -5.80 11.77
N THR A 9 -28.27 -6.36 10.71
CA THR A 9 -28.60 -7.72 10.27
C THR A 9 -27.52 -8.70 10.74
N ALA A 10 -27.95 -9.81 11.33
CA ALA A 10 -27.02 -10.81 11.83
C ALA A 10 -27.28 -12.19 11.24
N PHE A 11 -26.26 -12.76 10.60
CA PHE A 11 -26.36 -14.09 10.03
C PHE A 11 -25.52 -15.09 10.83
N ARG A 12 -26.19 -16.00 11.52
CA ARG A 12 -25.50 -16.96 12.38
C ARG A 12 -25.76 -18.41 11.96
N VAL A 13 -24.72 -19.06 11.44
CA VAL A 13 -24.78 -20.48 11.15
C VAL A 13 -23.65 -21.17 11.91
N ASP A 14 -23.99 -22.22 12.65
CA ASP A 14 -23.02 -22.87 13.53
C ASP A 14 -22.08 -23.83 12.79
N SER A 15 -22.01 -23.70 11.48
CA SER A 15 -21.07 -24.48 10.68
C SER A 15 -19.64 -24.05 11.00
N ALA A 16 -18.70 -24.98 10.89
CA ALA A 16 -17.31 -24.70 11.20
C ALA A 16 -16.67 -23.80 10.14
N GLY A 17 -16.26 -22.61 10.57
CA GLY A 17 -15.56 -21.68 9.68
C GLY A 17 -16.49 -20.70 8.99
N PHE A 18 -17.75 -20.67 9.42
CA PHE A 18 -18.75 -19.79 8.82
C PHE A 18 -18.38 -18.32 8.99
N GLY A 19 -18.29 -17.61 7.87
CA GLY A 19 -18.02 -16.19 7.91
C GLY A 19 -16.58 -15.83 7.56
N ASP A 20 -15.77 -16.84 7.28
CA ASP A 20 -14.38 -16.63 6.90
C ASP A 20 -14.28 -15.99 5.52
N SER A 21 -15.33 -16.13 4.72
CA SER A 21 -15.37 -15.53 3.39
C SER A 21 -16.77 -15.06 3.05
N VAL A 22 -16.90 -13.77 2.76
CA VAL A 22 -18.18 -13.20 2.36
C VAL A 22 -18.08 -12.51 1.01
N VAL A 23 -19.20 -12.43 0.31
CA VAL A 23 -19.24 -11.72 -0.97
C VAL A 23 -20.68 -11.34 -1.32
N GLN A 24 -20.85 -10.12 -1.84
CA GLN A 24 -22.16 -9.67 -2.28
C GLN A 24 -22.45 -10.21 -3.68
N TYR A 25 -23.70 -10.62 -3.90
CA TYR A 25 -24.02 -11.38 -5.09
C TYR A 25 -25.37 -11.02 -5.71
N ALA A 26 -25.34 -10.67 -7.00
CA ALA A 26 -26.54 -10.43 -7.81
C ALA A 26 -27.45 -9.35 -7.25
N ASN A 27 -26.89 -8.49 -6.38
CA ASN A 27 -27.66 -7.47 -5.68
C ASN A 27 -28.84 -8.08 -4.93
N SER A 28 -28.66 -9.31 -4.45
CA SER A 28 -29.73 -10.05 -3.79
C SER A 28 -29.24 -10.75 -2.52
N TRP A 29 -28.13 -11.49 -2.65
CA TRP A 29 -27.65 -12.34 -1.57
C TRP A 29 -26.29 -11.94 -1.02
N VAL A 30 -26.05 -12.31 0.23
CA VAL A 30 -24.71 -12.33 0.77
C VAL A 30 -24.25 -13.78 0.80
N VAL A 31 -23.37 -14.16 -0.13
CA VAL A 31 -22.88 -15.53 -0.16
C VAL A 31 -21.78 -15.69 0.87
N VAL A 32 -21.90 -16.69 1.73
CA VAL A 32 -20.96 -16.88 2.82
C VAL A 32 -20.34 -18.28 2.82
N GLY A 33 -19.01 -18.33 2.95
CA GLY A 33 -18.31 -19.60 2.99
C GLY A 33 -18.09 -20.12 4.39
N ALA A 34 -18.05 -21.44 4.52
CA ALA A 34 -17.74 -22.11 5.78
C ALA A 34 -16.78 -23.26 5.49
N PRO A 35 -15.50 -22.93 5.24
CA PRO A 35 -14.52 -23.88 4.68
C PRO A 35 -14.14 -25.04 5.59
N GLN A 36 -14.45 -24.95 6.88
CA GLN A 36 -14.07 -25.99 7.82
C GLN A 36 -15.23 -26.92 8.14
N LYS A 37 -16.42 -26.56 7.64
CA LYS A 37 -17.62 -27.36 7.85
C LYS A 37 -17.52 -28.71 7.14
N ILE A 38 -17.83 -29.78 7.87
CA ILE A 38 -17.81 -31.12 7.31
C ILE A 38 -19.17 -31.47 6.68
N THR A 39 -19.25 -31.38 5.36
CA THR A 39 -20.49 -31.62 4.64
C THR A 39 -20.73 -33.11 4.40
N ALA A 40 -19.71 -33.79 3.90
CA ALA A 40 -19.81 -35.23 3.66
C ALA A 40 -18.56 -35.94 4.17
N ALA A 41 -18.54 -37.26 4.03
CA ALA A 41 -17.36 -38.04 4.41
C ALA A 41 -16.21 -37.68 3.49
N ASP A 42 -15.08 -37.26 4.08
CA ASP A 42 -13.90 -36.82 3.34
C ASP A 42 -14.22 -35.64 2.42
N GLN A 43 -15.10 -34.76 2.87
CA GLN A 43 -15.40 -33.53 2.16
C GLN A 43 -15.65 -32.39 3.15
N THR A 44 -14.95 -31.27 2.95
CA THR A 44 -15.10 -30.13 3.84
C THR A 44 -15.49 -28.85 3.08
N GLY A 45 -16.05 -27.90 3.81
CA GLY A 45 -16.42 -26.62 3.24
C GLY A 45 -17.85 -26.57 2.74
N GLY A 46 -18.53 -25.47 3.03
CA GLY A 46 -19.91 -25.30 2.60
C GLY A 46 -20.25 -23.88 2.23
N LEU A 47 -21.27 -23.71 1.40
CA LEU A 47 -21.73 -22.38 1.00
C LEU A 47 -23.10 -22.08 1.60
N TYR A 48 -23.32 -20.82 1.96
CA TYR A 48 -24.60 -20.37 2.48
C TYR A 48 -24.99 -19.05 1.85
N GLN A 49 -26.16 -18.99 1.23
CA GLN A 49 -26.64 -17.73 0.72
C GLN A 49 -27.61 -17.09 1.72
N CYS A 50 -27.39 -15.80 1.98
CA CYS A 50 -28.13 -15.08 3.00
C CYS A 50 -28.89 -13.91 2.39
N GLY A 51 -30.04 -13.58 2.97
CA GLY A 51 -30.85 -12.50 2.45
C GLY A 51 -31.30 -11.50 3.50
N TYR A 52 -31.41 -10.24 3.10
CA TYR A 52 -31.91 -9.19 3.96
C TYR A 52 -33.37 -9.45 4.33
N SER A 53 -34.12 -9.98 3.36
CA SER A 53 -35.54 -10.27 3.56
C SER A 53 -35.73 -11.43 4.52
N THR A 54 -35.15 -12.58 4.18
CA THR A 54 -35.26 -13.78 5.01
C THR A 54 -34.73 -13.51 6.42
N GLY A 55 -33.61 -12.79 6.49
CA GLY A 55 -32.93 -12.58 7.76
C GLY A 55 -32.30 -13.87 8.20
N ALA A 56 -32.11 -14.78 7.25
CA ALA A 56 -31.59 -16.12 7.54
C ALA A 56 -30.78 -16.65 6.36
N CYS A 57 -30.03 -17.71 6.61
CA CYS A 57 -29.18 -18.31 5.59
C CYS A 57 -29.65 -19.71 5.23
N GLU A 58 -29.55 -20.05 3.95
CA GLU A 58 -29.86 -21.39 3.49
C GLU A 58 -28.68 -21.93 2.68
N PRO A 59 -28.33 -23.21 2.91
CA PRO A 59 -27.22 -23.86 2.21
C PRO A 59 -27.38 -23.82 0.69
N ILE A 60 -26.29 -23.54 -0.02
CA ILE A 60 -26.32 -23.56 -1.47
C ILE A 60 -26.01 -24.96 -1.98
N GLY A 61 -27.00 -25.60 -2.58
CA GLY A 61 -26.87 -26.96 -3.05
C GLY A 61 -25.85 -27.11 -4.18
N LEU A 62 -24.82 -27.90 -3.92
CA LEU A 62 -23.82 -28.21 -4.94
C LEU A 62 -23.35 -29.65 -4.81
N GLN A 63 -23.36 -30.37 -5.92
CA GLN A 63 -22.85 -31.73 -5.95
C GLN A 63 -21.36 -31.73 -6.25
N VAL A 64 -20.59 -32.30 -5.32
CA VAL A 64 -19.13 -32.26 -5.39
C VAL A 64 -18.57 -33.62 -5.77
N PRO A 65 -17.63 -33.64 -6.73
CA PRO A 65 -16.93 -34.86 -7.16
C PRO A 65 -16.32 -35.62 -5.99
N PRO A 66 -16.24 -36.96 -6.09
CA PRO A 66 -15.70 -37.80 -5.02
C PRO A 66 -14.19 -37.62 -4.83
N GLU A 67 -13.48 -37.25 -5.89
CA GLU A 67 -12.03 -37.09 -5.82
C GLU A 67 -11.66 -35.76 -5.18
N ALA A 68 -12.62 -34.85 -5.08
CA ALA A 68 -12.41 -33.59 -4.37
C ALA A 68 -12.50 -33.83 -2.88
N VAL A 69 -11.37 -34.15 -2.26
CA VAL A 69 -11.32 -34.48 -0.85
C VAL A 69 -10.86 -33.31 0.01
N ASN A 70 -11.69 -32.91 0.97
CA ASN A 70 -11.35 -31.87 1.93
C ASN A 70 -10.96 -30.55 1.27
N MET A 71 -11.76 -30.12 0.30
CA MET A 71 -11.39 -28.99 -0.54
C MET A 71 -11.38 -27.64 0.20
N SER A 72 -11.95 -27.62 1.40
CA SER A 72 -12.17 -26.37 2.14
C SER A 72 -12.97 -25.40 1.27
N LEU A 73 -14.08 -25.90 0.75
CA LEU A 73 -14.95 -25.12 -0.13
C LEU A 73 -15.41 -23.82 0.52
N GLY A 74 -15.16 -22.71 -0.16
CA GLY A 74 -15.56 -21.40 0.34
C GLY A 74 -14.44 -20.67 1.06
N LEU A 75 -13.21 -21.14 0.87
CA LEU A 75 -12.06 -20.46 1.45
C LEU A 75 -11.84 -19.14 0.71
N SER A 76 -12.25 -19.10 -0.55
CA SER A 76 -12.19 -17.88 -1.34
C SER A 76 -13.43 -17.74 -2.21
N LEU A 77 -14.06 -16.56 -2.13
CA LEU A 77 -15.26 -16.28 -2.91
C LEU A 77 -15.03 -15.11 -3.86
N ALA A 78 -15.76 -15.07 -4.95
CA ALA A 78 -15.68 -13.98 -5.91
C ALA A 78 -16.98 -13.86 -6.70
N SER A 79 -17.36 -12.62 -7.02
CA SER A 79 -18.60 -12.39 -7.76
C SER A 79 -18.51 -11.15 -8.63
N THR A 80 -19.34 -11.11 -9.67
CA THR A 80 -19.42 -9.95 -10.55
C THR A 80 -20.88 -9.72 -10.97
N THR A 81 -21.09 -8.74 -11.83
CA THR A 81 -22.44 -8.43 -12.31
C THR A 81 -22.47 -8.19 -13.82
N SER A 82 -23.69 -8.24 -14.38
CA SER A 82 -23.93 -8.00 -15.81
C SER A 82 -23.05 -8.84 -16.73
N PRO A 83 -23.30 -10.16 -16.79
CA PRO A 83 -24.30 -10.91 -16.02
C PRO A 83 -23.81 -11.27 -14.62
N SER A 84 -24.72 -11.46 -13.68
CA SER A 84 -24.35 -11.78 -12.32
C SER A 84 -23.80 -13.19 -12.22
N GLN A 85 -22.55 -13.31 -11.77
CA GLN A 85 -21.89 -14.61 -11.64
C GLN A 85 -21.28 -14.78 -10.26
N LEU A 86 -21.24 -16.02 -9.79
CA LEU A 86 -20.63 -16.34 -8.51
C LEU A 86 -19.52 -17.37 -8.70
N LEU A 87 -18.39 -17.14 -8.05
CA LEU A 87 -17.27 -18.06 -8.13
C LEU A 87 -16.82 -18.49 -6.73
N ALA A 88 -17.15 -19.72 -6.36
CA ALA A 88 -16.79 -20.26 -5.06
C ALA A 88 -15.76 -21.37 -5.19
N CYS A 89 -14.69 -21.26 -4.40
CA CYS A 89 -13.55 -22.15 -4.55
C CYS A 89 -13.18 -22.90 -3.28
N GLY A 90 -12.21 -23.79 -3.41
CA GLY A 90 -11.68 -24.57 -2.32
C GLY A 90 -10.33 -25.11 -2.74
N PRO A 91 -9.25 -24.49 -2.25
CA PRO A 91 -7.89 -24.77 -2.75
C PRO A 91 -7.15 -25.89 -2.01
N THR A 92 -7.80 -26.62 -1.12
CA THR A 92 -7.08 -27.62 -0.34
C THR A 92 -7.49 -29.05 -0.69
N VAL A 93 -7.68 -29.34 -1.97
CA VAL A 93 -8.09 -30.68 -2.41
C VAL A 93 -6.95 -31.68 -2.26
N HIS A 94 -7.16 -32.72 -1.46
CA HIS A 94 -6.15 -33.77 -1.30
C HIS A 94 -6.32 -34.83 -2.39
N HIS A 95 -5.26 -35.01 -3.17
CA HIS A 95 -5.26 -35.96 -4.28
C HIS A 95 -4.12 -36.96 -4.15
N GLU A 96 -4.47 -38.23 -3.95
CA GLU A 96 -3.45 -39.27 -3.78
C GLU A 96 -2.91 -39.75 -5.12
N CYS A 97 -1.60 -39.54 -5.33
CA CYS A 97 -0.92 -40.02 -6.52
C CYS A 97 0.32 -40.82 -6.13
N GLY A 98 0.23 -42.13 -6.21
CA GLY A 98 1.31 -43.00 -5.76
C GLY A 98 1.46 -42.90 -4.26
N ARG A 99 2.68 -42.65 -3.80
CA ARG A 99 2.92 -42.45 -2.38
C ARG A 99 3.00 -40.95 -2.08
N ASN A 100 2.84 -40.14 -3.11
CA ASN A 100 2.69 -38.70 -2.95
C ASN A 100 1.24 -38.33 -2.77
N MET A 101 0.99 -37.15 -2.21
CA MET A 101 -0.36 -36.60 -2.18
C MET A 101 -0.33 -35.14 -2.58
N TYR A 102 -0.90 -34.85 -3.74
CA TYR A 102 -0.88 -33.50 -4.30
C TYR A 102 -1.91 -32.60 -3.63
N LEU A 103 -1.75 -31.30 -3.84
CA LEU A 103 -2.70 -30.32 -3.32
C LEU A 103 -3.13 -29.35 -4.41
N THR A 104 -4.26 -29.65 -5.04
CA THR A 104 -4.81 -28.80 -6.08
C THR A 104 -6.10 -28.16 -5.58
N GLY A 105 -6.79 -27.42 -6.44
CA GLY A 105 -8.03 -26.76 -6.05
C GLY A 105 -9.16 -26.93 -7.05
N LEU A 106 -10.38 -26.66 -6.58
CA LEU A 106 -11.56 -26.74 -7.43
C LEU A 106 -12.48 -25.56 -7.19
N CYS A 107 -13.13 -25.07 -8.25
CA CYS A 107 -14.03 -23.94 -8.13
C CYS A 107 -15.33 -24.19 -8.90
N PHE A 108 -16.40 -23.55 -8.44
CA PHE A 108 -17.71 -23.67 -9.09
C PHE A 108 -18.17 -22.33 -9.62
N LEU A 109 -18.44 -22.26 -10.92
CA LEU A 109 -18.94 -21.03 -11.53
C LEU A 109 -20.47 -21.04 -11.60
N LEU A 110 -21.09 -20.15 -10.84
CA LEU A 110 -22.55 -20.13 -10.72
C LEU A 110 -23.15 -18.88 -11.36
N GLY A 111 -24.44 -18.98 -11.69
CA GLY A 111 -25.18 -17.89 -12.30
C GLY A 111 -26.63 -18.30 -12.50
N PRO A 112 -27.55 -17.36 -12.31
CA PRO A 112 -28.99 -17.66 -12.48
C PRO A 112 -29.35 -17.92 -13.94
N THR A 113 -28.69 -17.20 -14.84
CA THR A 113 -29.00 -17.29 -16.26
C THR A 113 -28.35 -18.50 -16.93
N GLN A 114 -27.44 -19.14 -16.23
CA GLN A 114 -26.66 -20.23 -16.81
C GLN A 114 -26.62 -21.46 -15.90
N LEU A 115 -26.02 -22.54 -16.42
CA LEU A 115 -25.90 -23.78 -15.66
C LEU A 115 -24.56 -23.84 -14.94
N THR A 116 -24.56 -24.40 -13.74
CA THR A 116 -23.36 -24.48 -12.91
C THR A 116 -22.29 -25.38 -13.52
N GLN A 117 -21.10 -24.82 -13.71
CA GLN A 117 -19.96 -25.59 -14.21
C GLN A 117 -18.74 -25.40 -13.29
N ARG A 118 -17.74 -26.26 -13.45
CA ARG A 118 -16.60 -26.27 -12.56
C ARG A 118 -15.32 -25.73 -13.19
N LEU A 119 -14.44 -25.18 -12.36
CA LEU A 119 -13.12 -24.74 -12.79
C LEU A 119 -12.05 -25.22 -11.82
N PRO A 120 -10.95 -25.80 -12.35
CA PRO A 120 -10.67 -26.05 -13.77
C PRO A 120 -11.63 -27.07 -14.39
N VAL A 121 -11.80 -27.00 -15.71
CA VAL A 121 -12.78 -27.80 -16.42
C VAL A 121 -12.59 -29.30 -16.19
N SER A 122 -11.35 -29.76 -16.19
CA SER A 122 -11.06 -31.18 -16.01
C SER A 122 -10.27 -31.47 -14.74
N ARG A 123 -10.41 -32.70 -14.25
CA ARG A 123 -9.73 -33.16 -13.04
C ARG A 123 -8.21 -33.21 -13.21
N GLN A 124 -7.48 -32.96 -12.12
CA GLN A 124 -6.04 -33.14 -12.12
C GLN A 124 -5.69 -34.61 -12.31
N GLU A 125 -4.72 -34.88 -13.18
CA GLU A 125 -4.34 -36.25 -13.48
C GLU A 125 -3.01 -36.63 -12.82
N CYS A 126 -3.01 -37.81 -12.19
CA CYS A 126 -1.77 -38.40 -11.72
C CYS A 126 -0.96 -38.84 -12.93
N PRO A 127 0.36 -38.64 -12.88
CA PRO A 127 1.21 -39.10 -13.99
C PRO A 127 1.19 -40.62 -14.08
N ARG A 128 0.86 -41.16 -15.24
CA ARG A 128 0.76 -42.60 -15.41
C ARG A 128 1.96 -43.16 -16.14
N GLN A 129 2.30 -44.41 -15.85
CA GLN A 129 3.40 -45.09 -16.51
C GLN A 129 3.09 -45.30 -17.99
N GLU A 130 3.98 -44.82 -18.86
CA GLU A 130 3.84 -45.06 -20.28
C GLU A 130 3.93 -46.56 -20.56
N GLN A 131 2.97 -47.08 -21.33
CA GLN A 131 2.99 -48.48 -21.69
C GLN A 131 2.43 -48.71 -23.09
N ASP A 132 3.25 -49.28 -23.96
CA ASP A 132 2.85 -49.61 -25.32
C ASP A 132 2.38 -51.06 -25.39
N ILE A 133 1.11 -51.24 -25.75
CA ILE A 133 0.48 -52.56 -25.71
C ILE A 133 0.12 -53.07 -27.09
N VAL A 134 0.62 -54.27 -27.41
CA VAL A 134 0.32 -54.89 -28.69
C VAL A 134 -0.60 -56.10 -28.55
N PHE A 135 -1.72 -56.06 -29.27
CA PHE A 135 -2.60 -57.22 -29.37
C PHE A 135 -2.14 -58.12 -30.51
N LEU A 136 -2.00 -59.42 -30.21
CA LEU A 136 -1.68 -60.40 -31.24
C LEU A 136 -2.71 -61.53 -31.19
N ILE A 137 -3.66 -61.49 -32.12
CA ILE A 137 -4.80 -62.41 -32.06
C ILE A 137 -4.72 -63.53 -33.10
N ASP A 138 -5.17 -64.72 -32.69
CA ASP A 138 -5.20 -65.88 -33.56
C ASP A 138 -6.43 -65.83 -34.47
N GLY A 139 -6.20 -65.65 -35.76
CA GLY A 139 -7.29 -65.59 -36.71
C GLY A 139 -7.28 -66.77 -37.66
N SER A 140 -6.69 -67.87 -37.22
CA SER A 140 -6.58 -69.07 -38.06
C SER A 140 -7.90 -69.83 -38.12
N GLY A 141 -7.95 -70.83 -38.99
CA GLY A 141 -9.15 -71.61 -39.22
C GLY A 141 -9.69 -72.32 -37.99
N SER A 142 -8.79 -72.74 -37.11
CA SER A 142 -9.19 -73.44 -35.88
C SER A 142 -10.01 -72.52 -34.98
N ILE A 143 -9.72 -71.22 -35.04
CA ILE A 143 -10.55 -70.23 -34.38
C ILE A 143 -11.82 -70.02 -35.20
N SER A 144 -12.97 -70.11 -34.56
CA SER A 144 -14.22 -70.11 -35.29
C SER A 144 -15.28 -69.16 -34.73
N SER A 145 -15.67 -68.18 -35.57
CA SER A 145 -16.82 -67.32 -35.32
C SER A 145 -16.89 -66.73 -33.91
N ARG A 146 -17.74 -67.33 -33.08
CA ARG A 146 -18.02 -66.82 -31.74
C ARG A 146 -16.77 -66.74 -30.88
N ASN A 147 -15.81 -67.64 -31.13
CA ASN A 147 -14.52 -67.56 -30.45
C ASN A 147 -13.75 -66.32 -30.91
N PHE A 148 -13.65 -66.16 -32.22
CA PHE A 148 -12.97 -64.99 -32.80
C PHE A 148 -13.74 -63.71 -32.47
N ALA A 149 -15.06 -63.81 -32.41
CA ALA A 149 -15.89 -62.67 -32.06
C ALA A 149 -15.71 -62.30 -30.59
N THR A 150 -15.44 -63.31 -29.77
CA THR A 150 -15.20 -63.08 -28.35
C THR A 150 -13.86 -62.37 -28.14
N MET A 151 -12.86 -62.83 -28.88
CA MET A 151 -11.51 -62.26 -28.79
C MET A 151 -11.51 -60.76 -29.06
N MET A 152 -12.32 -60.34 -30.03
CA MET A 152 -12.44 -58.93 -30.36
C MET A 152 -13.11 -58.16 -29.21
N ASN A 153 -14.15 -58.75 -28.64
CA ASN A 153 -14.83 -58.15 -27.50
C ASN A 153 -13.91 -58.08 -26.29
N PHE A 154 -12.96 -59.00 -26.23
CA PHE A 154 -11.92 -58.95 -25.21
C PHE A 154 -11.01 -57.76 -25.45
N VAL A 155 -10.62 -57.56 -26.71
CA VAL A 155 -9.78 -56.43 -27.09
C VAL A 155 -10.49 -55.12 -26.80
N ARG A 156 -11.75 -55.01 -27.21
CA ARG A 156 -12.55 -53.82 -26.98
C ARG A 156 -12.65 -53.51 -25.49
N ALA A 157 -12.87 -54.55 -24.69
CA ALA A 157 -12.97 -54.41 -23.24
C ALA A 157 -11.68 -53.82 -22.66
N VAL A 158 -10.54 -54.31 -23.14
CA VAL A 158 -9.24 -53.87 -22.63
C VAL A 158 -8.95 -52.41 -22.99
N ILE A 159 -9.13 -52.06 -24.26
CA ILE A 159 -8.86 -50.71 -24.74
C ILE A 159 -9.67 -49.66 -23.97
N SER A 160 -10.89 -50.03 -23.58
CA SER A 160 -11.74 -49.12 -22.82
C SER A 160 -11.29 -48.97 -21.37
N GLN A 161 -10.41 -49.86 -20.93
CA GLN A 161 -9.97 -49.88 -19.54
C GLN A 161 -8.68 -49.12 -19.31
N PHE A 162 -8.14 -48.51 -20.37
CA PHE A 162 -6.86 -47.82 -20.26
C PHE A 162 -6.91 -46.40 -20.81
N GLN A 163 -6.34 -45.48 -20.03
CA GLN A 163 -6.37 -44.05 -20.34
C GLN A 163 -5.38 -43.66 -21.44
N ARG A 164 -5.67 -42.58 -22.14
CA ARG A 164 -4.78 -42.04 -23.15
C ARG A 164 -4.31 -40.64 -22.75
N PRO A 165 -3.10 -40.24 -23.21
CA PRO A 165 -2.16 -41.06 -23.98
C PRO A 165 -1.15 -41.79 -23.11
N SER A 166 -1.57 -42.25 -21.94
CA SER A 166 -0.71 -43.04 -21.07
C SER A 166 -0.48 -44.40 -21.71
N THR A 167 -1.53 -44.94 -22.31
CA THR A 167 -1.48 -46.23 -22.98
C THR A 167 -1.98 -46.11 -24.41
N GLN A 168 -1.17 -46.57 -25.36
CA GLN A 168 -1.61 -46.66 -26.75
C GLN A 168 -1.48 -48.10 -27.22
N PHE A 169 -2.33 -48.50 -28.17
CA PHE A 169 -2.44 -49.90 -28.56
C PHE A 169 -2.02 -50.18 -30.00
N SER A 170 -1.72 -51.45 -30.27
CA SER A 170 -1.39 -51.91 -31.61
C SER A 170 -1.93 -53.33 -31.80
N LEU A 171 -2.67 -53.55 -32.88
CA LEU A 171 -3.28 -54.86 -33.11
C LEU A 171 -2.80 -55.50 -34.40
N MET A 172 -2.34 -56.75 -34.29
CA MET A 172 -2.01 -57.54 -35.47
C MET A 172 -2.70 -58.89 -35.42
N GLN A 173 -3.43 -59.22 -36.47
CA GLN A 173 -4.04 -60.53 -36.61
C GLN A 173 -3.12 -61.43 -37.42
N PHE A 174 -2.88 -62.64 -36.92
CA PHE A 174 -1.98 -63.55 -37.59
C PHE A 174 -2.63 -64.90 -37.88
N SER A 175 -2.07 -65.59 -38.86
CA SER A 175 -2.46 -66.94 -39.19
C SER A 175 -1.27 -67.58 -39.89
N ASN A 176 -1.36 -67.72 -41.21
CA ASN A 176 -0.17 -67.96 -42.01
C ASN A 176 0.11 -66.66 -42.74
N LYS A 177 -0.81 -65.72 -42.53
CA LYS A 177 -0.71 -64.37 -43.05
C LYS A 177 -0.65 -63.37 -41.91
N PHE A 178 0.03 -62.26 -42.13
CA PHE A 178 0.18 -61.23 -41.11
C PHE A 178 -0.46 -59.91 -41.56
N GLN A 179 -1.38 -59.41 -40.75
CA GLN A 179 -2.02 -58.12 -41.03
C GLN A 179 -2.05 -57.23 -39.79
N THR A 180 -1.41 -56.07 -39.90
CA THR A 180 -1.45 -55.06 -38.85
C THR A 180 -2.65 -54.14 -39.06
N HIS A 181 -3.70 -54.33 -38.27
CA HIS A 181 -4.92 -53.55 -38.44
C HIS A 181 -4.71 -52.09 -38.08
N PHE A 182 -4.02 -51.83 -36.98
CA PHE A 182 -3.60 -50.47 -36.66
C PHE A 182 -2.31 -50.43 -35.87
N THR A 183 -1.38 -49.58 -36.31
CA THR A 183 -0.12 -49.39 -35.62
C THR A 183 -0.30 -48.45 -34.43
N PHE A 184 0.74 -48.31 -33.62
CA PHE A 184 0.71 -47.39 -32.49
C PHE A 184 0.43 -45.96 -32.93
N GLU A 185 1.13 -45.54 -33.98
CA GLU A 185 0.97 -44.20 -34.52
C GLU A 185 -0.45 -43.98 -35.04
N GLU A 186 -0.99 -44.97 -35.73
CA GLU A 186 -2.35 -44.91 -36.25
C GLU A 186 -3.37 -44.83 -35.11
N PHE A 187 -3.13 -45.59 -34.05
CA PHE A 187 -4.00 -45.60 -32.90
C PHE A 187 -4.01 -44.23 -32.21
N ARG A 188 -2.82 -43.65 -32.06
CA ARG A 188 -2.68 -42.36 -31.40
C ARG A 188 -3.33 -41.25 -32.21
N ARG A 189 -3.14 -41.29 -33.52
CA ARG A 189 -3.72 -40.29 -34.42
C ARG A 189 -5.24 -40.45 -34.57
N SER A 190 -5.72 -41.66 -34.28
CA SER A 190 -7.13 -42.00 -34.47
C SER A 190 -8.05 -41.09 -33.66
N SER A 191 -8.99 -40.44 -34.36
CA SER A 191 -9.99 -39.62 -33.71
C SER A 191 -10.77 -40.42 -32.68
N ASN A 192 -11.23 -41.60 -33.10
CA ASN A 192 -11.84 -42.57 -32.21
C ASN A 192 -11.16 -43.93 -32.36
N PRO A 193 -10.60 -44.44 -31.25
CA PRO A 193 -9.90 -45.73 -31.25
C PRO A 193 -10.80 -46.90 -31.68
N LEU A 194 -12.02 -46.91 -31.17
CA LEU A 194 -12.95 -48.02 -31.38
C LEU A 194 -13.37 -48.16 -32.84
N SER A 195 -13.23 -47.09 -33.62
CA SER A 195 -13.63 -47.10 -35.02
C SER A 195 -12.77 -48.06 -35.85
N LEU A 196 -11.54 -48.28 -35.42
CA LEU A 196 -10.59 -49.13 -36.14
C LEU A 196 -10.94 -50.60 -36.03
N LEU A 197 -11.59 -50.98 -34.92
CA LEU A 197 -11.89 -52.38 -34.65
C LEU A 197 -13.10 -52.90 -35.42
N ALA A 198 -13.75 -52.01 -36.16
CA ALA A 198 -14.95 -52.38 -36.90
C ALA A 198 -14.62 -53.14 -38.18
N SER A 199 -13.46 -52.83 -38.77
CA SER A 199 -13.09 -53.39 -40.06
C SER A 199 -12.29 -54.69 -39.95
N VAL A 200 -12.15 -55.20 -38.73
CA VAL A 200 -11.37 -56.42 -38.51
C VAL A 200 -12.14 -57.67 -38.92
N HIS A 201 -11.60 -58.39 -39.91
CA HIS A 201 -12.21 -59.63 -40.38
C HIS A 201 -11.23 -60.79 -40.25
N GLN A 202 -11.74 -61.96 -39.86
CA GLN A 202 -10.90 -63.14 -39.65
C GLN A 202 -10.22 -63.58 -40.94
N LEU A 203 -8.99 -64.06 -40.82
CA LEU A 203 -8.19 -64.43 -41.99
C LEU A 203 -8.23 -65.92 -42.30
N GLN A 204 -8.76 -66.72 -41.38
CA GLN A 204 -8.71 -68.18 -41.47
C GLN A 204 -7.27 -68.64 -41.64
N GLY A 205 -7.06 -69.76 -42.30
CA GLY A 205 -5.71 -70.22 -42.62
C GLY A 205 -5.00 -70.97 -41.51
N PHE A 206 -3.72 -71.26 -41.73
CA PHE A 206 -2.91 -72.03 -40.77
C PHE A 206 -2.58 -71.19 -39.54
N THR A 207 -1.83 -71.76 -38.60
CA THR A 207 -1.46 -71.04 -37.38
C THR A 207 0.05 -70.90 -37.19
N TYR A 208 0.57 -69.70 -37.40
CA TYR A 208 1.98 -69.43 -37.12
C TYR A 208 2.11 -68.49 -35.93
N THR A 209 2.15 -69.03 -34.72
CA THR A 209 2.23 -68.18 -33.54
C THR A 209 3.62 -67.59 -33.36
N ALA A 210 4.64 -68.44 -33.43
CA ALA A 210 6.02 -68.04 -33.15
C ALA A 210 6.53 -66.95 -34.09
N THR A 211 6.45 -67.22 -35.39
CA THR A 211 6.93 -66.26 -36.40
C THR A 211 6.16 -64.94 -36.30
N ALA A 212 4.91 -65.03 -35.88
CA ALA A 212 4.09 -63.84 -35.66
C ALA A 212 4.64 -63.02 -34.50
N ILE A 213 4.94 -63.69 -33.40
CA ILE A 213 5.51 -63.03 -32.23
C ILE A 213 6.83 -62.36 -32.60
N GLN A 214 7.62 -63.04 -33.42
CA GLN A 214 8.87 -62.48 -33.94
C GLN A 214 8.57 -61.23 -34.77
N ASN A 215 7.59 -61.33 -35.66
CA ASN A 215 7.21 -60.22 -36.51
C ASN A 215 6.76 -59.01 -35.69
N VAL A 216 6.10 -59.27 -34.57
CA VAL A 216 5.67 -58.22 -33.67
C VAL A 216 6.85 -57.52 -33.01
N VAL A 217 7.78 -58.34 -32.50
CA VAL A 217 8.96 -57.82 -31.80
C VAL A 217 9.85 -56.97 -32.71
N HIS A 218 10.11 -57.45 -33.92
CA HIS A 218 11.01 -56.76 -34.84
CA HIS A 218 11.02 -56.75 -34.82
C HIS A 218 10.34 -55.61 -35.58
N ARG A 219 9.03 -55.45 -35.37
CA ARG A 219 8.33 -54.39 -36.09
C ARG A 219 7.47 -53.52 -35.16
N LEU A 220 6.40 -54.10 -34.63
CA LEU A 220 5.40 -53.34 -33.89
C LEU A 220 5.95 -52.56 -32.71
N PHE A 221 7.11 -52.97 -32.20
CA PHE A 221 7.78 -52.22 -31.14
C PHE A 221 8.97 -51.43 -31.70
N HIS A 222 8.69 -50.30 -32.34
CA HIS A 222 9.73 -49.45 -32.85
CA HIS A 222 9.71 -49.45 -32.91
C HIS A 222 9.25 -48.00 -32.95
N ALA A 223 10.22 -47.07 -32.95
CA ALA A 223 9.92 -45.65 -33.06
C ALA A 223 9.24 -45.34 -34.40
N SER A 224 9.58 -46.13 -35.41
CA SER A 224 9.01 -45.94 -36.75
C SER A 224 7.52 -46.27 -36.79
N TYR A 225 7.08 -47.17 -35.92
CA TYR A 225 5.68 -47.56 -35.85
C TYR A 225 4.94 -46.75 -34.78
N GLY A 226 5.68 -45.85 -34.12
CA GLY A 226 5.07 -44.96 -33.14
C GLY A 226 5.17 -45.47 -31.70
N ALA A 227 6.06 -46.41 -31.46
CA ALA A 227 6.26 -46.94 -30.12
C ALA A 227 7.18 -46.03 -29.31
N ARG A 228 6.76 -45.71 -28.08
CA ARG A 228 7.50 -44.80 -27.23
C ARG A 228 8.66 -45.50 -26.53
N ARG A 229 9.75 -44.76 -26.32
CA ARG A 229 10.98 -45.31 -25.77
C ARG A 229 10.83 -45.74 -24.31
N ASP A 230 10.30 -44.85 -23.48
CA ASP A 230 10.21 -45.10 -22.04
C ASP A 230 9.04 -46.02 -21.68
N ALA A 231 8.23 -46.36 -22.68
CA ALA A 231 7.02 -47.13 -22.43
C ALA A 231 7.30 -48.60 -22.10
N ALA A 232 6.61 -49.10 -21.07
CA ALA A 232 6.66 -50.52 -20.73
C ALA A 232 5.95 -51.33 -21.80
N LYS A 233 6.68 -52.24 -22.44
CA LYS A 233 6.17 -52.96 -23.61
C LYS A 233 5.45 -54.24 -23.22
N ILE A 234 4.14 -54.28 -23.47
CA ILE A 234 3.32 -55.45 -23.13
C ILE A 234 2.69 -56.07 -24.38
N LEU A 235 2.89 -57.37 -24.55
CA LEU A 235 2.34 -58.09 -25.69
C LEU A 235 1.31 -59.12 -25.27
N ILE A 236 0.06 -58.91 -25.68
CA ILE A 236 -1.01 -59.85 -25.39
C ILE A 236 -1.22 -60.80 -26.56
N VAL A 237 -0.93 -62.07 -26.32
CA VAL A 237 -1.11 -63.10 -27.34
C VAL A 237 -2.40 -63.86 -27.06
N ILE A 238 -3.32 -63.82 -28.02
CA ILE A 238 -4.61 -64.48 -27.88
C ILE A 238 -4.72 -65.63 -28.87
N THR A 239 -4.66 -66.86 -28.36
CA THR A 239 -4.68 -68.04 -29.22
C THR A 239 -5.30 -69.26 -28.56
N ASP A 240 -5.61 -70.28 -29.37
CA ASP A 240 -6.21 -71.50 -28.88
C ASP A 240 -5.17 -72.56 -28.53
N GLY A 241 -3.90 -72.13 -28.51
CA GLY A 241 -2.81 -73.02 -28.14
C GLY A 241 -2.52 -74.11 -29.15
N LYS A 242 -2.99 -73.92 -30.38
CA LYS A 242 -2.74 -74.89 -31.45
C LYS A 242 -1.90 -74.28 -32.56
N LYS A 243 -0.61 -74.56 -32.55
CA LYS A 243 0.30 -74.06 -33.59
C LYS A 243 0.52 -75.12 -34.67
N GLU A 244 0.29 -74.75 -35.92
CA GLU A 244 0.40 -75.70 -37.02
C GLU A 244 1.07 -75.10 -38.26
N GLY A 245 2.15 -75.74 -38.70
CA GLY A 245 2.80 -75.37 -39.94
C GLY A 245 3.86 -74.30 -39.80
N ASP A 246 4.16 -73.90 -38.57
CA ASP A 246 5.15 -72.86 -38.32
C ASP A 246 6.55 -73.44 -38.27
N SER A 247 7.45 -72.85 -39.06
CA SER A 247 8.83 -73.33 -39.15
C SER A 247 9.62 -72.99 -37.90
N LEU A 248 9.04 -72.17 -37.03
CA LEU A 248 9.72 -71.75 -35.80
C LEU A 248 9.09 -72.36 -34.56
N ASP A 249 9.91 -72.52 -33.53
CA ASP A 249 9.43 -72.96 -32.23
C ASP A 249 9.51 -71.78 -31.26
N TYR A 250 8.81 -71.88 -30.13
CA TYR A 250 8.74 -70.78 -29.17
C TYR A 250 10.10 -70.46 -28.58
N LYS A 251 10.91 -71.49 -28.34
CA LYS A 251 12.23 -71.32 -27.76
C LYS A 251 13.17 -70.53 -28.68
N ASP A 252 12.72 -70.29 -29.90
CA ASP A 252 13.50 -69.50 -30.86
C ASP A 252 13.16 -68.02 -30.79
N VAL A 253 11.88 -67.70 -30.59
CA VAL A 253 11.43 -66.32 -30.64
C VAL A 253 11.26 -65.69 -29.25
N ILE A 254 10.87 -66.49 -28.26
CA ILE A 254 10.63 -65.98 -26.92
C ILE A 254 11.88 -65.35 -26.26
N PRO A 255 13.06 -66.00 -26.35
CA PRO A 255 14.23 -65.34 -25.76
C PRO A 255 14.53 -63.98 -26.37
N MET A 256 14.27 -63.84 -27.67
CA MET A 256 14.48 -62.58 -28.37
C MET A 256 13.53 -61.51 -27.83
N ALA A 257 12.36 -61.95 -27.38
CA ALA A 257 11.36 -61.05 -26.81
C ALA A 257 11.73 -60.66 -25.37
N ASP A 258 12.24 -61.62 -24.62
CA ASP A 258 12.67 -61.38 -23.24
C ASP A 258 13.79 -60.36 -23.18
N ALA A 259 14.69 -60.41 -24.16
CA ALA A 259 15.82 -59.49 -24.23
C ALA A 259 15.35 -58.05 -24.44
N ALA A 260 14.20 -57.90 -25.08
CA ALA A 260 13.64 -56.57 -25.32
C ALA A 260 12.86 -56.08 -24.10
N GLY A 261 12.73 -56.95 -23.09
CA GLY A 261 12.02 -56.61 -21.88
C GLY A 261 10.53 -56.53 -22.10
N ILE A 262 10.03 -57.30 -23.06
CA ILE A 262 8.62 -57.30 -23.40
C ILE A 262 7.82 -58.25 -22.49
N ILE A 263 6.92 -57.68 -21.70
CA ILE A 263 6.04 -58.48 -20.86
C ILE A 263 4.98 -59.15 -21.74
N ARG A 264 4.76 -60.44 -21.53
CA ARG A 264 3.84 -61.19 -22.37
C ARG A 264 2.68 -61.78 -21.58
N TYR A 265 1.48 -61.56 -22.08
CA TYR A 265 0.27 -62.17 -21.52
C TYR A 265 -0.31 -63.19 -22.48
N ALA A 266 -0.58 -64.39 -21.97
CA ALA A 266 -1.17 -65.45 -22.78
C ALA A 266 -2.65 -65.60 -22.47
N ILE A 267 -3.49 -65.24 -23.44
CA ILE A 267 -4.93 -65.35 -23.26
C ILE A 267 -5.46 -66.56 -24.03
N GLY A 268 -6.02 -67.52 -23.30
CA GLY A 268 -6.42 -68.79 -23.87
C GLY A 268 -7.80 -68.79 -24.49
N VAL A 269 -7.89 -69.36 -25.70
CA VAL A 269 -9.15 -69.44 -26.42
C VAL A 269 -9.57 -70.88 -26.65
N GLY A 270 -10.82 -71.21 -26.35
CA GLY A 270 -11.35 -72.53 -26.62
C GLY A 270 -10.74 -73.64 -25.79
N LEU A 271 -10.26 -74.68 -26.48
CA LEU A 271 -9.70 -75.85 -25.82
C LEU A 271 -8.25 -75.66 -25.40
N ALA A 272 -7.79 -74.41 -25.39
CA ALA A 272 -6.39 -74.11 -25.09
C ALA A 272 -5.97 -74.59 -23.70
N PHE A 273 -6.90 -74.57 -22.75
CA PHE A 273 -6.56 -74.87 -21.36
C PHE A 273 -6.59 -76.36 -21.02
N GLN A 274 -7.52 -77.10 -21.62
CA GLN A 274 -7.72 -78.50 -21.25
C GLN A 274 -6.72 -79.44 -21.91
N ASN A 275 -6.33 -79.14 -23.15
CA ASN A 275 -5.33 -79.95 -23.85
C ASN A 275 -3.95 -79.76 -23.21
N ARG A 276 -3.26 -80.86 -22.95
CA ARG A 276 -1.96 -80.79 -22.29
C ARG A 276 -0.91 -80.12 -23.17
N ASN A 277 -1.03 -80.30 -24.48
CA ASN A 277 -0.11 -79.68 -25.43
C ASN A 277 -0.42 -78.20 -25.62
N SER A 278 -1.70 -77.90 -25.72
CA SER A 278 -2.14 -76.52 -25.93
C SER A 278 -1.92 -75.66 -24.69
N TRP A 279 -1.89 -76.30 -23.52
CA TRP A 279 -1.66 -75.59 -22.27
C TRP A 279 -0.19 -75.21 -22.10
N LYS A 280 0.70 -76.11 -22.53
CA LYS A 280 2.13 -75.82 -22.56
C LYS A 280 2.40 -74.64 -23.48
N GLU A 281 1.64 -74.59 -24.58
CA GLU A 281 1.74 -73.53 -25.56
C GLU A 281 1.48 -72.16 -24.94
N LEU A 282 0.59 -72.13 -23.96
CA LEU A 282 0.27 -70.90 -23.24
C LEU A 282 1.36 -70.54 -22.24
N ASN A 283 1.84 -71.54 -21.51
CA ASN A 283 2.90 -71.33 -20.53
C ASN A 283 4.19 -70.81 -21.14
N ASP A 284 4.52 -71.31 -22.33
CA ASP A 284 5.73 -70.90 -23.04
C ASP A 284 5.66 -69.44 -23.45
N ILE A 285 4.49 -69.01 -23.92
CA ILE A 285 4.30 -67.65 -24.40
C ILE A 285 4.35 -66.64 -23.26
N ALA A 286 3.59 -66.91 -22.19
CA ALA A 286 3.46 -65.98 -21.08
C ALA A 286 4.77 -65.77 -20.33
N SER A 287 4.95 -64.56 -19.81
CA SER A 287 6.11 -64.24 -18.99
C SER A 287 5.93 -64.81 -17.59
N LYS A 288 7.04 -65.00 -16.87
CA LYS A 288 6.98 -65.53 -15.52
C LYS A 288 6.80 -64.41 -14.51
N PRO A 289 6.02 -64.65 -13.43
CA PRO A 289 5.32 -65.89 -13.07
C PRO A 289 4.15 -66.21 -14.02
N SER A 290 4.06 -67.47 -14.41
CA SER A 290 3.10 -67.91 -15.42
C SER A 290 1.64 -67.76 -14.97
N GLN A 291 1.38 -68.07 -13.71
CA GLN A 291 0.03 -68.02 -13.15
C GLN A 291 -0.55 -66.61 -13.17
N GLU A 292 0.31 -65.61 -13.19
CA GLU A 292 -0.13 -64.22 -13.15
C GLU A 292 -0.21 -63.61 -14.55
N HIS A 293 0.27 -64.34 -15.54
CA HIS A 293 0.28 -63.83 -16.91
C HIS A 293 -0.61 -64.63 -17.86
N ILE A 294 -1.38 -65.58 -17.33
CA ILE A 294 -2.27 -66.38 -18.16
C ILE A 294 -3.72 -66.29 -17.70
N PHE A 295 -4.62 -65.99 -18.64
CA PHE A 295 -6.04 -65.88 -18.35
C PHE A 295 -6.89 -66.41 -19.50
N LYS A 296 -8.16 -66.69 -19.23
CA LYS A 296 -9.09 -67.10 -20.26
C LYS A 296 -9.44 -65.92 -21.16
N VAL A 297 -10.09 -66.21 -22.29
CA VAL A 297 -10.49 -65.15 -23.22
C VAL A 297 -11.74 -64.45 -22.70
N GLU A 298 -12.49 -65.14 -21.84
CA GLU A 298 -13.73 -64.59 -21.31
C GLU A 298 -13.50 -63.61 -20.16
N ASP A 299 -12.32 -63.66 -19.54
CA ASP A 299 -12.05 -62.80 -18.40
C ASP A 299 -11.54 -61.43 -18.86
N PHE A 300 -12.42 -60.42 -18.79
CA PHE A 300 -12.08 -59.07 -19.22
C PHE A 300 -11.44 -58.29 -18.08
N ASP A 301 -11.83 -58.62 -16.85
CA ASP A 301 -11.27 -57.99 -15.65
C ASP A 301 -9.81 -58.34 -15.45
N ALA A 302 -9.41 -59.48 -16.01
CA ALA A 302 -8.10 -60.08 -15.76
C ALA A 302 -6.93 -59.15 -16.02
N LEU A 303 -7.00 -58.41 -17.12
CA LEU A 303 -5.85 -57.64 -17.57
C LEU A 303 -5.64 -56.34 -16.81
N LYS A 304 -6.74 -55.70 -16.41
CA LYS A 304 -6.65 -54.41 -15.74
C LYS A 304 -6.26 -54.55 -14.27
N ASP A 305 -6.78 -55.59 -13.62
CA ASP A 305 -6.62 -55.77 -12.18
C ASP A 305 -5.17 -55.67 -11.73
N ILE A 306 -4.26 -56.11 -12.58
CA ILE A 306 -2.84 -55.99 -12.27
C ILE A 306 -2.34 -54.57 -12.48
N GLN A 307 -2.72 -53.94 -13.59
CA GLN A 307 -2.19 -52.60 -13.85
C GLN A 307 -3.24 -51.55 -14.24
N ASN A 308 -3.34 -50.54 -13.37
CA ASN A 308 -3.76 -49.18 -13.71
C ASN A 308 -2.62 -48.32 -13.18
N GLN A 309 -1.48 -48.38 -13.86
CA GLN A 309 -0.22 -48.04 -13.24
C GLN A 309 0.19 -46.57 -13.39
N LEU A 310 1.00 -46.11 -12.43
CA LEU A 310 1.45 -44.73 -12.41
C LEU A 310 2.97 -44.67 -12.41
N LYS A 311 3.50 -43.52 -12.77
CA LYS A 311 4.94 -43.28 -12.66
C LYS A 311 5.22 -42.65 -11.30
N GLU A 312 6.16 -43.21 -10.56
CA GLU A 312 6.47 -42.69 -9.23
C GLU A 312 7.43 -41.51 -9.32
N LYS A 313 6.93 -40.33 -8.97
CA LYS A 313 7.73 -39.11 -9.03
C LYS A 313 8.36 -38.79 -7.68
N ILE A 314 9.65 -38.48 -7.70
CA ILE A 314 10.37 -38.11 -6.48
C ILE A 314 10.62 -36.61 -6.46
N PHE A 315 9.98 -35.91 -5.53
CA PHE A 315 10.07 -34.46 -5.44
C PHE A 315 11.40 -33.99 -4.84
N ALA A 316 11.78 -32.77 -5.19
CA ALA A 316 12.95 -32.12 -4.63
C ALA A 316 12.57 -31.31 -3.39
N ILE A 317 12.43 -31.99 -2.26
CA ILE A 317 11.96 -31.34 -1.05
C ILE A 317 12.92 -30.28 -0.53
N GLU A 318 12.36 -29.30 0.17
CA GLU A 318 13.11 -28.20 0.79
C GLU A 318 14.06 -27.51 -0.18
N GLY A 319 13.64 -27.40 -1.44
CA GLY A 319 14.38 -26.65 -2.45
C GLY A 319 15.75 -27.20 -2.80
N THR A 320 15.98 -28.50 -2.55
CA THR A 320 17.27 -29.12 -2.82
C THR A 320 17.19 -30.13 -3.95
N GLU A 321 18.02 -29.93 -4.98
CA GLU A 321 18.00 -30.79 -6.16
C GLU A 321 18.84 -32.06 -6.00
N THR A 322 18.18 -33.21 -5.94
CA THR A 322 18.87 -34.47 -6.11
C THR A 322 19.05 -34.66 -7.61
N THR A 323 20.07 -35.42 -8.01
CA THR A 323 20.34 -35.63 -9.43
C THR A 323 19.22 -36.40 -10.11
N SER A 324 18.54 -37.25 -9.34
CA SER A 324 17.44 -38.05 -9.86
C SER A 324 16.12 -37.29 -9.73
N SER A 325 16.06 -36.40 -8.76
CA SER A 325 14.81 -35.75 -8.39
C SER A 325 14.23 -34.83 -9.46
N SER A 326 13.01 -34.39 -9.20
CA SER A 326 12.24 -33.59 -10.15
C SER A 326 11.64 -32.40 -9.43
N SER A 327 11.64 -31.24 -10.10
CA SER A 327 11.15 -30.01 -9.47
C SER A 327 9.62 -29.98 -9.42
N PHE A 328 9.09 -29.30 -8.41
CA PHE A 328 7.65 -29.06 -8.33
C PHE A 328 7.21 -28.22 -9.51
N GLU A 329 6.06 -28.58 -10.09
CA GLU A 329 5.53 -27.83 -11.22
C GLU A 329 4.12 -27.32 -10.92
N LEU A 330 3.13 -28.19 -11.09
CA LEU A 330 1.74 -27.81 -10.84
C LEU A 330 1.05 -28.75 -9.85
N GLU A 331 1.81 -29.66 -9.27
CA GLU A 331 1.26 -30.65 -8.35
C GLU A 331 0.70 -30.01 -7.08
N MET A 332 1.37 -28.96 -6.60
CA MET A 332 0.96 -28.31 -5.36
C MET A 332 0.34 -26.94 -5.64
N ALA A 333 -0.13 -26.77 -6.87
CA ALA A 333 -0.54 -25.46 -7.40
C ALA A 333 -1.58 -24.75 -6.55
N GLN A 334 -2.52 -25.50 -5.99
CA GLN A 334 -3.63 -24.94 -5.23
C GLN A 334 -4.40 -23.90 -6.03
N GLU A 335 -4.85 -24.26 -7.22
CA GLU A 335 -5.59 -23.32 -8.07
C GLU A 335 -6.87 -22.89 -7.39
N GLY A 336 -7.16 -21.60 -7.45
CA GLY A 336 -8.37 -21.06 -6.86
C GLY A 336 -8.17 -20.66 -5.41
N PHE A 337 -6.92 -20.40 -5.04
CA PHE A 337 -6.61 -19.89 -3.71
C PHE A 337 -7.19 -18.49 -3.59
N SER A 338 -7.13 -17.75 -4.69
CA SER A 338 -7.80 -16.47 -4.81
C SER A 338 -8.46 -16.41 -6.17
N ALA A 339 -9.51 -15.59 -6.30
CA ALA A 339 -10.24 -15.53 -7.56
C ALA A 339 -10.76 -14.12 -7.83
N VAL A 340 -10.81 -13.75 -9.10
CA VAL A 340 -11.39 -12.48 -9.51
C VAL A 340 -11.95 -12.60 -10.93
N PHE A 341 -12.99 -11.83 -11.21
CA PHE A 341 -13.60 -11.85 -12.53
C PHE A 341 -12.99 -10.78 -13.44
N THR A 342 -12.61 -11.19 -14.65
CA THR A 342 -12.11 -10.27 -15.66
C THR A 342 -13.03 -10.34 -16.88
N PRO A 343 -13.02 -9.29 -17.72
CA PRO A 343 -13.83 -9.29 -18.94
C PRO A 343 -13.55 -10.50 -19.85
N ASP A 344 -12.30 -10.92 -19.93
CA ASP A 344 -11.91 -12.02 -20.80
C ASP A 344 -12.14 -13.38 -20.13
N GLY A 345 -12.61 -13.36 -18.90
CA GLY A 345 -12.91 -14.61 -18.19
C GLY A 345 -12.45 -14.59 -16.74
N PRO A 346 -12.79 -15.64 -15.99
CA PRO A 346 -12.38 -15.76 -14.59
C PRO A 346 -10.86 -15.96 -14.45
N VAL A 347 -10.31 -15.55 -13.31
CA VAL A 347 -8.89 -15.77 -13.03
C VAL A 347 -8.70 -16.41 -11.66
N LEU A 348 -8.16 -17.62 -11.66
CA LEU A 348 -7.87 -18.33 -10.41
C LEU A 348 -6.38 -18.25 -10.08
N GLY A 349 -6.07 -17.74 -8.90
CA GLY A 349 -4.69 -17.65 -8.45
C GLY A 349 -4.21 -18.97 -7.88
N ALA A 350 -3.05 -19.42 -8.34
CA ALA A 350 -2.47 -20.68 -7.87
C ALA A 350 -1.14 -20.42 -7.16
N VAL A 351 -1.16 -20.55 -5.83
CA VAL A 351 -0.04 -20.17 -5.00
C VAL A 351 1.16 -21.13 -5.09
N GLY A 352 0.90 -22.42 -4.91
CA GLY A 352 1.97 -23.40 -4.86
C GLY A 352 2.62 -23.73 -6.18
N SER A 353 2.24 -23.02 -7.23
CA SER A 353 2.75 -23.29 -8.58
C SER A 353 4.26 -23.13 -8.68
N PHE A 354 4.91 -24.15 -9.22
CA PHE A 354 6.35 -24.16 -9.47
C PHE A 354 7.18 -23.78 -8.24
N THR A 355 7.24 -24.69 -7.27
CA THR A 355 7.91 -24.46 -6.00
C THR A 355 7.44 -23.19 -5.32
N TRP A 356 6.12 -23.00 -5.32
CA TRP A 356 5.47 -21.87 -4.66
C TRP A 356 5.92 -20.52 -5.19
N SER A 357 6.29 -20.48 -6.46
CA SER A 357 6.62 -19.22 -7.12
C SER A 357 5.34 -18.51 -7.53
N GLY A 358 4.22 -19.23 -7.42
CA GLY A 358 2.91 -18.64 -7.61
C GLY A 358 2.53 -18.36 -9.04
N GLY A 359 1.38 -17.70 -9.20
CA GLY A 359 0.87 -17.36 -10.52
C GLY A 359 -0.65 -17.36 -10.56
N ALA A 360 -1.20 -17.32 -11.77
CA ALA A 360 -2.64 -17.28 -11.94
C ALA A 360 -3.08 -17.85 -13.29
N PHE A 361 -4.22 -18.52 -13.29
CA PHE A 361 -4.78 -19.08 -14.52
C PHE A 361 -5.96 -18.27 -15.03
N LEU A 362 -5.87 -17.79 -16.26
CA LEU A 362 -7.00 -17.16 -16.93
C LEU A 362 -7.82 -18.24 -17.63
N TYR A 363 -9.14 -18.25 -17.41
CA TYR A 363 -10.00 -19.27 -17.99
C TYR A 363 -11.04 -18.70 -18.96
N PRO A 364 -10.62 -18.35 -20.18
CA PRO A 364 -11.62 -17.92 -21.16
C PRO A 364 -12.53 -19.08 -21.55
N PRO A 365 -13.78 -18.79 -21.93
CA PRO A 365 -14.76 -19.83 -22.25
C PRO A 365 -14.37 -20.66 -23.48
N ASN A 366 -14.45 -21.99 -23.33
CA ASN A 366 -14.20 -22.92 -24.42
C ASN A 366 -12.83 -22.75 -25.07
N MET A 367 -11.82 -22.42 -24.26
CA MET A 367 -10.46 -22.28 -24.76
C MET A 367 -9.44 -22.81 -23.76
N ASP A 368 -8.20 -22.97 -24.21
CA ASP A 368 -7.10 -23.38 -23.34
C ASP A 368 -6.77 -22.28 -22.34
N PRO A 369 -6.89 -22.58 -21.04
CA PRO A 369 -6.55 -21.60 -20.01
C PRO A 369 -5.08 -21.21 -20.05
N THR A 370 -4.81 -19.91 -20.02
CA THR A 370 -3.44 -19.43 -20.06
C THR A 370 -2.92 -19.14 -18.65
N PHE A 371 -1.72 -19.62 -18.35
CA PHE A 371 -1.11 -19.43 -17.04
C PHE A 371 -0.31 -18.14 -16.98
N ILE A 372 -0.51 -17.38 -15.91
CA ILE A 372 0.15 -16.09 -15.75
C ILE A 372 1.03 -16.08 -14.50
N ASN A 373 2.33 -15.84 -14.70
CA ASN A 373 3.28 -15.82 -13.60
C ASN A 373 4.55 -15.08 -14.00
N MET A 374 5.47 -14.95 -13.04
CA MET A 374 6.79 -14.40 -13.32
C MET A 374 7.56 -15.35 -14.25
N SER A 375 8.49 -14.79 -15.02
CA SER A 375 9.29 -15.58 -15.95
C SER A 375 10.11 -16.64 -15.23
N GLN A 376 10.46 -17.70 -15.95
CA GLN A 376 11.25 -18.80 -15.41
C GLN A 376 12.58 -18.33 -14.83
N GLU A 377 13.13 -17.27 -15.42
CA GLU A 377 14.43 -16.74 -15.05
C GLU A 377 14.48 -16.21 -13.62
N ASN A 378 13.33 -15.77 -13.10
CA ASN A 378 13.27 -15.16 -11.76
C ASN A 378 13.13 -16.19 -10.65
N VAL A 379 14.24 -16.55 -10.02
CA VAL A 379 14.24 -17.60 -9.01
C VAL A 379 13.91 -17.06 -7.62
N ASP A 380 14.06 -15.76 -7.44
CA ASP A 380 13.71 -15.13 -6.16
C ASP A 380 12.21 -15.21 -5.89
N MET A 381 11.44 -15.55 -6.92
CA MET A 381 10.00 -15.66 -6.79
C MET A 381 9.57 -16.93 -6.07
N ARG A 382 10.49 -17.87 -5.91
CA ARG A 382 10.19 -19.11 -5.21
C ARG A 382 9.85 -18.83 -3.75
N ASP A 383 8.78 -19.48 -3.29
CA ASP A 383 8.25 -19.29 -1.94
C ASP A 383 7.84 -17.83 -1.67
N SER A 384 7.33 -17.17 -2.70
CA SER A 384 6.85 -15.79 -2.56
C SER A 384 5.34 -15.76 -2.42
N TYR A 385 4.71 -16.88 -2.77
CA TYR A 385 3.26 -17.03 -2.74
C TYR A 385 2.57 -16.02 -3.66
N LEU A 386 3.00 -15.97 -4.90
CA LEU A 386 2.36 -15.10 -5.89
C LEU A 386 0.94 -15.60 -6.16
N GLY A 387 -0.01 -14.68 -6.26
CA GLY A 387 -1.39 -15.05 -6.50
C GLY A 387 -2.11 -15.40 -5.21
N TYR A 388 -1.48 -15.09 -4.08
CA TYR A 388 -2.12 -15.22 -2.77
C TYR A 388 -3.38 -14.36 -2.79
N SER A 389 -3.30 -13.23 -3.46
CA SER A 389 -4.44 -12.36 -3.70
C SER A 389 -4.47 -11.97 -5.18
N THR A 390 -5.68 -11.87 -5.72
CA THR A 390 -5.83 -11.52 -7.13
C THR A 390 -6.83 -10.37 -7.29
N GLU A 391 -6.50 -9.41 -8.16
CA GLU A 391 -7.37 -8.27 -8.39
C GLU A 391 -7.22 -7.71 -9.80
N LEU A 392 -8.34 -7.25 -10.36
CA LEU A 392 -8.37 -6.71 -11.72
C LEU A 392 -8.17 -5.20 -11.72
N ALA A 393 -7.46 -4.69 -12.73
CA ALA A 393 -7.25 -3.28 -12.88
C ALA A 393 -7.45 -2.88 -14.34
N LEU A 394 -7.97 -1.68 -14.56
CA LEU A 394 -8.35 -1.23 -15.90
C LEU A 394 -7.93 0.22 -16.15
N TRP A 395 -7.17 0.43 -17.22
CA TRP A 395 -6.93 1.78 -17.70
CA TRP A 395 -6.93 1.78 -17.71
C TRP A 395 -7.49 1.90 -19.11
N LYS A 396 -8.63 2.57 -19.23
CA LYS A 396 -9.36 2.70 -20.50
C LYS A 396 -9.68 1.31 -21.03
N GLY A 397 -9.17 1.00 -22.22
CA GLY A 397 -9.40 -0.30 -22.81
C GLY A 397 -8.67 -1.45 -22.11
N VAL A 398 -7.40 -1.21 -21.79
CA VAL A 398 -6.52 -2.26 -21.28
C VAL A 398 -6.95 -2.87 -19.95
N GLN A 399 -7.01 -4.21 -19.90
CA GLN A 399 -7.25 -4.89 -18.64
C GLN A 399 -5.94 -5.46 -18.09
N SER A 400 -5.65 -5.16 -16.84
CA SER A 400 -4.42 -5.61 -16.21
C SER A 400 -4.74 -6.50 -15.01
N LEU A 401 -3.75 -7.30 -14.60
CA LEU A 401 -3.94 -8.26 -13.52
C LEU A 401 -2.89 -8.11 -12.44
N VAL A 402 -3.35 -7.76 -11.24
CA VAL A 402 -2.45 -7.56 -10.11
C VAL A 402 -2.44 -8.78 -9.22
N LEU A 403 -1.25 -9.30 -8.95
CA LEU A 403 -1.10 -10.50 -8.12
C LEU A 403 -0.24 -10.21 -6.89
N GLY A 404 -0.69 -10.70 -5.74
CA GLY A 404 0.01 -10.47 -4.49
C GLY A 404 0.98 -11.59 -4.16
N ALA A 405 2.16 -11.21 -3.67
CA ALA A 405 3.18 -12.17 -3.28
C ALA A 405 3.75 -11.81 -1.90
N PRO A 406 2.97 -12.10 -0.84
CA PRO A 406 3.24 -11.65 0.52
C PRO A 406 4.49 -12.24 1.17
N ARG A 407 5.08 -13.26 0.55
CA ARG A 407 6.25 -13.92 1.13
C ARG A 407 7.55 -13.59 0.39
N TYR A 408 7.45 -12.79 -0.66
CA TYR A 408 8.61 -12.45 -1.49
C TYR A 408 9.77 -11.90 -0.65
N GLN A 409 10.85 -12.69 -0.58
CA GLN A 409 12.04 -12.35 0.20
C GLN A 409 11.69 -12.04 1.65
N HIS A 410 10.66 -12.73 2.15
CA HIS A 410 10.11 -12.53 3.49
C HIS A 410 9.53 -11.12 3.69
N THR A 411 9.55 -10.30 2.65
CA THR A 411 9.06 -8.93 2.71
C THR A 411 7.68 -8.81 2.06
N GLY A 412 7.57 -9.34 0.85
CA GLY A 412 6.30 -9.33 0.13
C GLY A 412 6.25 -8.26 -0.94
N LYS A 413 5.58 -8.54 -2.05
CA LYS A 413 5.42 -7.57 -3.12
C LYS A 413 4.20 -7.86 -4.00
N ALA A 414 3.79 -6.85 -4.76
CA ALA A 414 2.68 -6.99 -5.70
C ALA A 414 3.17 -6.74 -7.12
N VAL A 415 2.60 -7.47 -8.08
CA VAL A 415 3.04 -7.39 -9.47
C VAL A 415 1.87 -7.20 -10.44
N ILE A 416 2.01 -6.28 -11.38
CA ILE A 416 0.99 -6.02 -12.39
C ILE A 416 1.34 -6.68 -13.73
N PHE A 417 0.43 -7.51 -14.22
CA PHE A 417 0.60 -8.16 -15.52
C PHE A 417 -0.40 -7.63 -16.54
N THR A 418 0.08 -7.36 -17.75
CA THR A 418 -0.81 -7.00 -18.86
C THR A 418 -0.47 -7.85 -20.08
N GLN A 419 -1.43 -7.97 -21.00
CA GLN A 419 -1.20 -8.72 -22.23
C GLN A 419 -0.44 -7.91 -23.26
N VAL A 420 0.71 -8.42 -23.67
CA VAL A 420 1.50 -7.80 -24.73
C VAL A 420 1.72 -8.80 -25.86
N SER A 421 1.05 -8.59 -26.98
CA SER A 421 1.14 -9.46 -28.15
C SER A 421 0.77 -10.91 -27.81
N ARG A 422 -0.49 -11.14 -27.47
CA ARG A 422 -1.05 -12.48 -27.25
C ARG A 422 -0.43 -13.24 -26.10
N GLN A 423 0.42 -12.57 -25.31
CA GLN A 423 1.05 -13.23 -24.17
C GLN A 423 1.24 -12.25 -23.01
N TRP A 424 1.00 -12.74 -21.80
CA TRP A 424 1.05 -11.90 -20.61
C TRP A 424 2.47 -11.52 -20.24
N ARG A 425 2.64 -10.31 -19.71
CA ARG A 425 3.97 -9.79 -19.39
C ARG A 425 3.92 -8.82 -18.23
N MET A 426 4.91 -8.90 -17.36
CA MET A 426 4.97 -8.03 -16.20
C MET A 426 5.27 -6.60 -16.60
N LYS A 427 4.45 -5.67 -16.13
CA LYS A 427 4.65 -4.27 -16.45
C LYS A 427 5.25 -3.51 -15.28
N ALA A 428 4.86 -3.90 -14.06
CA ALA A 428 5.31 -3.17 -12.88
C ALA A 428 5.30 -4.02 -11.61
N GLU A 429 6.12 -3.60 -10.64
CA GLU A 429 6.16 -4.21 -9.33
C GLU A 429 6.16 -3.13 -8.25
N VAL A 430 5.85 -3.52 -7.03
CA VAL A 430 6.08 -2.66 -5.87
C VAL A 430 6.33 -3.55 -4.66
N THR A 431 7.43 -3.29 -3.96
CA THR A 431 7.85 -4.16 -2.86
C THR A 431 7.56 -3.51 -1.52
N GLY A 432 7.20 -4.33 -0.53
CA GLY A 432 7.04 -3.86 0.83
C GLY A 432 8.38 -3.58 1.47
N THR A 433 8.38 -3.17 2.73
CA THR A 433 9.62 -2.80 3.40
C THR A 433 9.92 -3.72 4.58
N GLN A 434 9.05 -3.72 5.58
CA GLN A 434 9.27 -4.51 6.79
C GLN A 434 9.17 -6.00 6.50
N ILE A 435 10.06 -6.77 7.09
CA ILE A 435 10.06 -8.22 6.95
C ILE A 435 8.88 -8.82 7.73
N GLY A 436 8.18 -9.76 7.11
CA GLY A 436 7.04 -10.41 7.74
C GLY A 436 5.82 -9.51 7.87
N SER A 437 5.75 -8.47 7.04
CA SER A 437 4.62 -7.55 7.07
C SER A 437 3.49 -8.06 6.18
N TYR A 438 3.80 -9.05 5.36
CA TYR A 438 2.85 -9.66 4.44
C TYR A 438 2.27 -8.65 3.46
N PHE A 439 3.14 -7.79 2.93
CA PHE A 439 2.76 -6.82 1.91
C PHE A 439 2.30 -7.53 0.64
N GLY A 440 1.04 -7.33 0.27
CA GLY A 440 0.49 -7.97 -0.90
C GLY A 440 -0.49 -9.08 -0.54
N ALA A 441 -0.87 -9.11 0.73
CA ALA A 441 -1.82 -10.10 1.22
C ALA A 441 -3.22 -9.83 0.68
N SER A 442 -3.60 -8.56 0.64
CA SER A 442 -4.89 -8.17 0.10
C SER A 442 -4.75 -7.08 -0.95
N LEU A 443 -5.45 -7.25 -2.07
CA LEU A 443 -5.41 -6.27 -3.15
C LEU A 443 -6.80 -5.71 -3.40
N CYS A 444 -6.87 -4.40 -3.66
CA CYS A 444 -8.15 -3.76 -3.93
C CYS A 444 -8.01 -2.62 -4.92
N SER A 445 -8.57 -2.80 -6.11
CA SER A 445 -8.58 -1.74 -7.11
C SER A 445 -9.67 -0.73 -6.78
N VAL A 446 -9.31 0.55 -6.87
CA VAL A 446 -10.25 1.62 -6.56
C VAL A 446 -10.37 2.60 -7.72
N ASP A 447 -11.59 2.76 -8.23
CA ASP A 447 -11.87 3.77 -9.24
C ASP A 447 -12.55 4.96 -8.56
N VAL A 448 -11.80 6.04 -8.39
CA VAL A 448 -12.26 7.16 -7.57
C VAL A 448 -13.26 8.06 -8.29
N ASP A 449 -12.97 8.41 -9.55
CA ASP A 449 -13.82 9.36 -10.27
C ASP A 449 -14.87 8.67 -11.14
N SER A 450 -14.90 7.34 -11.09
CA SER A 450 -15.91 6.55 -11.80
C SER A 450 -15.95 6.83 -13.30
N ASP A 451 -14.78 6.80 -13.93
CA ASP A 451 -14.70 6.97 -15.38
C ASP A 451 -14.47 5.62 -16.05
N GLY A 452 -14.44 4.57 -15.23
CA GLY A 452 -14.27 3.22 -15.74
C GLY A 452 -12.82 2.78 -15.77
N SER A 453 -11.92 3.71 -15.45
CA SER A 453 -10.50 3.40 -15.43
C SER A 453 -9.97 3.40 -13.99
N THR A 454 -9.28 2.33 -13.62
CA THR A 454 -8.72 2.18 -12.28
C THR A 454 -7.62 3.20 -12.03
N ASP A 455 -7.72 3.88 -10.88
CA ASP A 455 -6.77 4.94 -10.53
C ASP A 455 -5.83 4.51 -9.43
N LEU A 456 -6.30 3.62 -8.57
CA LEU A 456 -5.69 3.45 -7.26
C LEU A 456 -5.80 2.01 -6.76
N VAL A 457 -4.66 1.36 -6.58
CA VAL A 457 -4.64 0.02 -6.02
C VAL A 457 -4.23 0.06 -4.55
N LEU A 458 -5.11 -0.45 -3.70
CA LEU A 458 -4.82 -0.57 -2.27
C LEU A 458 -4.13 -1.91 -2.01
N ILE A 459 -3.01 -1.87 -1.31
CA ILE A 459 -2.26 -3.09 -1.02
C ILE A 459 -2.11 -3.29 0.49
N GLY A 460 -2.56 -4.46 0.96
CA GLY A 460 -2.57 -4.74 2.38
C GLY A 460 -1.29 -5.37 2.90
N ALA A 461 -0.89 -4.94 4.09
CA ALA A 461 0.21 -5.54 4.82
C ALA A 461 -0.22 -5.78 6.26
N PRO A 462 -1.07 -6.80 6.48
CA PRO A 462 -1.78 -7.05 7.73
C PRO A 462 -0.88 -7.21 8.94
N HIS A 463 0.32 -7.76 8.74
CA HIS A 463 1.20 -8.07 9.86
C HIS A 463 2.35 -7.08 10.01
N TYR A 464 2.22 -5.92 9.37
CA TYR A 464 3.16 -4.83 9.56
C TYR A 464 3.15 -4.45 11.04
N TYR A 465 4.33 -4.36 11.63
CA TYR A 465 4.42 -4.24 13.09
C TYR A 465 5.13 -2.97 13.56
N GLU A 466 4.44 -2.21 14.40
CA GLU A 466 5.05 -1.13 15.16
C GLU A 466 4.72 -1.35 16.62
N GLN A 467 5.47 -0.72 17.51
CA GLN A 467 5.34 -0.97 18.96
C GLN A 467 3.92 -0.74 19.47
N THR A 468 3.23 0.27 18.92
CA THR A 468 1.94 0.67 19.46
C THR A 468 0.77 0.36 18.53
N ARG A 469 1.05 -0.09 17.30
CA ARG A 469 -0.01 -0.43 16.36
C ARG A 469 0.47 -1.44 15.32
N GLY A 470 -0.48 -2.14 14.70
CA GLY A 470 -0.16 -3.14 13.71
C GLY A 470 -1.08 -3.09 12.50
N GLY A 471 -0.58 -3.54 11.36
CA GLY A 471 -1.33 -3.51 10.12
C GLY A 471 -1.06 -2.25 9.34
N GLN A 472 -1.21 -2.33 8.01
CA GLN A 472 -0.91 -1.20 7.14
C GLN A 472 -1.53 -1.37 5.76
N VAL A 473 -2.01 -0.28 5.18
CA VAL A 473 -2.53 -0.28 3.81
C VAL A 473 -1.80 0.76 2.97
N SER A 474 -1.11 0.30 1.93
CA SER A 474 -0.39 1.19 1.04
C SER A 474 -1.24 1.63 -0.15
N VAL A 475 -1.40 2.94 -0.30
CA VAL A 475 -2.15 3.51 -1.42
C VAL A 475 -1.26 3.66 -2.64
N CYS A 476 -1.44 2.78 -3.62
CA CYS A 476 -0.57 2.77 -4.79
C CYS A 476 -1.31 3.10 -6.08
N PRO A 477 -1.16 4.34 -6.56
CA PRO A 477 -1.74 4.75 -7.84
C PRO A 477 -1.14 3.97 -9.00
N LEU A 478 -1.96 3.62 -9.99
CA LEU A 478 -1.50 2.82 -11.12
C LEU A 478 -0.32 3.48 -11.84
N PRO A 479 0.71 2.70 -12.15
CA PRO A 479 1.88 3.18 -12.90
C PRO A 479 1.53 3.49 -14.35
N ARG A 480 0.61 4.42 -14.54
CA ARG A 480 0.24 4.88 -15.87
C ARG A 480 1.44 5.54 -16.52
N GLY A 481 1.48 5.53 -17.85
CA GLY A 481 2.66 5.99 -18.56
C GLY A 481 3.74 4.94 -18.39
N TRP A 482 4.98 5.37 -18.22
CA TRP A 482 6.07 4.43 -18.07
C TRP A 482 6.82 4.63 -16.76
N ARG A 483 6.25 5.47 -15.90
CA ARG A 483 6.80 5.67 -14.56
C ARG A 483 6.80 4.36 -13.78
N ARG A 484 7.76 4.21 -12.87
CA ARG A 484 7.82 3.04 -12.02
C ARG A 484 6.74 3.12 -10.95
N TRP A 485 6.09 1.99 -10.69
CA TRP A 485 5.02 1.89 -9.71
C TRP A 485 5.54 2.12 -8.29
N TRP A 486 5.00 3.13 -7.61
CA TRP A 486 5.39 3.37 -6.22
C TRP A 486 4.18 3.79 -5.38
N CYS A 487 4.26 3.56 -4.08
CA CYS A 487 3.14 3.83 -3.17
C CYS A 487 3.12 5.28 -2.71
N ASP A 488 2.03 5.96 -3.04
CA ASP A 488 1.88 7.39 -2.81
C ASP A 488 1.75 7.74 -1.32
N ALA A 489 0.97 6.95 -0.60
CA ALA A 489 0.73 7.19 0.81
C ALA A 489 0.36 5.90 1.53
N VAL A 490 0.21 5.97 2.84
CA VAL A 490 -0.13 4.78 3.63
C VAL A 490 -1.21 5.07 4.67
N LEU A 491 -2.08 4.09 4.89
CA LEU A 491 -3.19 4.24 5.82
C LEU A 491 -3.01 3.32 7.03
N TYR A 492 -3.29 3.87 8.21
CA TYR A 492 -3.23 3.08 9.44
C TYR A 492 -4.56 3.13 10.18
N GLY A 493 -4.81 2.15 11.04
CA GLY A 493 -5.96 2.18 11.92
C GLY A 493 -5.60 2.93 13.18
N GLU A 494 -6.52 2.95 14.15
CA GLU A 494 -6.21 3.59 15.43
C GLU A 494 -5.17 2.75 16.17
N GLN A 495 -4.44 3.38 17.08
CA GLN A 495 -3.36 2.69 17.79
C GLN A 495 -3.87 1.97 19.02
N GLY A 496 -2.96 1.24 19.67
CA GLY A 496 -3.32 0.44 20.83
C GLY A 496 -3.55 -1.00 20.44
N HIS A 497 -3.36 -1.29 19.15
CA HIS A 497 -3.57 -2.64 18.64
C HIS A 497 -2.36 -3.11 17.83
N PRO A 498 -1.31 -3.55 18.53
CA PRO A 498 -0.02 -3.94 17.92
C PRO A 498 -0.16 -5.09 16.95
N TRP A 499 -1.20 -5.91 17.13
CA TRP A 499 -1.42 -7.07 16.27
C TRP A 499 -2.83 -7.02 15.71
N GLY A 500 -3.35 -5.81 15.56
CA GLY A 500 -4.72 -5.60 15.12
C GLY A 500 -5.03 -6.04 13.70
N ARG A 501 -4.00 -6.32 12.92
CA ARG A 501 -4.15 -6.83 11.56
C ARG A 501 -4.92 -5.89 10.63
N PHE A 502 -4.65 -4.59 10.75
CA PHE A 502 -5.27 -3.61 9.86
C PHE A 502 -4.87 -3.86 8.40
N GLY A 503 -5.86 -4.12 7.55
CA GLY A 503 -5.60 -4.32 6.14
C GLY A 503 -5.79 -5.75 5.69
N ALA A 504 -6.33 -6.57 6.58
CA ALA A 504 -6.58 -7.97 6.26
C ALA A 504 -7.62 -8.09 5.15
N ALA A 505 -8.63 -7.22 5.18
CA ALA A 505 -9.70 -7.24 4.20
C ALA A 505 -9.92 -5.85 3.59
N LEU A 506 -10.16 -5.82 2.29
CA LEU A 506 -10.35 -4.57 1.57
C LEU A 506 -11.54 -4.68 0.61
N THR A 507 -12.37 -3.65 0.58
CA THR A 507 -13.49 -3.61 -0.36
C THR A 507 -13.86 -2.18 -0.73
N VAL A 508 -14.50 -2.03 -1.89
CA VAL A 508 -14.98 -0.73 -2.34
C VAL A 508 -16.46 -0.60 -2.05
N LEU A 509 -16.81 0.39 -1.22
CA LEU A 509 -18.19 0.60 -0.82
C LEU A 509 -18.91 1.55 -1.77
N GLY A 510 -18.13 2.32 -2.52
CA GLY A 510 -18.68 3.32 -3.41
C GLY A 510 -18.82 4.65 -2.71
N ASP A 511 -19.28 5.67 -3.45
CA ASP A 511 -19.45 7.00 -2.89
C ASP A 511 -20.63 7.06 -1.94
N VAL A 512 -20.36 7.22 -0.65
CA VAL A 512 -21.42 7.19 0.36
C VAL A 512 -21.71 8.57 0.98
N ASN A 513 -20.81 9.53 0.75
CA ASN A 513 -21.02 10.87 1.29
C ASN A 513 -21.41 11.85 0.18
N GLY A 514 -21.55 11.33 -1.03
CA GLY A 514 -22.04 12.10 -2.15
C GLY A 514 -21.07 13.10 -2.75
N ASP A 515 -19.78 12.93 -2.51
CA ASP A 515 -18.79 13.84 -3.07
C ASP A 515 -18.35 13.43 -4.47
N LYS A 516 -19.07 12.47 -5.05
CA LYS A 516 -18.76 11.91 -6.36
C LYS A 516 -17.35 11.33 -6.40
N LEU A 517 -16.87 10.89 -5.23
CA LEU A 517 -15.57 10.25 -5.12
C LEU A 517 -15.70 8.95 -4.32
N THR A 518 -15.13 7.87 -4.86
CA THR A 518 -15.30 6.54 -4.29
C THR A 518 -14.73 6.41 -2.88
N ASP A 519 -15.51 5.80 -1.99
CA ASP A 519 -15.06 5.54 -0.62
C ASP A 519 -14.82 4.06 -0.42
N VAL A 520 -13.86 3.73 0.45
CA VAL A 520 -13.43 2.35 0.65
C VAL A 520 -13.55 1.91 2.10
N VAL A 521 -13.57 0.60 2.32
CA VAL A 521 -13.72 0.06 3.66
C VAL A 521 -12.63 -0.96 3.95
N ILE A 522 -11.92 -0.78 5.05
CA ILE A 522 -10.80 -1.63 5.42
C ILE A 522 -11.02 -2.32 6.77
N GLY A 523 -10.71 -3.61 6.83
CA GLY A 523 -10.93 -4.40 8.03
C GLY A 523 -9.71 -4.61 8.89
N ALA A 524 -9.93 -4.78 10.19
CA ALA A 524 -8.85 -5.02 11.15
C ALA A 524 -9.31 -6.01 12.21
N PRO A 525 -9.34 -7.30 11.85
CA PRO A 525 -9.93 -8.37 12.67
C PRO A 525 -9.21 -8.66 13.99
N GLY A 526 -8.04 -8.05 14.21
CA GLY A 526 -7.26 -8.35 15.40
C GLY A 526 -7.42 -7.37 16.54
N GLU A 527 -8.05 -6.23 16.27
CA GLU A 527 -8.14 -5.14 17.24
C GLU A 527 -8.84 -5.55 18.54
N GLU A 528 -8.48 -4.85 19.62
CA GLU A 528 -8.79 -5.21 21.01
C GLU A 528 -8.98 -6.71 21.22
N GLU A 529 -7.86 -7.43 21.20
CA GLU A 529 -7.81 -8.85 21.50
C GLU A 529 -8.73 -9.67 20.60
N ASN A 530 -8.55 -9.49 19.29
CA ASN A 530 -9.23 -10.28 18.26
C ASN A 530 -10.75 -10.19 18.28
N ARG A 531 -11.29 -9.04 18.67
CA ARG A 531 -12.71 -8.80 18.51
C ARG A 531 -12.96 -8.27 17.10
N GLY A 532 -12.11 -7.35 16.67
CA GLY A 532 -12.15 -6.87 15.31
C GLY A 532 -12.68 -5.45 15.16
N ALA A 533 -12.46 -4.86 13.99
CA ALA A 533 -12.94 -3.52 13.71
C ALA A 533 -12.99 -3.27 12.21
N VAL A 534 -13.75 -2.25 11.81
CA VAL A 534 -13.88 -1.90 10.41
C VAL A 534 -13.82 -0.38 10.23
N TYR A 535 -13.00 0.06 9.27
CA TYR A 535 -12.80 1.48 9.02
C TYR A 535 -13.41 1.92 7.69
N LEU A 536 -13.81 3.19 7.64
CA LEU A 536 -14.35 3.78 6.40
C LEU A 536 -13.52 4.99 5.98
N PHE A 537 -12.90 4.90 4.82
CA PHE A 537 -12.05 5.96 4.30
C PHE A 537 -12.66 6.63 3.08
N HIS A 538 -12.80 7.96 3.14
CA HIS A 538 -13.37 8.72 2.04
C HIS A 538 -12.35 8.93 0.91
N GLY A 539 -12.85 9.05 -0.31
CA GLY A 539 -12.01 9.32 -1.46
C GLY A 539 -11.58 10.77 -1.51
N VAL A 540 -10.52 11.05 -2.25
CA VAL A 540 -9.95 12.40 -2.31
C VAL A 540 -9.56 12.76 -3.74
N LEU A 541 -9.78 14.02 -4.12
CA LEU A 541 -9.43 14.51 -5.46
C LEU A 541 -7.98 14.25 -5.84
N GLY A 542 -7.70 14.26 -7.14
CA GLY A 542 -6.40 13.90 -7.66
C GLY A 542 -6.03 12.50 -7.20
N PRO A 543 -6.95 11.56 -7.46
CA PRO A 543 -7.18 10.26 -6.82
C PRO A 543 -6.16 9.82 -5.78
N SER A 544 -6.57 9.92 -4.52
CA SER A 544 -5.89 9.35 -3.36
C SER A 544 -6.95 9.05 -2.33
N ILE A 545 -6.59 8.32 -1.28
CA ILE A 545 -7.52 8.00 -0.20
C ILE A 545 -7.20 8.87 1.01
N SER A 546 -8.24 9.32 1.71
CA SER A 546 -8.08 10.16 2.89
C SER A 546 -7.22 9.49 3.95
N PRO A 547 -6.22 10.22 4.47
CA PRO A 547 -5.27 9.72 5.48
C PRO A 547 -5.93 9.24 6.76
N SER A 548 -7.05 9.87 7.14
CA SER A 548 -7.75 9.52 8.35
C SER A 548 -9.12 8.91 8.05
N HIS A 549 -9.56 7.99 8.90
CA HIS A 549 -10.83 7.30 8.68
C HIS A 549 -12.02 8.22 8.97
N SER A 550 -13.11 8.01 8.25
CA SER A 550 -14.33 8.77 8.48
C SER A 550 -15.13 8.15 9.63
N GLN A 551 -15.12 6.83 9.70
CA GLN A 551 -15.85 6.11 10.75
C GLN A 551 -15.20 4.78 11.08
N ARG A 552 -15.11 4.47 12.37
CA ARG A 552 -14.58 3.19 12.82
C ARG A 552 -15.64 2.43 13.60
N ILE A 553 -15.87 1.17 13.21
CA ILE A 553 -16.84 0.33 13.91
C ILE A 553 -16.16 -0.89 14.52
N ALA A 554 -16.09 -0.92 15.84
CA ALA A 554 -15.46 -2.04 16.55
C ALA A 554 -16.44 -3.19 16.72
N GLY A 555 -15.91 -4.39 16.90
CA GLY A 555 -16.73 -5.56 17.14
C GLY A 555 -17.45 -5.43 18.47
N SER A 556 -16.73 -4.91 19.47
CA SER A 556 -17.30 -4.70 20.80
C SER A 556 -18.41 -3.67 20.76
N GLN A 557 -18.31 -2.73 19.81
CA GLN A 557 -19.29 -1.67 19.66
C GLN A 557 -20.66 -2.22 19.28
N LEU A 558 -20.66 -3.26 18.46
CA LEU A 558 -21.90 -3.85 17.97
C LEU A 558 -22.42 -4.95 18.88
N SER A 559 -21.52 -5.80 19.36
CA SER A 559 -21.93 -6.95 20.15
C SER A 559 -20.79 -7.62 20.92
N SER A 560 -21.14 -8.27 22.01
CA SER A 560 -20.25 -9.22 22.65
C SER A 560 -20.26 -10.49 21.80
N ARG A 561 -19.43 -11.46 22.16
CA ARG A 561 -19.32 -12.71 21.41
C ARG A 561 -18.81 -12.51 19.98
N LEU A 562 -18.56 -11.24 19.61
CA LEU A 562 -18.05 -10.92 18.29
C LEU A 562 -16.53 -11.09 18.23
N GLN A 563 -16.05 -11.94 17.33
CA GLN A 563 -14.63 -12.17 17.17
C GLN A 563 -14.20 -12.06 15.71
N TYR A 564 -13.00 -11.53 15.50
CA TYR A 564 -12.41 -11.39 14.17
C TYR A 564 -13.32 -10.61 13.21
N PHE A 565 -14.02 -9.62 13.77
CA PHE A 565 -14.90 -8.77 12.99
C PHE A 565 -14.11 -7.94 11.99
N GLY A 566 -14.31 -8.21 10.70
CA GLY A 566 -13.61 -7.49 9.65
C GLY A 566 -12.64 -8.37 8.89
N GLN A 567 -12.66 -9.66 9.19
CA GLN A 567 -11.76 -10.61 8.56
C GLN A 567 -12.14 -10.84 7.09
N ALA A 568 -13.36 -10.42 6.74
CA ALA A 568 -13.83 -10.50 5.36
C ALA A 568 -14.76 -9.34 5.05
N LEU A 569 -14.63 -8.77 3.86
CA LEU A 569 -15.43 -7.60 3.49
C LEU A 569 -15.94 -7.66 2.06
N SER A 570 -17.16 -7.15 1.85
CA SER A 570 -17.73 -7.02 0.53
C SER A 570 -18.79 -5.91 0.53
N GLY A 571 -18.62 -4.94 -0.37
CA GLY A 571 -19.54 -3.83 -0.46
C GLY A 571 -19.69 -3.33 -1.88
N GLY A 572 -20.47 -2.26 -2.05
CA GLY A 572 -20.65 -1.67 -3.37
C GLY A 572 -22.01 -1.96 -3.96
N GLN A 573 -22.69 -2.96 -3.42
CA GLN A 573 -24.03 -3.31 -3.89
C GLN A 573 -25.12 -2.90 -2.92
N ASP A 574 -26.35 -2.82 -3.43
CA ASP A 574 -27.52 -2.57 -2.59
C ASP A 574 -28.27 -3.87 -2.34
N LEU A 575 -28.32 -4.28 -1.07
CA LEU A 575 -28.99 -5.52 -0.71
C LEU A 575 -30.14 -5.30 0.26
N THR A 576 -30.30 -4.05 0.70
CA THR A 576 -31.40 -3.70 1.60
C THR A 576 -32.54 -3.03 0.83
N GLN A 577 -32.42 -3.04 -0.49
CA GLN A 577 -33.48 -2.60 -1.39
C GLN A 577 -33.88 -1.13 -1.26
N ASP A 578 -33.12 -0.35 -0.50
CA ASP A 578 -33.42 1.08 -0.38
C ASP A 578 -32.61 1.91 -1.38
N GLY A 579 -31.82 1.23 -2.20
CA GLY A 579 -31.07 1.89 -3.25
C GLY A 579 -29.72 2.43 -2.80
N LEU A 580 -29.41 2.27 -1.53
CA LEU A 580 -28.13 2.72 -1.00
C LEU A 580 -27.16 1.54 -0.85
N VAL A 581 -25.90 1.78 -1.18
CA VAL A 581 -24.88 0.72 -1.12
C VAL A 581 -24.73 0.18 0.29
N ASP A 582 -24.52 -1.13 0.39
CA ASP A 582 -24.45 -1.81 1.67
C ASP A 582 -23.12 -2.55 1.85
N LEU A 583 -22.80 -2.91 3.09
CA LEU A 583 -21.54 -3.55 3.40
C LEU A 583 -21.70 -4.87 4.15
N ALA A 584 -21.16 -5.94 3.58
CA ALA A 584 -21.18 -7.25 4.23
C ALA A 584 -19.84 -7.53 4.89
N VAL A 585 -19.85 -7.63 6.23
CA VAL A 585 -18.64 -7.83 6.99
C VAL A 585 -18.54 -9.26 7.52
N GLY A 586 -17.36 -9.87 7.38
CA GLY A 586 -17.13 -11.21 7.87
C GLY A 586 -16.73 -11.23 9.34
N ALA A 587 -17.02 -12.34 10.00
CA ALA A 587 -16.66 -12.54 11.40
C ALA A 587 -16.70 -14.01 11.73
N ARG A 588 -16.20 -14.37 12.91
CA ARG A 588 -16.16 -15.77 13.32
C ARG A 588 -17.54 -16.28 13.72
N GLY A 589 -18.13 -17.10 12.87
CA GLY A 589 -19.42 -17.69 13.13
C GLY A 589 -20.58 -16.76 12.82
N GLN A 590 -20.26 -15.57 12.35
CA GLN A 590 -21.28 -14.57 12.01
C GLN A 590 -20.93 -13.80 10.75
N VAL A 591 -21.96 -13.26 10.11
CA VAL A 591 -21.78 -12.33 9.00
C VAL A 591 -22.78 -11.19 9.15
N LEU A 592 -22.27 -9.97 9.23
CA LEU A 592 -23.12 -8.82 9.48
C LEU A 592 -23.31 -7.99 8.22
N LEU A 593 -24.56 -7.66 7.92
CA LEU A 593 -24.87 -6.78 6.80
C LEU A 593 -25.19 -5.39 7.32
N LEU A 594 -24.30 -4.44 7.04
CA LEU A 594 -24.48 -3.07 7.47
C LEU A 594 -24.97 -2.22 6.30
N ARG A 595 -25.86 -1.29 6.58
CA ARG A 595 -26.41 -0.44 5.52
C ARG A 595 -26.04 1.02 5.73
N THR A 596 -25.79 1.72 4.62
CA THR A 596 -25.50 3.14 4.67
C THR A 596 -26.80 3.93 4.85
N ARG A 597 -26.75 4.91 5.74
CA ARG A 597 -27.89 5.78 5.99
C ARG A 597 -27.91 6.95 5.00
N PRO A 598 -29.11 7.43 4.63
CA PRO A 598 -29.22 8.58 3.73
C PRO A 598 -28.68 9.85 4.36
N VAL A 599 -28.02 10.68 3.56
CA VAL A 599 -27.34 11.87 4.09
C VAL A 599 -28.12 13.14 3.80
N LEU A 600 -28.30 13.97 4.83
CA LEU A 600 -29.02 15.22 4.69
C LEU A 600 -28.12 16.43 4.89
N TRP A 601 -28.42 17.51 4.18
CA TRP A 601 -27.69 18.75 4.30
C TRP A 601 -28.62 19.89 4.72
N VAL A 602 -28.24 20.61 5.76
CA VAL A 602 -29.08 21.68 6.30
C VAL A 602 -28.44 23.05 6.10
N GLY A 603 -29.25 24.01 5.64
CA GLY A 603 -28.79 25.37 5.46
C GLY A 603 -29.66 26.35 6.24
N VAL A 604 -29.07 27.46 6.66
CA VAL A 604 -29.80 28.43 7.48
C VAL A 604 -29.77 29.83 6.87
N SER A 605 -30.92 30.51 6.91
CA SER A 605 -31.00 31.92 6.55
C SER A 605 -31.61 32.72 7.69
N MET A 606 -30.86 33.68 8.22
CA MET A 606 -31.32 34.47 9.36
C MET A 606 -31.33 35.95 9.03
N GLN A 607 -32.47 36.59 9.29
CA GLN A 607 -32.63 38.02 9.04
C GLN A 607 -33.38 38.69 10.18
N PHE A 608 -33.13 39.99 10.36
CA PHE A 608 -33.81 40.76 11.39
C PHE A 608 -34.71 41.83 10.77
N ILE A 609 -35.87 42.06 11.40
CA ILE A 609 -36.75 43.15 11.01
C ILE A 609 -37.04 44.01 12.22
N PRO A 610 -36.71 45.30 12.15
CA PRO A 610 -36.10 45.98 11.00
C PRO A 610 -34.62 45.66 10.81
N ALA A 611 -34.04 46.16 9.71
CA ALA A 611 -32.65 45.90 9.38
C ALA A 611 -31.71 46.49 10.43
N GLU A 612 -31.75 47.81 10.59
CA GLU A 612 -30.94 48.49 11.59
C GLU A 612 -31.80 49.06 12.71
N ILE A 613 -31.42 48.77 13.95
CA ILE A 613 -32.18 49.18 15.12
C ILE A 613 -32.34 50.70 15.23
N PRO A 614 -33.57 51.20 15.15
CA PRO A 614 -33.85 52.63 15.33
C PRO A 614 -33.37 53.10 16.71
N ARG A 615 -32.72 54.26 16.75
CA ARG A 615 -32.15 54.75 18.01
C ARG A 615 -33.21 55.35 18.92
N SER A 616 -34.47 55.31 18.48
CA SER A 616 -35.58 55.71 19.34
C SER A 616 -35.71 54.74 20.50
N ALA A 617 -35.06 53.58 20.36
CA ALA A 617 -34.99 52.59 21.41
C ALA A 617 -34.35 53.17 22.67
N PHE A 618 -33.17 53.77 22.51
CA PHE A 618 -32.50 54.40 23.64
C PHE A 618 -32.59 55.93 23.59
N GLU A 619 -33.66 56.44 24.19
CA GLU A 619 -33.87 57.87 24.42
C GLU A 619 -34.98 57.98 25.46
N CYS A 620 -34.66 58.52 26.63
CA CYS A 620 -35.59 58.48 27.75
C CYS A 620 -35.44 59.62 28.74
N ARG A 621 -36.42 59.74 29.63
CA ARG A 621 -36.28 60.56 30.83
C ARG A 621 -35.69 59.70 31.94
N GLU A 622 -35.08 58.60 31.50
CA GLU A 622 -34.67 57.50 32.37
C GLU A 622 -35.88 56.93 33.10
N GLN A 623 -36.77 56.32 32.34
CA GLN A 623 -37.73 55.39 32.92
C GLN A 623 -36.97 54.08 33.08
N VAL A 624 -37.33 53.30 34.08
CA VAL A 624 -36.64 52.04 34.33
C VAL A 624 -37.15 50.97 33.35
N VAL A 625 -38.01 51.40 32.43
CA VAL A 625 -38.65 50.50 31.48
C VAL A 625 -37.65 49.70 30.63
N SER A 626 -38.01 48.45 30.38
CA SER A 626 -37.24 47.57 29.52
C SER A 626 -38.20 46.74 28.67
N GLU A 627 -37.69 46.11 27.63
CA GLU A 627 -38.48 45.27 26.74
C GLU A 627 -39.66 46.03 26.13
N GLN A 628 -39.47 47.33 25.94
CA GLN A 628 -40.51 48.18 25.35
C GLN A 628 -40.48 48.12 23.83
N THR A 629 -39.35 47.68 23.28
CA THR A 629 -39.18 47.57 21.84
C THR A 629 -39.08 46.11 21.40
N LEU A 630 -39.93 45.73 20.45
CA LEU A 630 -40.00 44.35 19.98
C LEU A 630 -39.32 44.21 18.61
N VAL A 631 -38.52 43.16 18.46
CA VAL A 631 -37.82 42.89 17.21
C VAL A 631 -38.14 41.50 16.68
N GLN A 632 -38.46 41.40 15.39
CA GLN A 632 -38.76 40.12 14.79
C GLN A 632 -37.56 39.57 14.02
N SER A 633 -37.37 38.25 14.12
CA SER A 633 -36.28 37.58 13.43
C SER A 633 -36.80 36.39 12.63
N ASN A 634 -36.54 36.39 11.33
CA ASN A 634 -36.99 35.32 10.46
C ASN A 634 -35.91 34.28 10.19
N ILE A 635 -36.08 33.09 10.74
CA ILE A 635 -35.10 32.01 10.57
C ILE A 635 -35.66 30.89 9.71
N CYS A 636 -34.96 30.58 8.63
CA CYS A 636 -35.41 29.52 7.72
C CYS A 636 -34.39 28.40 7.60
N LEU A 637 -34.87 27.17 7.72
CA LEU A 637 -34.05 25.97 7.54
C LEU A 637 -34.52 25.19 6.34
N TYR A 638 -33.73 25.15 5.28
CA TYR A 638 -34.08 24.28 4.15
C TYR A 638 -33.13 23.08 4.05
N ILE A 639 -33.74 21.91 3.90
CA ILE A 639 -33.00 20.64 3.93
C ILE A 639 -33.03 19.93 2.59
N ASP A 640 -31.88 19.89 1.92
CA ASP A 640 -31.75 19.13 0.68
C ASP A 640 -31.04 17.81 0.93
N LYS A 641 -31.58 16.73 0.38
CA LYS A 641 -30.95 15.42 0.55
C LYS A 641 -29.76 15.30 -0.39
N ARG A 642 -28.62 14.88 0.16
CA ARG A 642 -27.41 14.74 -0.62
C ARG A 642 -27.46 13.45 -1.44
N SER A 643 -28.01 12.41 -0.84
CA SER A 643 -28.16 11.13 -1.53
C SER A 643 -29.29 11.22 -2.56
N LYS A 644 -28.94 11.45 -3.82
CA LYS A 644 -29.94 11.63 -4.87
C LYS A 644 -30.39 10.31 -5.47
N ASN A 645 -29.90 9.21 -4.90
CA ASN A 645 -30.26 7.89 -5.36
C ASN A 645 -30.76 7.02 -4.22
N LEU A 646 -31.92 7.38 -3.68
CA LEU A 646 -32.54 6.65 -2.59
C LEU A 646 -33.97 6.26 -2.93
N LEU A 647 -34.24 4.96 -2.97
CA LEU A 647 -35.60 4.48 -3.18
C LEU A 647 -36.48 4.90 -2.01
N GLY A 648 -37.75 5.12 -2.29
CA GLY A 648 -38.60 5.82 -1.34
C GLY A 648 -38.20 7.28 -1.43
N SER A 649 -37.79 7.85 -0.31
CA SER A 649 -37.25 9.21 -0.25
C SER A 649 -38.16 10.25 -0.90
N ARG A 650 -39.46 10.12 -0.70
CA ARG A 650 -40.40 11.12 -1.17
C ARG A 650 -40.81 11.99 -0.01
N ASP A 651 -41.11 11.35 1.11
CA ASP A 651 -41.39 12.06 2.35
C ASP A 651 -40.32 11.72 3.40
N LEU A 652 -39.29 12.55 3.47
CA LEU A 652 -38.24 12.38 4.47
C LEU A 652 -38.48 13.30 5.66
N GLN A 653 -39.15 12.78 6.68
CA GLN A 653 -39.41 13.54 7.89
C GLN A 653 -38.17 13.52 8.79
N SER A 654 -37.84 14.68 9.33
CA SER A 654 -36.62 14.83 10.13
C SER A 654 -36.84 15.71 11.36
N SER A 655 -36.54 15.17 12.53
CA SER A 655 -36.71 15.90 13.78
C SER A 655 -35.48 16.74 14.12
N VAL A 656 -35.71 18.02 14.42
CA VAL A 656 -34.62 18.95 14.73
C VAL A 656 -34.85 19.70 16.03
N THR A 657 -33.82 19.75 16.87
CA THR A 657 -33.89 20.50 18.13
C THR A 657 -33.07 21.78 18.03
N LEU A 658 -33.74 22.93 18.09
CA LEU A 658 -33.05 24.21 17.97
C LEU A 658 -32.73 24.82 19.34
N ASP A 659 -31.51 25.33 19.48
CA ASP A 659 -31.15 26.17 20.61
C ASP A 659 -30.88 27.58 20.11
N LEU A 660 -31.05 28.56 20.99
CA LEU A 660 -30.82 29.96 20.62
C LEU A 660 -30.11 30.71 21.73
N ALA A 661 -29.25 31.65 21.35
CA ALA A 661 -28.51 32.44 22.32
C ALA A 661 -28.41 33.89 21.89
N LEU A 662 -28.68 34.80 22.81
CA LEU A 662 -28.62 36.23 22.53
C LEU A 662 -27.39 36.87 23.17
N ASP A 663 -26.48 37.35 22.32
CA ASP A 663 -25.18 37.88 22.74
C ASP A 663 -24.48 36.92 23.70
N PRO A 664 -24.12 35.72 23.22
CA PRO A 664 -23.48 34.73 24.10
C PRO A 664 -22.06 35.13 24.46
N GLY A 665 -21.64 34.80 25.69
CA GLY A 665 -20.32 35.15 26.17
C GLY A 665 -20.30 36.50 26.86
N ARG A 666 -21.23 37.37 26.48
CA ARG A 666 -21.37 38.68 27.08
C ARG A 666 -21.99 38.56 28.48
N LEU A 667 -21.58 39.44 29.39
CA LEU A 667 -22.09 39.41 30.76
C LEU A 667 -23.56 39.80 30.83
N SER A 668 -23.90 40.91 30.17
CA SER A 668 -25.29 41.39 30.16
C SER A 668 -25.88 41.36 28.76
N PRO A 669 -26.74 40.36 28.48
CA PRO A 669 -27.42 40.25 27.19
C PRO A 669 -28.32 41.45 26.91
N ARG A 670 -28.22 41.99 25.70
CA ARG A 670 -28.96 43.19 25.34
C ARG A 670 -30.31 42.86 24.70
N ALA A 671 -30.63 41.56 24.65
CA ALA A 671 -31.86 41.11 24.04
C ALA A 671 -32.50 39.97 24.83
N THR A 672 -33.81 39.83 24.70
CA THR A 672 -34.55 38.76 25.36
C THR A 672 -35.66 38.22 24.46
N PHE A 673 -35.86 36.91 24.51
CA PHE A 673 -37.00 36.31 23.82
C PHE A 673 -38.27 36.59 24.62
N GLN A 674 -39.31 37.04 23.93
CA GLN A 674 -40.59 37.36 24.56
C GLN A 674 -41.20 36.12 25.24
N GLU A 675 -40.79 34.95 24.78
CA GLU A 675 -41.39 33.69 25.22
C GLU A 675 -40.76 33.13 26.50
N THR A 676 -39.44 33.18 26.59
CA THR A 676 -38.72 32.37 27.58
C THR A 676 -38.40 33.02 28.92
N LYS A 677 -38.41 34.36 28.96
CA LYS A 677 -38.05 35.19 30.13
C LYS A 677 -36.54 35.46 30.22
N THR A 678 -35.74 34.79 29.41
CA THR A 678 -34.29 35.02 29.41
C THR A 678 -33.75 35.29 28.02
N ARG A 679 -32.58 34.73 27.73
CA ARG A 679 -31.92 34.91 26.44
C ARG A 679 -31.68 33.55 25.79
N SER A 680 -32.29 32.52 26.35
CA SER A 680 -32.13 31.16 25.86
C SER A 680 -33.48 30.57 25.46
N LEU A 681 -33.59 30.10 24.22
CA LEU A 681 -34.84 29.52 23.73
C LEU A 681 -34.60 28.14 23.09
N SER A 682 -35.63 27.30 23.10
CA SER A 682 -35.54 25.98 22.49
C SER A 682 -36.77 25.66 21.63
N ARG A 683 -36.54 24.94 20.54
CA ARG A 683 -37.59 24.54 19.62
C ARG A 683 -37.38 23.11 19.15
N VAL A 684 -38.46 22.34 19.13
CA VAL A 684 -38.43 21.00 18.56
C VAL A 684 -39.51 20.88 17.49
N ARG A 685 -39.09 20.72 16.24
CA ARG A 685 -40.02 20.67 15.12
C ARG A 685 -39.65 19.59 14.12
N VAL A 686 -40.64 18.80 13.73
CA VAL A 686 -40.46 17.80 12.69
C VAL A 686 -40.41 18.49 11.33
N LEU A 687 -39.34 18.26 10.58
CA LEU A 687 -39.14 18.96 9.32
C LEU A 687 -39.00 18.00 8.14
N GLY A 688 -39.50 18.41 6.99
CA GLY A 688 -39.36 17.64 5.78
C GLY A 688 -38.37 18.31 4.85
N LEU A 689 -38.40 17.93 3.57
CA LEU A 689 -37.52 18.54 2.58
C LEU A 689 -38.00 19.94 2.22
N LYS A 690 -37.44 20.48 1.14
CA LYS A 690 -37.70 21.86 0.72
C LYS A 690 -37.39 22.83 1.87
N ALA A 691 -38.35 23.66 2.29
CA ALA A 691 -38.05 24.69 3.28
C ALA A 691 -39.11 24.82 4.40
N HIS A 692 -38.65 25.32 5.55
CA HIS A 692 -39.52 25.62 6.68
C HIS A 692 -38.98 26.80 7.48
N CYS A 693 -39.70 27.93 7.45
CA CYS A 693 -39.29 29.13 8.16
C CYS A 693 -40.01 29.27 9.49
N GLU A 694 -39.57 30.22 10.31
CA GLU A 694 -40.24 30.55 11.55
C GLU A 694 -39.79 31.92 12.07
N ASN A 695 -40.74 32.71 12.56
CA ASN A 695 -40.44 34.00 13.15
C ASN A 695 -40.31 33.91 14.67
N PHE A 696 -39.47 34.77 15.24
CA PHE A 696 -39.28 34.82 16.68
C PHE A 696 -39.37 36.25 17.20
N ASN A 697 -39.85 36.41 18.42
CA ASN A 697 -40.01 37.73 19.02
C ASN A 697 -38.86 38.10 19.96
N LEU A 698 -38.16 39.18 19.64
CA LEU A 698 -37.08 39.67 20.47
C LEU A 698 -37.50 40.93 21.22
N LEU A 699 -36.97 41.11 22.42
CA LEU A 699 -37.27 42.29 23.22
C LEU A 699 -36.00 43.04 23.60
N LEU A 700 -35.97 44.33 23.28
CA LEU A 700 -34.82 45.17 23.58
C LEU A 700 -35.16 46.20 24.65
N PRO A 701 -34.39 46.22 25.74
CA PRO A 701 -34.57 47.23 26.79
C PRO A 701 -34.37 48.64 26.24
N SER A 702 -34.98 49.62 26.89
CA SER A 702 -34.92 51.01 26.41
C SER A 702 -33.49 51.54 26.36
N CYS A 703 -32.88 51.71 27.53
CA CYS A 703 -31.53 52.26 27.60
C CYS A 703 -30.49 51.16 27.88
N VAL A 704 -29.48 51.07 27.01
CA VAL A 704 -28.44 50.06 27.16
C VAL A 704 -27.04 50.70 27.06
N GLU A 705 -26.05 50.12 27.74
CA GLU A 705 -24.71 50.71 27.80
C GLU A 705 -23.96 50.62 26.47
N ASP A 706 -23.95 49.44 25.86
CA ASP A 706 -23.24 49.24 24.60
C ASP A 706 -24.16 49.43 23.40
N SER A 707 -23.97 50.54 22.69
CA SER A 707 -24.73 50.81 21.47
C SER A 707 -23.81 50.70 20.26
N VAL A 708 -22.58 50.29 20.51
CA VAL A 708 -21.56 50.22 19.46
C VAL A 708 -21.62 48.89 18.70
N THR A 709 -21.58 47.79 19.43
CA THR A 709 -21.55 46.47 18.82
C THR A 709 -22.96 45.93 18.54
N PRO A 710 -23.17 45.39 17.34
CA PRO A 710 -24.47 44.81 16.94
C PRO A 710 -24.86 43.63 17.82
N ILE A 711 -26.16 43.40 17.94
CA ILE A 711 -26.68 42.27 18.71
C ILE A 711 -26.57 40.98 17.91
N THR A 712 -26.08 39.92 18.54
CA THR A 712 -25.90 38.64 17.86
C THR A 712 -26.89 37.59 18.33
N LEU A 713 -27.28 36.70 17.43
CA LEU A 713 -28.14 35.57 17.76
C LEU A 713 -27.50 34.28 17.25
N ARG A 714 -27.06 33.43 18.19
CA ARG A 714 -26.35 32.21 17.83
C ARG A 714 -27.30 31.03 17.74
N LEU A 715 -27.21 30.28 16.64
CA LEU A 715 -28.09 29.15 16.40
C LEU A 715 -27.29 27.86 16.31
N ASN A 716 -27.76 26.82 16.98
CA ASN A 716 -27.31 25.47 16.68
C ASN A 716 -28.44 24.47 16.81
N PHE A 717 -28.18 23.25 16.34
CA PHE A 717 -29.23 22.24 16.31
C PHE A 717 -28.66 20.83 16.20
N THR A 718 -29.38 19.87 16.74
CA THR A 718 -29.13 18.46 16.46
C THR A 718 -30.24 17.94 15.58
N LEU A 719 -29.91 17.04 14.66
CA LEU A 719 -30.91 16.52 13.74
C LEU A 719 -30.99 15.01 13.84
N VAL A 720 -32.17 14.52 14.26
CA VAL A 720 -32.42 13.09 14.31
C VAL A 720 -33.49 12.73 13.30
N GLY A 721 -33.07 12.12 12.20
CA GLY A 721 -33.99 11.73 11.15
C GLY A 721 -35.00 10.69 11.63
N LYS A 722 -36.28 10.96 11.35
CA LYS A 722 -37.34 10.04 11.69
C LYS A 722 -37.20 8.76 10.87
N PRO A 723 -37.34 7.59 11.51
CA PRO A 723 -37.29 6.31 10.81
C PRO A 723 -38.44 6.22 9.79
N LEU A 724 -38.15 5.64 8.64
CA LEU A 724 -39.08 5.69 7.50
C LEU A 724 -40.19 4.64 7.58
N LEU A 725 -40.06 3.69 8.51
CA LEU A 725 -41.01 2.58 8.69
C LEU A 725 -41.06 1.65 7.48
N ALA A 726 -40.96 2.20 6.28
CA ALA A 726 -40.53 1.40 5.13
C ALA A 726 -39.00 1.41 5.19
N PHE A 727 -38.38 0.29 4.80
CA PHE A 727 -36.94 0.05 4.91
C PHE A 727 -36.49 -0.16 6.35
N ARG A 728 -37.40 -0.70 7.18
CA ARG A 728 -37.08 -1.12 8.55
C ARG A 728 -36.38 -0.06 9.40
N ASN A 729 -37.09 1.01 9.71
CA ASN A 729 -36.59 2.07 10.59
C ASN A 729 -35.27 2.70 10.14
N LEU A 730 -35.00 2.68 8.84
CA LEU A 730 -33.82 3.36 8.31
C LEU A 730 -33.94 4.86 8.52
N ARG A 731 -32.91 5.46 9.10
CA ARG A 731 -32.94 6.88 9.44
C ARG A 731 -31.94 7.71 8.65
N PRO A 732 -32.36 8.92 8.24
CA PRO A 732 -31.42 9.88 7.66
C PRO A 732 -30.52 10.47 8.74
N MET A 733 -29.51 11.23 8.34
CA MET A 733 -28.62 11.86 9.30
C MET A 733 -27.90 13.05 8.69
N LEU A 734 -27.58 14.01 9.54
CA LEU A 734 -26.84 15.19 9.10
C LEU A 734 -25.39 14.83 8.81
N ALA A 735 -24.81 15.48 7.81
CA ALA A 735 -23.40 15.27 7.46
C ALA A 735 -22.52 15.54 8.68
N ALA A 736 -21.48 14.73 8.84
CA ALA A 736 -20.62 14.82 10.02
C ALA A 736 -19.86 16.14 10.09
N ASP A 737 -19.41 16.62 8.94
CA ASP A 737 -18.60 17.83 8.88
C ASP A 737 -19.43 19.11 8.94
N ALA A 738 -20.76 18.95 8.94
CA ALA A 738 -21.68 20.07 8.83
C ALA A 738 -21.49 21.13 9.92
N GLN A 739 -21.77 22.37 9.53
CA GLN A 739 -21.70 23.51 10.45
C GLN A 739 -22.92 23.56 11.36
N ARG A 740 -22.68 23.51 12.66
CA ARG A 740 -23.77 23.57 13.62
C ARG A 740 -24.00 24.99 14.15
N TYR A 741 -22.96 25.80 14.15
CA TYR A 741 -23.06 27.15 14.71
C TYR A 741 -23.30 28.22 13.64
N PHE A 742 -24.48 28.86 13.72
CA PHE A 742 -24.83 29.96 12.82
C PHE A 742 -25.05 31.24 13.64
N THR A 743 -24.57 32.37 13.13
CA THR A 743 -24.66 33.63 13.85
C THR A 743 -25.10 34.78 12.95
N ALA A 744 -26.12 35.51 13.39
CA ALA A 744 -26.58 36.69 12.67
C ALA A 744 -26.47 37.94 13.55
N SER A 745 -26.10 39.06 12.95
CA SER A 745 -25.89 40.29 13.70
C SER A 745 -26.98 41.32 13.45
N LEU A 746 -27.45 41.95 14.52
CA LEU A 746 -28.46 42.99 14.44
C LEU A 746 -27.85 44.35 14.79
N PRO A 747 -27.59 45.18 13.76
CA PRO A 747 -26.85 46.44 13.87
C PRO A 747 -27.59 47.54 14.62
N PHE A 748 -26.83 48.40 15.32
CA PHE A 748 -27.37 49.61 15.92
C PHE A 748 -27.17 50.79 14.97
N GLU A 749 -28.02 51.80 15.10
CA GLU A 749 -27.86 53.01 14.29
C GLU A 749 -26.91 54.00 14.96
N ASP A 760 -23.69 56.21 5.30
CA ASP A 760 -22.36 56.06 4.70
C ASP A 760 -22.44 55.69 3.23
N ASN A 761 -21.43 56.09 2.47
CA ASN A 761 -21.28 55.61 1.10
C ASN A 761 -19.85 55.13 0.87
N LEU A 762 -19.70 53.82 0.69
CA LEU A 762 -18.39 53.21 0.55
C LEU A 762 -18.08 52.88 -0.90
N GLY A 763 -16.80 52.60 -1.18
CA GLY A 763 -16.37 52.23 -2.52
C GLY A 763 -15.32 51.13 -2.46
N ILE A 764 -15.20 50.38 -3.54
CA ILE A 764 -14.23 49.29 -3.60
C ILE A 764 -13.48 49.30 -4.93
N SER A 765 -12.19 48.96 -4.85
CA SER A 765 -11.35 48.87 -6.04
C SER A 765 -10.17 47.94 -5.79
N PHE A 766 -9.79 47.18 -6.81
CA PHE A 766 -8.65 46.30 -6.70
C PHE A 766 -8.02 46.05 -8.06
N SER A 767 -6.78 45.55 -8.04
CA SER A 767 -6.07 45.21 -9.26
C SER A 767 -5.15 44.02 -9.00
N PHE A 768 -4.69 43.37 -10.08
CA PHE A 768 -3.79 42.23 -9.95
C PHE A 768 -2.35 42.63 -10.24
N PRO A 769 -1.52 42.72 -9.19
CA PRO A 769 -0.11 43.03 -9.38
C PRO A 769 0.66 41.85 -9.96
N GLY A 770 1.33 42.05 -11.09
CA GLY A 770 2.25 41.07 -11.61
C GLY A 770 1.89 40.36 -12.90
N LEU A 771 0.60 40.26 -13.21
CA LEU A 771 0.20 39.47 -14.36
C LEU A 771 -1.01 40.03 -15.14
N LYS A 772 -0.96 39.86 -16.45
CA LYS A 772 -2.07 40.21 -17.32
C LYS A 772 -2.89 38.97 -17.65
N SER A 773 -2.32 37.80 -17.36
CA SER A 773 -2.98 36.53 -17.66
C SER A 773 -2.70 35.49 -16.58
N LEU A 774 -3.60 34.51 -16.46
CA LEU A 774 -3.45 33.46 -15.46
C LEU A 774 -3.26 32.09 -16.11
N LEU A 775 -2.11 31.48 -15.86
CA LEU A 775 -1.84 30.14 -16.35
C LEU A 775 -2.10 29.13 -15.24
N VAL A 776 -3.05 28.24 -15.46
CA VAL A 776 -3.46 27.27 -14.46
C VAL A 776 -2.49 26.09 -14.37
N GLY A 777 -1.98 25.84 -13.18
CA GLY A 777 -0.97 24.82 -12.97
C GLY A 777 0.39 25.44 -12.79
N SER A 778 0.60 26.58 -13.43
CA SER A 778 1.84 27.32 -13.31
C SER A 778 1.70 28.44 -12.28
N ASN A 779 0.46 28.79 -11.96
CA ASN A 779 0.16 29.77 -10.93
C ASN A 779 -0.68 29.16 -9.82
N LEU A 780 -0.05 28.91 -8.68
CA LEU A 780 -0.71 28.21 -7.59
C LEU A 780 -1.35 29.19 -6.60
N GLU A 781 -1.08 30.47 -6.80
CA GLU A 781 -1.66 31.50 -5.95
C GLU A 781 -2.08 32.71 -6.77
N LEU A 782 -2.94 33.54 -6.19
CA LEU A 782 -3.40 34.75 -6.86
C LEU A 782 -3.45 35.92 -5.88
N ASN A 783 -2.75 36.99 -6.22
CA ASN A 783 -2.67 38.16 -5.35
C ASN A 783 -3.48 39.33 -5.91
N ALA A 784 -4.43 39.80 -5.11
CA ALA A 784 -5.25 40.95 -5.49
C ALA A 784 -5.01 42.11 -4.51
N GLU A 785 -4.58 43.25 -5.06
CA GLU A 785 -4.35 44.44 -4.25
C GLU A 785 -5.64 45.23 -4.08
N VAL A 786 -6.30 45.04 -2.95
CA VAL A 786 -7.62 45.64 -2.72
C VAL A 786 -7.54 46.98 -2.00
N MET A 787 -8.07 48.03 -2.64
CA MET A 787 -8.17 49.34 -2.02
C MET A 787 -9.62 49.71 -1.73
N VAL A 788 -9.93 49.92 -0.47
CA VAL A 788 -11.27 50.32 -0.06
C VAL A 788 -11.23 51.71 0.58
N TRP A 789 -12.15 52.57 0.17
CA TRP A 789 -12.20 53.94 0.67
C TRP A 789 -13.60 54.34 1.13
N ASN A 790 -13.65 55.21 2.12
CA ASN A 790 -14.92 55.77 2.57
C ASN A 790 -14.93 57.28 2.45
N ASP A 791 -15.58 57.78 1.39
CA ASP A 791 -15.75 59.21 1.22
C ASP A 791 -17.18 59.60 1.58
N GLY A 792 -17.38 59.90 2.87
CA GLY A 792 -18.68 60.28 3.37
C GLY A 792 -18.81 60.01 4.86
N GLU A 793 -20.01 59.61 5.28
CA GLU A 793 -20.30 59.33 6.67
C GLU A 793 -19.48 58.13 7.19
N ASP A 794 -19.20 58.13 8.49
CA ASP A 794 -18.43 57.05 9.10
C ASP A 794 -19.17 55.72 8.98
N SER A 795 -18.42 54.64 8.80
CA SER A 795 -19.01 53.32 8.63
C SER A 795 -18.50 52.32 9.66
N TYR A 796 -19.41 51.54 10.22
CA TYR A 796 -19.08 50.53 11.22
C TYR A 796 -19.20 49.12 10.65
N GLY A 797 -18.35 48.22 11.14
CA GLY A 797 -18.38 46.83 10.73
C GLY A 797 -18.26 46.62 9.25
N THR A 798 -17.30 47.30 8.63
CA THR A 798 -17.10 47.22 7.19
C THR A 798 -16.68 45.81 6.78
N THR A 799 -17.52 45.17 5.98
CA THR A 799 -17.23 43.82 5.50
C THR A 799 -16.90 43.84 4.01
N ILE A 800 -15.76 43.25 3.66
CA ILE A 800 -15.32 43.19 2.28
C ILE A 800 -15.58 41.80 1.71
N THR A 801 -16.53 41.72 0.77
CA THR A 801 -16.98 40.44 0.25
C THR A 801 -16.38 40.13 -1.13
N PHE A 802 -15.91 38.89 -1.30
CA PHE A 802 -15.41 38.44 -2.58
C PHE A 802 -16.32 37.35 -3.15
N SER A 803 -16.34 37.23 -4.48
CA SER A 803 -17.06 36.15 -5.13
C SER A 803 -16.25 35.64 -6.32
N HIS A 804 -16.10 34.33 -6.40
CA HIS A 804 -15.18 33.73 -7.36
C HIS A 804 -15.57 32.28 -7.69
N PRO A 805 -15.03 31.75 -8.81
CA PRO A 805 -15.20 30.33 -9.15
C PRO A 805 -14.65 29.39 -8.07
N ALA A 806 -14.89 28.09 -8.23
CA ALA A 806 -14.58 27.10 -7.21
C ALA A 806 -13.09 26.87 -7.02
N GLY A 807 -12.31 27.09 -8.08
CA GLY A 807 -10.88 26.84 -8.04
C GLY A 807 -10.11 27.80 -7.15
N LEU A 808 -10.80 28.81 -6.63
CA LEU A 808 -10.15 29.81 -5.78
C LEU A 808 -10.62 29.72 -4.34
N SER A 809 -9.72 30.04 -3.41
CA SER A 809 -10.02 30.06 -2.00
C SER A 809 -9.16 31.12 -1.30
N TYR A 810 -9.68 31.73 -0.25
CA TYR A 810 -8.93 32.76 0.46
C TYR A 810 -7.93 32.16 1.44
N ARG A 811 -6.65 32.28 1.12
CA ARG A 811 -5.59 31.82 2.01
C ARG A 811 -5.14 32.96 2.91
N TYR A 812 -5.19 32.72 4.22
CA TYR A 812 -4.76 33.72 5.18
C TYR A 812 -3.24 33.68 5.36
N VAL A 813 -2.59 34.79 5.01
CA VAL A 813 -1.14 34.91 5.19
C VAL A 813 -0.85 35.58 6.53
N ALA A 814 0.44 35.73 6.84
CA ALA A 814 0.85 36.37 8.08
C ALA A 814 1.52 37.71 7.83
N LEU A 825 -2.77 45.88 8.48
CA LEU A 825 -4.15 45.75 8.96
C LEU A 825 -4.42 44.34 9.48
N HIS A 826 -5.44 44.22 10.31
CA HIS A 826 -5.86 42.92 10.83
C HIS A 826 -7.22 42.51 10.25
N LEU A 827 -7.31 41.29 9.75
CA LEU A 827 -8.54 40.80 9.13
C LEU A 827 -9.03 39.49 9.76
N THR A 828 -10.35 39.35 9.80
CA THR A 828 -10.97 38.09 10.19
C THR A 828 -11.88 37.61 9.06
N CYS A 829 -11.46 36.56 8.37
CA CYS A 829 -12.18 36.11 7.17
C CYS A 829 -12.74 34.69 7.30
N ASP A 830 -13.85 34.46 6.62
CA ASP A 830 -14.46 33.13 6.55
C ASP A 830 -14.95 32.86 5.13
N SER A 831 -14.84 31.61 4.69
CA SER A 831 -15.17 31.25 3.31
C SER A 831 -16.25 30.17 3.23
N ALA A 832 -17.25 30.40 2.38
CA ALA A 832 -18.36 29.47 2.22
C ALA A 832 -19.00 29.62 0.83
N PRO A 833 -19.53 28.52 0.27
CA PRO A 833 -20.11 28.51 -1.07
C PRO A 833 -21.43 29.29 -1.20
N VAL A 834 -21.66 29.89 -2.36
CA VAL A 834 -22.85 30.72 -2.63
C VAL A 834 -23.32 30.44 -4.06
N GLY A 835 -24.37 31.13 -4.53
CA GLY A 835 -24.78 31.09 -5.93
C GLY A 835 -25.74 29.97 -6.29
N SER A 836 -26.07 29.86 -7.57
CA SER A 836 -26.80 28.71 -8.06
C SER A 836 -26.00 27.48 -7.70
N GLN A 837 -24.77 27.45 -8.23
CA GLN A 837 -23.69 26.55 -7.82
C GLN A 837 -22.48 26.90 -8.68
N GLY A 838 -21.30 26.50 -8.24
CA GLY A 838 -20.09 26.75 -8.99
C GLY A 838 -19.33 27.98 -8.54
N THR A 839 -20.05 28.93 -7.94
CA THR A 839 -19.43 30.15 -7.43
C THR A 839 -19.25 30.05 -5.92
N TRP A 840 -18.13 30.56 -5.42
CA TRP A 840 -17.92 30.60 -3.98
C TRP A 840 -17.89 32.07 -3.54
N SER A 841 -17.74 32.28 -2.23
CA SER A 841 -17.57 33.64 -1.73
C SER A 841 -16.81 33.66 -0.42
N THR A 842 -16.06 34.74 -0.24
CA THR A 842 -15.33 34.97 1.00
C THR A 842 -15.48 36.42 1.42
N SER A 843 -16.23 36.65 2.49
CA SER A 843 -16.41 38.00 3.01
C SER A 843 -15.54 38.21 4.24
N CYS A 844 -14.75 39.28 4.22
CA CYS A 844 -13.83 39.56 5.31
C CYS A 844 -14.29 40.76 6.12
N ARG A 845 -14.78 40.51 7.33
CA ARG A 845 -15.21 41.58 8.21
C ARG A 845 -14.01 42.31 8.79
N ILE A 846 -14.12 43.63 8.90
CA ILE A 846 -13.13 44.42 9.62
C ILE A 846 -13.76 45.20 10.76
N ASN A 847 -13.37 44.84 11.97
CA ASN A 847 -13.48 45.76 13.09
C ASN A 847 -12.17 45.75 13.86
N HIS A 848 -12.26 46.17 15.14
CA HIS A 848 -11.18 46.78 15.91
C HIS A 848 -10.99 48.20 15.40
N LEU A 849 -11.77 48.59 14.40
CA LEU A 849 -11.52 49.83 13.69
C LEU A 849 -12.80 50.56 13.28
N ILE A 850 -12.90 51.82 13.70
CA ILE A 850 -13.92 52.71 13.18
C ILE A 850 -13.40 53.23 11.83
N PHE A 851 -14.16 53.01 10.76
CA PHE A 851 -13.71 53.46 9.45
C PHE A 851 -14.23 54.88 9.18
N ARG A 852 -13.35 55.86 9.36
CA ARG A 852 -13.74 57.26 9.28
C ARG A 852 -13.62 57.81 7.87
N GLY A 853 -14.46 58.78 7.54
CA GLY A 853 -14.54 59.33 6.19
C GLY A 853 -13.24 59.92 5.69
N GLY A 854 -12.93 59.63 4.43
CA GLY A 854 -11.72 60.13 3.81
C GLY A 854 -10.52 59.23 4.01
N ALA A 855 -10.65 58.28 4.94
CA ALA A 855 -9.58 57.33 5.21
C ALA A 855 -9.74 56.09 4.34
N GLN A 856 -8.62 55.58 3.85
CA GLN A 856 -8.65 54.43 2.94
C GLN A 856 -7.65 53.35 3.36
N ILE A 857 -8.07 52.10 3.22
CA ILE A 857 -7.21 50.97 3.54
C ILE A 857 -6.91 50.15 2.28
N THR A 858 -5.64 49.87 2.06
CA THR A 858 -5.23 48.99 0.96
C THR A 858 -4.55 47.75 1.53
N PHE A 859 -4.97 46.58 1.08
CA PHE A 859 -4.44 45.33 1.61
C PHE A 859 -4.36 44.26 0.53
N LEU A 860 -3.51 43.27 0.75
CA LEU A 860 -3.30 42.20 -0.21
C LEU A 860 -4.08 40.94 0.16
N ALA A 861 -5.05 40.58 -0.66
CA ALA A 861 -5.81 39.35 -0.47
C ALA A 861 -5.31 38.27 -1.42
N THR A 862 -4.91 37.13 -0.85
CA THR A 862 -4.31 36.06 -1.64
C THR A 862 -5.27 34.88 -1.86
N PHE A 863 -5.44 34.50 -3.12
CA PHE A 863 -6.29 33.37 -3.48
C PHE A 863 -5.48 32.18 -3.96
N ASP A 864 -5.80 30.99 -3.44
CA ASP A 864 -5.19 29.77 -3.91
C ASP A 864 -5.89 29.26 -5.17
N VAL A 865 -5.14 29.11 -6.25
CA VAL A 865 -5.69 28.62 -7.50
C VAL A 865 -5.34 27.15 -7.71
N SER A 866 -6.36 26.29 -7.70
CA SER A 866 -6.19 24.86 -7.89
C SER A 866 -5.53 24.56 -9.24
N PRO A 867 -4.61 23.58 -9.25
CA PRO A 867 -3.93 23.19 -10.49
C PRO A 867 -4.87 22.52 -11.48
N LYS A 868 -5.93 21.90 -10.96
CA LYS A 868 -6.92 21.21 -11.78
C LYS A 868 -8.15 22.08 -12.00
N ALA A 869 -8.12 23.31 -11.48
CA ALA A 869 -9.26 24.21 -11.53
C ALA A 869 -9.71 24.49 -12.97
N VAL A 870 -11.01 24.37 -13.21
CA VAL A 870 -11.57 24.71 -14.51
C VAL A 870 -12.23 26.09 -14.43
N LEU A 871 -11.55 27.08 -14.99
CA LEU A 871 -12.03 28.45 -14.96
C LEU A 871 -12.48 28.89 -16.34
N GLY A 872 -12.39 27.97 -17.30
CA GLY A 872 -12.66 28.31 -18.68
C GLY A 872 -11.58 29.23 -19.21
N ASP A 873 -11.94 30.10 -20.14
CA ASP A 873 -10.99 31.04 -20.70
C ASP A 873 -11.07 32.39 -19.99
N ARG A 874 -12.04 32.53 -19.09
CA ARG A 874 -12.27 33.80 -18.40
C ARG A 874 -12.35 33.65 -16.89
N LEU A 875 -11.64 34.52 -16.17
CA LEU A 875 -11.71 34.56 -14.71
C LEU A 875 -12.30 35.88 -14.24
N LEU A 876 -13.51 35.83 -13.70
CA LEU A 876 -14.15 37.05 -13.19
C LEU A 876 -14.08 37.13 -11.67
N LEU A 877 -13.40 38.15 -11.17
CA LEU A 877 -13.32 38.38 -9.73
C LEU A 877 -14.12 39.62 -9.34
N THR A 878 -15.16 39.43 -8.53
CA THR A 878 -16.04 40.51 -8.12
C THR A 878 -15.87 40.82 -6.63
N ALA A 879 -15.87 42.12 -6.32
CA ALA A 879 -15.68 42.55 -4.93
C ALA A 879 -16.80 43.46 -4.45
N ASN A 880 -17.52 43.00 -3.44
CA ASN A 880 -18.59 43.77 -2.82
C ASN A 880 -18.01 44.67 -1.74
N VAL A 881 -18.82 45.57 -1.20
CA VAL A 881 -18.42 46.32 -0.01
C VAL A 881 -19.66 46.75 0.75
N SER A 882 -19.68 46.49 2.05
CA SER A 882 -20.86 46.79 2.86
C SER A 882 -20.50 47.18 4.29
N SER A 883 -21.49 47.71 5.01
CA SER A 883 -21.33 48.08 6.40
C SER A 883 -22.49 47.52 7.22
N GLU A 884 -22.37 47.61 8.55
CA GLU A 884 -23.44 47.19 9.45
C GLU A 884 -24.72 47.93 9.12
N SER A 885 -24.59 49.24 8.95
CA SER A 885 -25.69 50.06 8.45
C SER A 885 -25.98 49.64 7.01
N ASN A 886 -27.14 49.04 6.80
CA ASN A 886 -27.49 48.60 5.47
C ASN A 886 -28.03 49.75 4.63
N THR A 887 -27.23 50.20 3.68
CA THR A 887 -27.70 51.16 2.69
C THR A 887 -28.70 50.45 1.78
N PRO A 888 -29.30 51.20 0.86
CA PRO A 888 -30.18 50.58 -0.12
C PRO A 888 -29.39 49.66 -1.04
N ARG A 889 -28.06 49.77 -0.97
CA ARG A 889 -27.16 49.03 -1.83
C ARG A 889 -27.49 49.32 -3.29
N THR A 890 -27.03 48.44 -4.19
CA THR A 890 -27.17 48.65 -5.62
C THR A 890 -26.66 50.03 -6.02
N SER A 891 -25.72 50.55 -5.23
CA SER A 891 -25.19 51.89 -5.43
C SER A 891 -23.86 51.81 -6.15
N LYS A 892 -23.78 50.89 -7.11
CA LYS A 892 -22.51 50.53 -7.74
C LYS A 892 -21.50 50.19 -6.65
N THR A 893 -20.28 50.66 -6.82
CA THR A 893 -19.19 50.41 -5.88
C THR A 893 -19.05 48.92 -5.57
N THR A 894 -19.34 48.10 -6.58
CA THR A 894 -18.98 46.68 -6.55
C THR A 894 -18.07 46.47 -7.76
N PHE A 895 -16.84 46.03 -7.48
CA PHE A 895 -15.81 46.03 -8.52
C PHE A 895 -15.55 44.63 -9.07
N GLN A 896 -15.72 44.48 -10.38
CA GLN A 896 -15.38 43.23 -11.04
C GLN A 896 -14.28 43.45 -12.07
N LEU A 897 -13.41 42.45 -12.19
CA LEU A 897 -12.28 42.53 -13.09
C LEU A 897 -12.02 41.14 -13.70
N GLU A 898 -11.81 41.07 -15.00
CA GLU A 898 -11.65 39.78 -15.65
C GLU A 898 -10.20 39.49 -16.03
N LEU A 899 -9.87 38.21 -16.03
CA LEU A 899 -8.49 37.77 -16.25
C LEU A 899 -8.47 36.61 -17.24
N PRO A 900 -7.80 36.78 -18.38
CA PRO A 900 -7.70 35.72 -19.39
C PRO A 900 -6.96 34.51 -18.84
N VAL A 901 -7.49 33.31 -19.10
CA VAL A 901 -6.98 32.11 -18.48
C VAL A 901 -6.57 31.05 -19.50
N LYS A 902 -5.35 30.55 -19.36
CA LYS A 902 -4.87 29.44 -20.17
C LYS A 902 -4.45 28.30 -19.25
N TYR A 903 -4.19 27.13 -19.81
CA TYR A 903 -3.87 25.96 -18.99
C TYR A 903 -2.53 25.34 -19.37
N ALA A 904 -1.68 25.14 -18.36
CA ALA A 904 -0.31 24.70 -18.56
C ALA A 904 -0.19 23.21 -18.88
N VAL A 905 0.87 22.85 -19.59
CA VAL A 905 1.14 21.47 -19.94
C VAL A 905 2.60 21.29 -20.35
N TYR A 906 3.18 20.15 -19.99
CA TYR A 906 4.56 19.84 -20.32
C TYR A 906 4.63 18.73 -21.36
N THR A 907 4.93 19.09 -22.60
CA THR A 907 5.04 18.11 -23.68
C THR A 907 6.39 18.20 -24.39
N VAL A 908 7.13 17.08 -24.41
CA VAL A 908 8.45 17.07 -25.01
C VAL A 908 8.59 16.07 -26.17
N VAL A 909 9.24 16.52 -27.23
CA VAL A 909 9.64 15.63 -28.31
C VAL A 909 11.17 15.57 -28.33
N SER A 910 11.72 14.37 -28.49
CA SER A 910 13.16 14.19 -28.44
C SER A 910 13.64 13.15 -29.44
N SER A 911 14.83 13.39 -30.00
CA SER A 911 15.45 12.44 -30.91
C SER A 911 15.87 11.19 -30.15
N HIS A 912 15.45 10.04 -30.65
CA HIS A 912 15.75 8.77 -30.01
C HIS A 912 17.24 8.43 -30.15
N GLU A 913 17.72 7.54 -29.29
CA GLU A 913 19.13 7.14 -29.29
C GLU A 913 19.50 6.31 -30.51
N GLN A 914 18.61 5.39 -30.88
CA GLN A 914 18.88 4.46 -31.97
C GLN A 914 18.35 4.96 -33.32
N PHE A 915 19.26 5.38 -34.18
CA PHE A 915 18.91 5.77 -35.55
C PHE A 915 20.13 5.69 -36.46
N THR A 916 19.98 6.15 -37.70
CA THR A 916 21.06 6.14 -38.66
C THR A 916 21.98 7.34 -38.47
N LYS A 917 23.14 7.12 -37.86
CA LYS A 917 24.10 8.17 -37.58
C LYS A 917 24.77 8.70 -38.86
N TYR A 918 25.21 7.79 -39.71
CA TYR A 918 25.94 8.18 -40.91
C TYR A 918 25.85 7.13 -42.02
N LEU A 919 26.24 7.51 -43.22
CA LEU A 919 26.32 6.59 -44.35
C LEU A 919 27.59 6.82 -45.15
N CYS A 920 28.42 5.79 -45.28
CA CYS A 920 29.65 5.89 -46.07
C CYS A 920 29.44 5.32 -47.46
N PHE A 921 29.86 6.07 -48.48
CA PHE A 921 29.75 5.61 -49.85
C PHE A 921 30.98 5.99 -50.66
N SER A 922 31.44 5.07 -51.50
CA SER A 922 32.61 5.33 -52.33
C SER A 922 32.26 6.32 -53.44
N GLU A 923 33.28 6.82 -54.13
CA GLU A 923 33.08 7.78 -55.21
C GLU A 923 32.36 7.16 -56.40
N SER A 924 32.26 5.84 -56.40
CA SER A 924 31.66 5.12 -57.53
C SER A 924 30.24 4.63 -57.21
N GLU A 925 29.75 4.95 -56.01
CA GLU A 925 28.43 4.49 -55.59
C GLU A 925 27.35 5.56 -55.74
N GLU A 926 27.55 6.49 -56.68
CA GLU A 926 26.58 7.55 -56.92
C GLU A 926 25.21 6.99 -57.29
N LYS A 927 25.21 5.94 -58.11
CA LYS A 927 23.99 5.30 -58.58
C LYS A 927 23.17 4.74 -57.42
N GLU A 928 23.86 4.27 -56.38
CA GLU A 928 23.23 3.53 -55.31
C GLU A 928 22.62 4.42 -54.21
N SER A 929 22.08 3.75 -53.20
CA SER A 929 21.46 4.43 -52.06
C SER A 929 21.44 3.45 -50.87
N HIS A 930 21.03 3.92 -49.70
CA HIS A 930 20.99 3.07 -48.52
C HIS A 930 19.87 3.44 -47.56
N VAL A 931 19.38 2.44 -46.83
CA VAL A 931 18.28 2.64 -45.89
C VAL A 931 18.70 3.52 -44.71
N ALA A 932 17.90 4.54 -44.42
CA ALA A 932 18.15 5.42 -43.29
C ALA A 932 16.89 5.63 -42.47
N MET A 933 17.04 5.68 -41.15
CA MET A 933 15.89 5.86 -40.27
C MET A 933 16.12 6.94 -39.22
N HIS A 934 15.08 7.71 -38.94
CA HIS A 934 15.08 8.67 -37.84
C HIS A 934 13.97 8.33 -36.88
N ARG A 935 14.25 8.41 -35.58
CA ARG A 935 13.25 8.11 -34.57
C ARG A 935 13.06 9.26 -33.58
N TYR A 936 11.81 9.58 -33.30
CA TYR A 936 11.45 10.55 -32.27
C TYR A 936 10.49 9.89 -31.28
N GLN A 937 10.50 10.38 -30.04
CA GLN A 937 9.49 9.94 -29.08
C GLN A 937 8.94 11.13 -28.29
N VAL A 938 7.63 11.15 -28.14
CA VAL A 938 6.94 12.27 -27.52
C VAL A 938 6.30 11.87 -26.19
N ASN A 939 6.57 12.67 -25.15
CA ASN A 939 6.06 12.37 -23.82
C ASN A 939 5.27 13.52 -23.20
N ASN A 940 4.18 13.19 -22.54
CA ASN A 940 3.38 14.17 -21.81
C ASN A 940 3.78 14.16 -20.33
N LEU A 941 4.66 15.07 -19.94
CA LEU A 941 5.13 15.14 -18.57
C LEU A 941 4.27 16.08 -17.73
N GLY A 942 3.28 16.69 -18.38
CA GLY A 942 2.37 17.59 -17.71
C GLY A 942 1.34 16.85 -16.88
N GLN A 943 0.48 17.60 -16.19
CA GLN A 943 -0.54 17.01 -15.35
C GLN A 943 -1.91 17.03 -16.02
N ARG A 944 -1.91 17.21 -17.35
CA ARG A 944 -3.15 17.46 -18.07
C ARG A 944 -3.20 16.78 -19.44
N ASP A 945 -4.31 16.09 -19.70
CA ASP A 945 -4.56 15.52 -21.03
C ASP A 945 -4.74 16.64 -22.04
N LEU A 946 -4.43 16.36 -23.31
CA LEU A 946 -4.33 17.41 -24.30
C LEU A 946 -4.30 16.87 -25.73
N PRO A 947 -5.06 17.50 -26.64
CA PRO A 947 -5.04 17.13 -28.05
C PRO A 947 -3.88 17.78 -28.80
N VAL A 948 -2.84 17.00 -29.10
CA VAL A 948 -1.67 17.54 -29.82
C VAL A 948 -1.59 17.06 -31.26
N SER A 949 -0.90 17.83 -32.08
CA SER A 949 -0.55 17.40 -33.44
C SER A 949 0.97 17.34 -33.55
N ILE A 950 1.47 16.31 -34.20
CA ILE A 950 2.92 16.15 -34.35
C ILE A 950 3.33 16.32 -35.81
N ASN A 951 4.29 17.20 -36.04
CA ASN A 951 4.73 17.51 -37.40
C ASN A 951 6.16 17.00 -37.69
N PHE A 952 6.32 16.35 -38.84
CA PHE A 952 7.63 15.84 -39.26
C PHE A 952 8.07 16.48 -40.57
N TRP A 953 9.25 17.10 -40.55
CA TRP A 953 9.78 17.79 -41.72
C TRP A 953 10.98 17.04 -42.28
N VAL A 954 10.80 16.43 -43.44
CA VAL A 954 11.83 15.57 -44.02
C VAL A 954 12.20 16.00 -45.43
N PRO A 955 13.50 16.20 -45.70
CA PRO A 955 13.98 16.49 -47.05
C PRO A 955 13.87 15.25 -47.94
N VAL A 956 13.30 15.39 -49.12
CA VAL A 956 13.17 14.28 -50.06
C VAL A 956 13.77 14.63 -51.42
N GLU A 957 14.05 15.92 -51.62
CA GLU A 957 14.58 16.39 -52.89
C GLU A 957 15.59 17.53 -52.72
N LEU A 958 16.45 17.69 -53.73
CA LEU A 958 17.32 18.84 -53.83
C LEU A 958 17.50 19.21 -55.30
N ASN A 959 16.94 20.35 -55.69
CA ASN A 959 16.91 20.79 -57.08
C ASN A 959 16.33 19.72 -58.00
N GLN A 960 15.13 19.26 -57.64
CA GLN A 960 14.39 18.25 -58.38
CA GLN A 960 14.39 18.26 -58.41
C GLN A 960 15.18 16.96 -58.58
N GLU A 961 16.17 16.73 -57.71
CA GLU A 961 16.90 15.46 -57.74
C GLU A 961 16.61 14.68 -56.46
N ALA A 962 16.44 13.37 -56.59
CA ALA A 962 16.05 12.51 -55.46
C ALA A 962 17.12 12.50 -54.36
N VAL A 963 16.67 12.73 -53.13
CA VAL A 963 17.56 12.70 -51.97
C VAL A 963 17.17 11.56 -51.04
N TRP A 964 15.95 11.63 -50.53
CA TRP A 964 15.44 10.60 -49.61
C TRP A 964 14.17 9.98 -50.19
N MET A 965 14.28 8.75 -50.68
CA MET A 965 13.19 8.12 -51.43
C MET A 965 12.27 7.28 -50.55
N ASP A 966 10.97 7.35 -50.88
CA ASP A 966 9.94 6.52 -50.25
C ASP A 966 9.93 6.62 -48.73
N VAL A 967 9.96 7.85 -48.21
CA VAL A 967 9.92 8.07 -46.78
C VAL A 967 8.53 7.76 -46.24
N GLU A 968 8.47 6.89 -45.23
CA GLU A 968 7.21 6.52 -44.60
C GLU A 968 7.31 6.60 -43.08
N VAL A 969 6.42 7.37 -42.46
CA VAL A 969 6.37 7.45 -41.01
C VAL A 969 5.63 6.24 -40.45
N SER A 970 6.23 5.57 -39.49
CA SER A 970 5.63 4.38 -38.91
C SER A 970 5.59 4.45 -37.39
N HIS A 971 4.58 3.80 -36.81
CA HIS A 971 4.44 3.72 -35.37
C HIS A 971 3.84 2.39 -34.98
N PRO A 972 4.71 1.36 -34.85
CA PRO A 972 4.28 0.01 -34.48
C PRO A 972 3.63 0.02 -33.10
N GLN A 973 4.30 0.63 -32.14
CA GLN A 973 3.67 0.94 -30.86
C GLN A 973 2.64 2.04 -31.11
N ASN A 974 1.67 2.16 -30.21
CA ASN A 974 0.48 3.00 -30.43
C ASN A 974 0.02 3.01 -31.90
N PRO A 975 -0.43 1.85 -32.41
CA PRO A 975 -0.77 1.74 -33.83
C PRO A 975 -2.23 2.09 -34.11
N SER A 976 -2.70 3.18 -33.53
CA SER A 976 -4.05 3.65 -33.80
C SER A 976 -3.97 5.11 -34.19
N LEU A 977 -2.77 5.55 -34.55
CA LEU A 977 -2.56 6.91 -35.00
C LEU A 977 -2.71 7.01 -36.52
N ARG A 978 -2.57 8.22 -37.03
CA ARG A 978 -3.06 8.56 -38.36
C ARG A 978 -2.26 9.73 -38.95
N CYS A 979 -1.60 9.48 -40.07
CA CYS A 979 -0.68 10.46 -40.64
C CYS A 979 -0.97 10.82 -42.09
N SER A 980 -0.49 12.00 -42.49
CA SER A 980 -0.68 12.50 -43.84
C SER A 980 0.62 13.06 -44.40
N SER A 981 0.71 13.09 -45.73
CA SER A 981 1.88 13.61 -46.42
C SER A 981 1.55 14.87 -47.21
N GLU A 982 2.43 15.86 -47.14
CA GLU A 982 2.25 17.11 -47.88
C GLU A 982 3.57 17.61 -48.45
N LYS A 983 3.61 17.83 -49.76
CA LYS A 983 4.82 18.32 -50.42
C LYS A 983 5.10 19.78 -50.06
N ILE A 984 6.36 20.17 -50.09
CA ILE A 984 6.77 21.54 -49.80
C ILE A 984 7.74 22.03 -50.87
N ALA A 985 7.62 23.30 -51.25
CA ALA A 985 8.61 23.93 -52.12
C ALA A 985 9.53 24.80 -51.28
N PRO A 986 10.84 24.70 -51.53
CA PRO A 986 11.82 25.43 -50.73
C PRO A 986 11.90 26.91 -51.12
N PRO A 987 12.13 27.79 -50.13
CA PRO A 987 12.50 29.17 -50.46
C PRO A 987 13.80 29.18 -51.26
N ALA A 988 13.71 29.53 -52.54
CA ALA A 988 14.84 29.42 -53.45
C ALA A 988 15.99 30.36 -53.08
N SER A 989 17.04 29.80 -52.49
CA SER A 989 18.25 30.54 -52.18
C SER A 989 19.42 30.00 -52.99
N ASP A 990 20.57 30.67 -52.91
CA ASP A 990 21.79 30.13 -53.47
C ASP A 990 22.36 29.10 -52.51
N PHE A 991 21.97 27.84 -52.69
CA PHE A 991 22.30 26.79 -51.74
C PHE A 991 23.80 26.54 -51.63
N LEU A 992 24.53 26.73 -52.72
CA LEU A 992 25.98 26.55 -52.71
C LEU A 992 26.66 27.46 -51.70
N ALA A 993 26.06 28.63 -51.47
CA ALA A 993 26.53 29.55 -50.44
C ALA A 993 25.95 29.16 -49.09
N HIS A 994 24.70 28.71 -49.11
CA HIS A 994 24.01 28.27 -47.90
C HIS A 994 24.66 27.00 -47.35
N ILE A 995 25.14 26.15 -48.26
CA ILE A 995 25.86 24.95 -47.88
C ILE A 995 27.24 25.32 -47.35
N GLN A 996 27.89 26.27 -48.00
CA GLN A 996 29.26 26.67 -47.66
C GLN A 996 29.37 27.15 -46.22
N LYS A 997 28.32 27.82 -45.72
CA LYS A 997 28.28 28.27 -44.33
C LYS A 997 28.35 27.07 -43.39
N ASN A 998 27.36 26.19 -43.49
CA ASN A 998 27.39 24.91 -42.80
C ASN A 998 26.72 23.83 -43.66
N PRO A 999 27.43 22.74 -43.93
CA PRO A 999 26.98 21.67 -44.83
C PRO A 999 25.76 20.93 -44.31
N VAL A 1000 24.61 21.60 -44.31
CA VAL A 1000 23.38 21.00 -43.78
C VAL A 1000 22.23 21.11 -44.78
N LEU A 1001 21.59 19.99 -45.06
CA LEU A 1001 20.44 19.95 -45.94
C LEU A 1001 19.14 19.82 -45.15
N ASP A 1002 18.31 20.86 -45.21
CA ASP A 1002 17.01 20.81 -44.56
C ASP A 1002 15.95 21.55 -45.38
N CYS A 1003 14.83 21.86 -44.74
CA CYS A 1003 13.68 22.43 -45.43
C CYS A 1003 13.92 23.85 -45.94
N SER A 1004 14.99 24.48 -45.46
CA SER A 1004 15.32 25.83 -45.90
C SER A 1004 15.69 25.87 -47.38
N ILE A 1005 16.58 24.99 -47.80
CA ILE A 1005 17.08 25.00 -49.17
C ILE A 1005 16.51 23.86 -50.02
N ALA A 1006 16.05 22.81 -49.36
CA ALA A 1006 15.64 21.60 -50.06
C ALA A 1006 14.13 21.41 -50.09
N GLY A 1007 13.67 20.56 -50.99
CA GLY A 1007 12.27 20.19 -51.04
C GLY A 1007 11.94 19.28 -49.87
N CYS A 1008 10.87 19.60 -49.15
CA CYS A 1008 10.53 18.86 -47.95
C CYS A 1008 9.22 18.08 -48.08
N LEU A 1009 9.08 17.08 -47.22
CA LEU A 1009 7.87 16.28 -47.15
C LEU A 1009 7.30 16.34 -45.74
N ARG A 1010 6.23 17.13 -45.57
CA ARG A 1010 5.67 17.36 -44.25
C ARG A 1010 4.71 16.25 -43.82
N PHE A 1011 4.93 15.72 -42.63
CA PHE A 1011 4.04 14.73 -42.04
C PHE A 1011 3.27 15.32 -40.88
N ARG A 1012 1.94 15.19 -40.90
CA ARG A 1012 1.13 15.59 -39.76
C ARG A 1012 0.48 14.37 -39.11
N CYS A 1013 0.79 14.14 -37.84
CA CYS A 1013 0.18 13.06 -37.09
C CYS A 1013 -0.65 13.61 -35.93
N ASP A 1014 -1.97 13.50 -36.05
CA ASP A 1014 -2.87 14.05 -35.05
C ASP A 1014 -3.15 13.06 -33.92
N VAL A 1015 -2.99 13.54 -32.69
CA VAL A 1015 -3.35 12.77 -31.51
C VAL A 1015 -4.57 13.40 -30.85
N PRO A 1016 -5.72 12.71 -30.94
CA PRO A 1016 -6.99 13.25 -30.44
C PRO A 1016 -6.93 13.48 -28.94
N SER A 1017 -6.23 12.59 -28.23
CA SER A 1017 -6.03 12.74 -26.79
C SER A 1017 -4.67 12.19 -26.38
N PHE A 1018 -3.82 13.09 -25.86
CA PHE A 1018 -2.50 12.72 -25.39
C PHE A 1018 -2.51 12.58 -23.88
N SER A 1019 -2.61 11.35 -23.40
CA SER A 1019 -2.72 11.08 -21.96
C SER A 1019 -1.45 11.46 -21.20
N VAL A 1020 -1.61 11.67 -19.90
CA VAL A 1020 -0.49 12.02 -19.03
C VAL A 1020 0.52 10.87 -18.96
N GLN A 1021 1.81 11.22 -19.06
CA GLN A 1021 2.91 10.26 -18.98
C GLN A 1021 2.94 9.26 -20.13
N GLU A 1022 1.97 9.34 -21.03
CA GLU A 1022 1.94 8.48 -22.21
C GLU A 1022 3.09 8.84 -23.14
N GLU A 1023 3.63 7.83 -23.82
CA GLU A 1023 4.73 8.05 -24.74
C GLU A 1023 4.36 7.61 -26.16
N LEU A 1024 4.71 8.45 -27.13
CA LEU A 1024 4.46 8.14 -28.53
C LEU A 1024 5.77 7.88 -29.27
N ASP A 1025 5.83 6.77 -29.99
CA ASP A 1025 7.05 6.41 -30.71
C ASP A 1025 6.86 6.47 -32.22
N PHE A 1026 7.66 7.30 -32.87
CA PHE A 1026 7.57 7.47 -34.33
C PHE A 1026 8.87 7.10 -35.01
N THR A 1027 8.77 6.63 -36.25
CA THR A 1027 9.95 6.23 -37.02
C THR A 1027 9.84 6.65 -38.48
N LEU A 1028 10.77 7.49 -38.93
CA LEU A 1028 10.81 7.92 -40.32
C LEU A 1028 11.84 7.09 -41.08
N LYS A 1029 11.38 6.16 -41.89
CA LYS A 1029 12.28 5.29 -42.62
C LYS A 1029 12.19 5.50 -44.13
N GLY A 1030 13.29 5.31 -44.83
CA GLY A 1030 13.34 5.50 -46.27
C GLY A 1030 14.75 5.27 -46.81
N ASN A 1031 14.89 5.39 -48.12
CA ASN A 1031 16.17 5.15 -48.77
C ASN A 1031 16.89 6.45 -49.10
N LEU A 1032 18.03 6.66 -48.45
CA LEU A 1032 18.80 7.88 -48.64
C LEU A 1032 19.72 7.75 -49.86
N SER A 1033 19.56 8.65 -50.82
CA SER A 1033 20.33 8.59 -52.07
C SER A 1033 21.68 9.26 -51.96
N PHE A 1034 22.61 8.85 -52.82
CA PHE A 1034 23.99 9.35 -52.79
C PHE A 1034 24.26 10.40 -53.87
N GLY A 1035 23.59 10.26 -55.00
CA GLY A 1035 23.87 11.06 -56.18
C GLY A 1035 23.83 12.57 -56.01
N TRP A 1036 22.85 13.05 -55.24
CA TRP A 1036 22.61 14.48 -55.09
C TRP A 1036 23.75 15.22 -54.39
N VAL A 1037 24.65 14.49 -53.73
CA VAL A 1037 25.76 15.09 -53.00
C VAL A 1037 26.74 15.77 -53.96
N ARG A 1038 26.73 15.34 -55.21
CA ARG A 1038 27.62 15.91 -56.22
C ARG A 1038 27.24 17.34 -56.58
N GLN A 1039 26.03 17.76 -56.20
CA GLN A 1039 25.58 19.13 -56.41
C GLN A 1039 26.20 20.08 -55.39
N ILE A 1040 26.67 19.50 -54.29
CA ILE A 1040 27.04 20.25 -53.10
C ILE A 1040 28.47 20.79 -53.11
N LEU A 1041 29.37 20.01 -53.71
CA LEU A 1041 30.80 20.31 -53.76
C LEU A 1041 31.44 20.27 -52.38
N GLN A 1042 30.94 19.40 -51.52
CA GLN A 1042 31.54 19.16 -50.21
C GLN A 1042 31.84 17.68 -50.05
N LYS A 1043 32.83 17.36 -49.22
CA LYS A 1043 33.22 15.97 -49.01
C LYS A 1043 32.15 15.23 -48.22
N LYS A 1044 31.53 15.92 -47.27
CA LYS A 1044 30.49 15.33 -46.43
C LYS A 1044 29.37 16.33 -46.16
N VAL A 1045 28.17 15.82 -45.95
CA VAL A 1045 27.01 16.68 -45.74
C VAL A 1045 26.05 16.11 -44.68
N SER A 1046 25.40 16.99 -43.94
CA SER A 1046 24.43 16.60 -42.94
C SER A 1046 23.00 16.69 -43.45
N VAL A 1047 22.24 15.62 -43.28
CA VAL A 1047 20.82 15.60 -43.66
C VAL A 1047 19.94 15.67 -42.41
N VAL A 1048 19.18 16.75 -42.27
CA VAL A 1048 18.45 17.02 -41.04
C VAL A 1048 16.93 16.94 -41.20
N SER A 1049 16.28 16.19 -40.31
CA SER A 1049 14.82 16.17 -40.24
C SER A 1049 14.35 16.80 -38.94
N VAL A 1050 13.21 17.47 -38.97
CA VAL A 1050 12.72 18.20 -37.81
C VAL A 1050 11.34 17.70 -37.36
N ALA A 1051 11.21 17.48 -36.05
CA ALA A 1051 9.93 17.12 -35.45
C ALA A 1051 9.44 18.25 -34.55
N GLU A 1052 8.15 18.57 -34.64
CA GLU A 1052 7.59 19.66 -33.86
C GLU A 1052 6.17 19.37 -33.35
N ILE A 1053 5.96 19.66 -32.07
CA ILE A 1053 4.65 19.50 -31.44
C ILE A 1053 3.82 20.77 -31.60
N THR A 1054 2.53 20.61 -31.89
CA THR A 1054 1.61 21.74 -31.92
C THR A 1054 0.30 21.39 -31.23
N PHE A 1055 -0.09 22.22 -30.27
CA PHE A 1055 -1.41 22.11 -29.66
C PHE A 1055 -2.13 23.45 -29.79
N ASP A 1056 -3.42 23.48 -29.43
CA ASP A 1056 -4.19 24.71 -29.50
C ASP A 1056 -3.61 25.74 -28.53
N THR A 1057 -2.97 26.76 -29.09
CA THR A 1057 -2.22 27.73 -28.31
C THR A 1057 -3.10 28.71 -27.54
N SER A 1058 -4.39 28.73 -27.87
CA SER A 1058 -5.32 29.65 -27.20
C SER A 1058 -5.86 29.06 -25.90
N VAL A 1059 -5.91 27.74 -25.83
CA VAL A 1059 -6.40 27.06 -24.64
C VAL A 1059 -5.23 26.59 -23.77
N TYR A 1060 -4.11 26.30 -24.43
CA TYR A 1060 -2.96 25.73 -23.74
C TYR A 1060 -1.68 26.53 -23.92
N SER A 1061 -0.77 26.36 -22.96
CA SER A 1061 0.55 26.97 -23.03
C SER A 1061 1.59 26.01 -22.45
N GLN A 1062 2.68 25.83 -23.19
CA GLN A 1062 3.79 25.00 -22.72
C GLN A 1062 4.28 25.49 -21.36
N LEU A 1063 4.68 24.55 -20.51
CA LEU A 1063 5.21 24.87 -19.19
C LEU A 1063 6.26 25.97 -19.28
N PRO A 1064 6.03 27.09 -18.56
CA PRO A 1064 6.85 28.31 -18.68
C PRO A 1064 8.35 28.05 -18.46
N GLY A 1065 9.14 28.35 -19.48
CA GLY A 1065 10.58 28.15 -19.42
C GLY A 1065 11.03 26.93 -20.20
N GLN A 1066 10.08 26.08 -20.56
CA GLN A 1066 10.38 24.82 -21.23
C GLN A 1066 9.95 24.82 -22.70
N GLU A 1067 9.75 26.02 -23.26
CA GLU A 1067 9.22 26.16 -24.60
C GLU A 1067 10.11 25.55 -25.69
N ALA A 1068 11.42 25.53 -25.41
CA ALA A 1068 12.39 25.12 -26.42
C ALA A 1068 12.34 23.63 -26.76
N PHE A 1069 11.72 22.84 -25.90
CA PHE A 1069 11.73 21.39 -26.06
C PHE A 1069 10.61 20.87 -26.97
N MET A 1070 9.85 21.78 -27.57
CA MET A 1070 8.70 21.39 -28.35
C MET A 1070 9.06 21.03 -29.79
N ARG A 1071 10.29 21.34 -30.19
CA ARG A 1071 10.79 20.86 -31.48
C ARG A 1071 12.13 20.17 -31.30
N ALA A 1072 12.34 19.12 -32.09
CA ALA A 1072 13.58 18.36 -32.05
C ALA A 1072 14.10 18.13 -33.47
N GLN A 1073 15.33 17.66 -33.59
CA GLN A 1073 15.88 17.37 -34.91
C GLN A 1073 16.83 16.17 -34.86
N THR A 1074 17.04 15.57 -36.03
CA THR A 1074 17.90 14.40 -36.16
C THR A 1074 18.76 14.55 -37.40
N THR A 1075 20.04 14.19 -37.28
CA THR A 1075 21.00 14.38 -38.36
C THR A 1075 21.66 13.10 -38.81
N THR A 1076 21.71 12.88 -40.12
CA THR A 1076 22.42 11.75 -40.71
C THR A 1076 23.48 12.25 -41.68
N VAL A 1077 24.74 11.96 -41.38
CA VAL A 1077 25.86 12.48 -42.15
C VAL A 1077 26.26 11.59 -43.32
N LEU A 1078 26.23 12.12 -44.52
CA LEU A 1078 26.69 11.38 -45.69
C LEU A 1078 28.16 11.69 -45.95
N GLU A 1079 29.02 10.68 -45.81
CA GLU A 1079 30.46 10.84 -46.06
C GLU A 1079 30.90 9.99 -47.24
N LYS A 1080 31.80 10.53 -48.06
CA LYS A 1080 32.37 9.74 -49.14
C LYS A 1080 33.88 9.60 -49.03
N TYR A 1081 34.31 8.35 -48.89
CA TYR A 1081 35.73 8.02 -48.88
C TYR A 1081 36.19 7.74 -50.31
N LYS A 1082 37.48 7.54 -50.48
CA LYS A 1082 38.03 7.19 -51.79
C LYS A 1082 38.76 5.86 -51.70
N PRO A 1083 38.49 4.94 -52.64
CA PRO A 1083 39.14 3.63 -52.62
C PRO A 1083 40.60 3.69 -53.09
N GLN B 1 15.32 34.64 27.05
CA GLN B 1 14.48 33.66 26.36
C GLN B 1 13.21 34.33 25.84
N GLU B 2 12.20 33.53 25.51
CA GLU B 2 10.96 34.05 24.96
C GLU B 2 9.76 33.76 25.86
N CYS B 3 8.86 34.74 25.96
CA CYS B 3 7.61 34.58 26.69
C CYS B 3 6.48 35.31 25.97
N THR B 4 5.46 34.57 25.57
CA THR B 4 4.32 35.16 24.89
C THR B 4 3.05 34.98 25.72
N LYS B 5 2.31 36.07 25.89
CA LYS B 5 1.12 36.11 26.75
C LYS B 5 0.00 35.19 26.28
N PHE B 6 -0.62 34.50 27.24
CA PHE B 6 -1.83 33.74 26.99
C PHE B 6 -2.82 33.96 28.14
N LYS B 7 -2.61 33.25 29.25
CA LYS B 7 -3.39 33.48 30.46
C LYS B 7 -2.61 34.38 31.41
N VAL B 8 -3.10 35.59 31.62
CA VAL B 8 -2.36 36.61 32.36
C VAL B 8 -2.98 36.97 33.71
N SER B 9 -3.99 36.23 34.12
CA SER B 9 -4.74 36.58 35.32
C SER B 9 -4.03 36.19 36.62
N SER B 10 -3.31 35.07 36.60
CA SER B 10 -2.72 34.53 37.82
C SER B 10 -1.23 34.23 37.71
N CYS B 11 -0.64 33.79 38.82
CA CYS B 11 0.77 33.40 38.88
C CYS B 11 1.00 32.07 38.17
N ARG B 12 0.21 31.06 38.54
CA ARG B 12 0.31 29.74 37.94
C ARG B 12 -0.01 29.81 36.45
N GLU B 13 -0.96 30.66 36.10
CA GLU B 13 -1.36 30.84 34.71
C GLU B 13 -0.24 31.50 33.90
N CYS B 14 0.55 32.34 34.56
CA CYS B 14 1.68 32.99 33.91
C CYS B 14 2.74 31.96 33.55
N ILE B 15 2.88 30.94 34.38
CA ILE B 15 3.85 29.87 34.13
C ILE B 15 3.33 28.93 33.05
N GLU B 16 2.03 28.71 33.03
CA GLU B 16 1.40 27.84 32.03
C GLU B 16 1.45 28.45 30.63
N SER B 17 1.57 29.77 30.56
CA SER B 17 1.59 30.49 29.29
C SER B 17 2.79 30.09 28.43
N GLY B 18 3.96 30.04 29.05
CA GLY B 18 5.18 29.65 28.36
C GLY B 18 6.27 29.18 29.31
N PRO B 19 7.27 28.46 28.77
CA PRO B 19 8.41 27.93 29.54
C PRO B 19 9.44 29.01 29.84
N GLY B 20 9.30 30.18 29.21
CA GLY B 20 10.22 31.28 29.42
C GLY B 20 9.57 32.46 30.10
N CYS B 21 8.50 32.20 30.84
CA CYS B 21 7.76 33.27 31.51
C CYS B 21 8.07 33.33 33.00
N THR B 22 8.01 34.53 33.55
CA THR B 22 8.26 34.74 34.98
C THR B 22 7.20 35.67 35.58
N TRP B 23 6.98 35.56 36.88
CA TRP B 23 5.96 36.35 37.57
C TRP B 23 6.55 37.12 38.75
N CYS B 24 6.15 38.37 38.90
CA CYS B 24 6.67 39.24 39.96
C CYS B 24 5.67 39.38 41.11
N GLN B 25 6.14 39.20 42.33
CA GLN B 25 5.26 39.23 43.50
C GLN B 25 5.39 40.55 44.28
N LYS B 26 6.06 41.53 43.70
CA LYS B 26 6.15 42.86 44.29
C LYS B 26 4.79 43.52 44.39
N LEU B 27 4.35 43.81 45.60
CA LEU B 27 3.07 44.49 45.82
C LEU B 27 3.08 45.89 45.23
N ASN B 28 2.03 46.21 44.49
CA ASN B 28 1.90 47.49 43.79
C ASN B 28 3.09 47.76 42.87
N PHE B 29 3.54 46.71 42.19
CA PHE B 29 4.59 46.83 41.20
C PHE B 29 4.06 47.58 39.99
N THR B 30 2.74 47.54 39.84
CA THR B 30 2.08 48.20 38.73
C THR B 30 1.87 49.67 39.04
N GLY B 31 1.81 50.48 37.98
CA GLY B 31 1.46 51.88 38.13
C GLY B 31 -0.05 51.99 38.24
N PRO B 32 -0.54 53.20 38.52
CA PRO B 32 -2.00 53.41 38.66
C PRO B 32 -2.73 53.17 37.34
N GLY B 33 -2.06 53.45 36.23
CA GLY B 33 -2.65 53.25 34.92
C GLY B 33 -2.08 52.07 34.17
N ASP B 34 -1.68 51.04 34.92
CA ASP B 34 -1.12 49.83 34.31
C ASP B 34 -1.99 48.61 34.55
N PRO B 35 -2.05 47.71 33.56
CA PRO B 35 -2.67 46.39 33.76
C PRO B 35 -1.72 45.46 34.49
N ASP B 36 -2.23 44.35 35.01
CA ASP B 36 -1.37 43.39 35.70
C ASP B 36 -0.85 42.33 34.75
N SER B 37 -1.08 42.55 33.46
CA SER B 37 -0.58 41.65 32.43
C SER B 37 0.91 41.90 32.18
N ILE B 38 1.43 42.96 32.80
CA ILE B 38 2.84 43.29 32.69
C ILE B 38 3.63 42.67 33.84
N ARG B 39 2.92 42.06 34.79
CA ARG B 39 3.56 41.34 35.89
C ARG B 39 4.16 40.05 35.38
N CYS B 40 3.65 39.57 34.25
CA CYS B 40 4.14 38.34 33.65
C CYS B 40 4.97 38.63 32.41
N ASP B 41 6.26 38.32 32.47
CA ASP B 41 7.15 38.63 31.37
C ASP B 41 8.45 37.83 31.47
N THR B 42 9.34 38.02 30.49
CA THR B 42 10.64 37.40 30.53
C THR B 42 11.44 37.97 31.70
N ARG B 43 12.35 37.15 32.24
CA ARG B 43 13.20 37.59 33.35
C ARG B 43 14.02 38.85 33.04
N PRO B 44 14.57 38.97 31.81
CA PRO B 44 15.25 40.24 31.52
C PRO B 44 14.32 41.46 31.57
N GLN B 45 13.14 41.37 30.98
CA GLN B 45 12.22 42.51 30.91
C GLN B 45 11.56 42.79 32.27
N LEU B 46 11.70 41.87 33.21
CA LEU B 46 11.25 42.12 34.59
C LEU B 46 12.30 42.92 35.33
N LEU B 47 13.54 42.43 35.28
CA LEU B 47 14.70 43.13 35.84
C LEU B 47 14.88 44.50 35.21
N MET B 48 14.65 44.58 33.89
CA MET B 48 14.79 45.84 33.16
C MET B 48 13.75 46.85 33.63
N ARG B 49 12.60 46.35 34.07
CA ARG B 49 11.55 47.20 34.60
C ARG B 49 11.67 47.36 36.11
N GLY B 50 12.72 46.77 36.69
CA GLY B 50 13.04 46.99 38.09
C GLY B 50 12.52 45.96 39.07
N CYS B 51 11.98 44.87 38.56
CA CYS B 51 11.50 43.80 39.43
C CYS B 51 12.68 43.12 40.11
N ALA B 52 12.64 43.02 41.43
CA ALA B 52 13.73 42.48 42.22
C ALA B 52 14.03 41.03 41.86
N ALA B 53 15.28 40.62 42.06
CA ALA B 53 15.70 39.25 41.76
C ALA B 53 15.14 38.28 42.79
N ASP B 54 14.92 38.77 43.99
CA ASP B 54 14.39 37.96 45.08
C ASP B 54 12.96 37.53 44.82
N ASP B 55 12.14 38.48 44.35
CA ASP B 55 10.70 38.26 44.30
C ASP B 55 10.20 37.74 42.94
N ILE B 56 11.11 37.50 42.01
CA ILE B 56 10.73 36.93 40.72
C ILE B 56 10.40 35.46 40.87
N MET B 57 9.18 35.09 40.46
CA MET B 57 8.73 33.70 40.54
C MET B 57 9.04 32.95 39.25
N ASP B 58 10.02 32.06 39.32
CA ASP B 58 10.38 31.22 38.18
C ASP B 58 10.59 29.78 38.60
N PRO B 59 9.50 28.99 38.64
CA PRO B 59 9.58 27.55 38.93
C PRO B 59 10.37 26.84 37.84
N THR B 60 11.34 26.03 38.22
CA THR B 60 12.18 25.35 37.24
C THR B 60 12.17 23.83 37.44
N SER B 61 12.16 23.09 36.34
CA SER B 61 12.13 21.63 36.39
C SER B 61 13.35 21.08 37.12
N LEU B 62 13.09 20.14 38.03
CA LEU B 62 14.14 19.61 38.88
C LEU B 62 14.18 18.08 38.87
N ALA B 63 15.37 17.52 38.90
CA ALA B 63 15.56 16.08 39.01
C ALA B 63 16.22 15.73 40.33
N GLU B 64 15.60 14.83 41.10
CA GLU B 64 16.15 14.41 42.39
C GLU B 64 16.21 12.90 42.52
N THR B 65 17.41 12.37 42.76
CA THR B 65 17.60 10.94 42.89
C THR B 65 17.77 10.51 44.34
N GLN B 66 16.97 9.54 44.77
CA GLN B 66 17.26 8.86 46.03
C GLN B 66 18.01 7.57 45.67
N GLU B 67 19.22 7.46 46.20
CA GLU B 67 20.24 6.59 45.65
C GLU B 67 19.95 5.10 45.65
N ASP B 68 19.21 4.64 46.67
CA ASP B 68 19.02 3.21 47.00
C ASP B 68 20.28 2.64 47.65
N GLN B 73 23.82 -2.13 43.64
CA GLN B 73 23.71 -1.13 42.59
C GLN B 73 24.72 -1.37 41.48
N LYS B 74 25.19 -0.28 40.88
CA LYS B 74 26.34 -0.27 39.97
C LYS B 74 26.13 -0.94 38.62
N GLN B 75 24.93 -1.45 38.33
CA GLN B 75 24.62 -1.85 36.96
C GLN B 75 23.62 -0.87 36.37
N LEU B 76 22.44 -0.79 36.98
CA LEU B 76 21.48 0.24 36.62
C LEU B 76 21.20 1.13 37.81
N SER B 77 21.75 2.34 37.78
CA SER B 77 21.59 3.30 38.86
C SER B 77 21.34 4.70 38.31
N PRO B 78 20.48 5.48 38.98
CA PRO B 78 19.74 5.09 40.20
C PRO B 78 18.49 4.29 39.87
N GLN B 79 18.02 3.47 40.80
CA GLN B 79 16.83 2.67 40.55
C GLN B 79 15.57 3.38 41.03
N LYS B 80 15.75 4.59 41.54
CA LYS B 80 14.62 5.42 41.97
C LYS B 80 14.85 6.88 41.60
N VAL B 81 13.88 7.47 40.90
CA VAL B 81 13.97 8.85 40.44
C VAL B 81 12.64 9.59 40.64
N THR B 82 12.70 10.83 41.09
CA THR B 82 11.51 11.69 41.17
C THR B 82 11.71 12.97 40.35
N LEU B 83 10.85 13.18 39.37
CA LEU B 83 10.98 14.32 38.46
C LEU B 83 9.89 15.37 38.68
N TYR B 84 10.29 16.60 38.95
CA TYR B 84 9.37 17.72 39.03
C TYR B 84 9.43 18.50 37.72
N LEU B 85 8.32 18.52 36.99
CA LEU B 85 8.32 19.04 35.62
C LEU B 85 7.53 20.32 35.42
N ARG B 86 8.20 21.34 34.90
CA ARG B 86 7.50 22.50 34.37
C ARG B 86 7.18 22.24 32.90
N PRO B 87 5.96 22.61 32.46
CA PRO B 87 5.63 22.48 31.04
C PRO B 87 6.58 23.28 30.15
N GLY B 88 7.19 22.60 29.18
CA GLY B 88 8.08 23.27 28.24
C GLY B 88 9.55 23.19 28.62
N GLN B 89 9.82 23.05 29.91
CA GLN B 89 11.19 22.98 30.39
C GLN B 89 11.61 21.54 30.67
N ALA B 90 12.73 21.13 30.08
CA ALA B 90 13.19 19.75 30.17
C ALA B 90 14.03 19.48 31.40
N ALA B 91 13.60 18.52 32.21
CA ALA B 91 14.41 18.07 33.35
C ALA B 91 15.36 16.96 32.89
N ALA B 92 16.54 16.92 33.49
CA ALA B 92 17.55 15.95 33.08
C ALA B 92 18.17 15.24 34.28
N PHE B 93 18.39 13.93 34.12
CA PHE B 93 19.10 13.15 35.12
C PHE B 93 19.93 12.06 34.44
N ASN B 94 20.98 11.61 35.10
CA ASN B 94 21.88 10.63 34.50
C ASN B 94 21.65 9.18 34.94
N VAL B 95 21.80 8.27 34.00
CA VAL B 95 21.71 6.85 34.26
C VAL B 95 23.01 6.15 33.95
N THR B 96 23.59 5.51 34.95
CA THR B 96 24.87 4.83 34.80
C THR B 96 24.71 3.34 34.54
N PHE B 97 25.29 2.87 33.44
CA PHE B 97 25.30 1.44 33.14
C PHE B 97 26.71 0.88 33.15
N ARG B 98 26.99 0.02 34.13
CA ARG B 98 28.26 -0.68 34.23
C ARG B 98 28.03 -2.19 34.08
N ARG B 99 28.52 -2.74 32.97
CA ARG B 99 28.28 -4.14 32.63
C ARG B 99 28.82 -5.12 33.68
N ALA B 100 27.93 -5.95 34.21
CA ALA B 100 28.31 -6.98 35.19
C ALA B 100 29.04 -8.12 34.48
N LYS B 101 29.87 -8.85 35.22
CA LYS B 101 30.81 -9.78 34.58
C LYS B 101 30.39 -11.24 34.62
N GLY B 102 29.72 -11.68 35.69
CA GLY B 102 29.53 -13.11 35.88
C GLY B 102 28.10 -13.64 35.98
N TYR B 103 27.15 -12.96 35.34
CA TYR B 103 25.76 -13.38 35.42
C TYR B 103 25.49 -14.65 34.62
N PRO B 104 24.86 -15.65 35.25
CA PRO B 104 24.58 -16.98 34.70
C PRO B 104 23.81 -16.97 33.38
N ILE B 105 23.93 -18.05 32.62
CA ILE B 105 23.32 -18.14 31.29
C ILE B 105 22.60 -19.45 31.04
N ASP B 106 21.35 -19.37 30.61
CA ASP B 106 20.63 -20.52 30.07
C ASP B 106 20.66 -20.46 28.56
N LEU B 107 21.27 -21.46 27.93
CA LEU B 107 21.33 -21.51 26.47
C LEU B 107 20.48 -22.65 25.94
N TYR B 108 19.40 -22.31 25.26
CA TYR B 108 18.55 -23.32 24.64
C TYR B 108 18.86 -23.42 23.16
N TYR B 109 19.32 -24.58 22.73
CA TYR B 109 19.68 -24.81 21.33
C TYR B 109 18.48 -25.35 20.56
N LEU B 110 17.92 -24.50 19.69
CA LEU B 110 16.80 -24.90 18.86
C LEU B 110 17.28 -25.32 17.48
N MET B 111 17.27 -26.63 17.23
CA MET B 111 17.87 -27.17 16.02
C MET B 111 16.83 -27.47 14.93
N ASP B 112 17.17 -27.11 13.70
CA ASP B 112 16.37 -27.48 12.54
C ASP B 112 16.65 -28.94 12.19
N LEU B 113 15.61 -29.76 12.18
CA LEU B 113 15.76 -31.17 11.85
C LEU B 113 15.16 -31.50 10.48
N SER B 114 14.92 -30.49 9.67
CA SER B 114 14.44 -30.71 8.31
C SER B 114 15.54 -31.41 7.51
N TYR B 115 15.14 -32.10 6.45
CA TYR B 115 16.06 -32.97 5.70
C TYR B 115 17.27 -32.23 5.14
N SER B 116 17.11 -30.93 4.91
CA SER B 116 18.20 -30.12 4.38
C SER B 116 19.31 -29.96 5.41
N MET B 117 19.00 -30.23 6.67
CA MET B 117 19.97 -30.13 7.75
C MET B 117 20.57 -31.48 8.10
N LEU B 118 20.53 -32.41 7.15
CA LEU B 118 21.02 -33.77 7.36
C LEU B 118 22.49 -33.81 7.73
N ASP B 119 23.32 -33.16 6.91
CA ASP B 119 24.76 -33.14 7.14
C ASP B 119 25.11 -32.37 8.42
N ASP B 120 24.24 -31.45 8.81
CA ASP B 120 24.49 -30.61 9.98
C ASP B 120 24.28 -31.36 11.30
N LEU B 121 23.44 -32.38 11.28
CA LEU B 121 23.05 -33.08 12.50
C LEU B 121 24.21 -33.78 13.19
N ARG B 122 25.10 -34.36 12.39
CA ARG B 122 26.21 -35.14 12.92
C ARG B 122 27.12 -34.33 13.86
N ASN B 123 27.39 -33.08 13.48
CA ASN B 123 28.24 -32.22 14.30
C ASN B 123 27.54 -31.72 15.56
N VAL B 124 26.21 -31.65 15.51
CA VAL B 124 25.42 -31.16 16.63
C VAL B 124 25.37 -32.16 17.77
N LYS B 125 25.54 -33.44 17.46
CA LYS B 125 25.51 -34.47 18.49
C LYS B 125 26.78 -34.46 19.33
N LYS B 126 27.86 -33.96 18.75
CA LYS B 126 29.12 -33.83 19.47
C LYS B 126 29.18 -32.51 20.25
N LEU B 127 28.27 -31.61 19.91
CA LEU B 127 28.27 -30.24 20.42
C LEU B 127 28.19 -30.11 21.94
N GLY B 128 27.50 -31.05 22.58
CA GLY B 128 27.21 -30.99 24.00
C GLY B 128 28.34 -30.58 24.93
N GLY B 129 29.45 -31.32 24.85
CA GLY B 129 30.60 -31.05 25.69
C GLY B 129 31.21 -29.69 25.42
N ASP B 130 31.46 -29.41 24.15
CA ASP B 130 32.09 -28.15 23.74
C ASP B 130 31.21 -26.94 24.02
N LEU B 131 29.90 -27.12 23.88
CA LEU B 131 28.95 -26.03 24.10
C LEU B 131 28.94 -25.59 25.56
N LEU B 132 28.90 -26.56 26.47
CA LEU B 132 28.86 -26.27 27.89
C LEU B 132 30.22 -25.77 28.37
N ARG B 133 31.29 -26.27 27.75
CA ARG B 133 32.64 -25.84 28.08
C ARG B 133 32.83 -24.35 27.82
N ALA B 134 32.50 -23.92 26.61
CA ALA B 134 32.63 -22.51 26.23
C ALA B 134 31.69 -21.63 27.04
N LEU B 135 30.52 -22.18 27.37
CA LEU B 135 29.52 -21.46 28.14
C LEU B 135 30.01 -21.20 29.56
N ASN B 136 30.64 -22.21 30.16
CA ASN B 136 31.17 -22.06 31.50
C ASN B 136 32.45 -21.21 31.53
N GLU B 137 33.03 -20.95 30.36
CA GLU B 137 34.18 -20.06 30.28
C GLU B 137 33.73 -18.60 30.32
N ILE B 138 32.57 -18.34 29.74
CA ILE B 138 31.99 -17.01 29.75
C ILE B 138 31.52 -16.63 31.15
N THR B 139 30.60 -17.43 31.70
CA THR B 139 30.07 -17.20 33.04
C THR B 139 29.89 -18.50 33.81
N GLU B 140 29.66 -18.37 35.11
CA GLU B 140 29.37 -19.50 35.98
C GLU B 140 27.88 -19.86 35.86
N SER B 141 27.53 -21.03 36.41
CA SER B 141 26.16 -21.55 36.41
C SER B 141 25.66 -21.77 34.99
N GLY B 142 26.53 -22.28 34.13
CA GLY B 142 26.17 -22.62 32.77
C GLY B 142 25.10 -23.70 32.67
N ARG B 143 24.14 -23.49 31.78
CA ARG B 143 23.08 -24.47 31.57
CA ARG B 143 23.07 -24.46 31.57
C ARG B 143 22.72 -24.59 30.09
N ILE B 144 22.73 -25.82 29.59
CA ILE B 144 22.39 -26.06 28.19
C ILE B 144 21.13 -26.92 28.02
N GLY B 145 20.38 -26.60 26.97
CA GLY B 145 19.16 -27.30 26.65
C GLY B 145 19.03 -27.49 25.15
N PHE B 146 18.04 -28.29 24.74
CA PHE B 146 17.89 -28.64 23.34
C PHE B 146 16.42 -28.86 22.94
N GLY B 147 16.10 -28.45 21.72
CA GLY B 147 14.79 -28.65 21.14
C GLY B 147 14.88 -28.76 19.63
N SER B 148 13.84 -29.29 19.00
CA SER B 148 13.86 -29.51 17.56
C SER B 148 12.54 -29.12 16.89
N PHE B 149 12.64 -28.69 15.64
CA PHE B 149 11.48 -28.27 14.86
C PHE B 149 11.60 -28.69 13.40
N VAL B 150 10.47 -28.89 12.74
CA VAL B 150 10.46 -29.06 11.29
C VAL B 150 9.45 -28.10 10.68
N ASP B 151 8.16 -28.47 10.73
CA ASP B 151 7.10 -27.65 10.15
C ASP B 151 5.73 -28.16 10.57
N LYS B 152 4.69 -27.37 10.29
CA LYS B 152 3.31 -27.82 10.49
C LYS B 152 3.06 -29.04 9.64
N THR B 153 2.38 -30.04 10.20
CA THR B 153 2.26 -31.35 9.57
C THR B 153 1.14 -31.46 8.53
N VAL B 154 0.79 -30.34 7.90
CA VAL B 154 -0.26 -30.36 6.87
C VAL B 154 0.28 -29.91 5.51
N LEU B 155 -0.42 -30.26 4.44
CA LEU B 155 -0.09 -29.79 3.11
C LEU B 155 -0.35 -28.29 3.05
N PRO B 156 0.43 -27.54 2.25
CA PRO B 156 1.51 -27.99 1.35
C PRO B 156 2.85 -28.13 2.05
N PHE B 157 2.89 -27.83 3.35
CA PHE B 157 4.14 -27.83 4.10
C PHE B 157 4.74 -29.23 4.22
N VAL B 158 3.86 -30.21 4.44
CA VAL B 158 4.29 -31.59 4.65
C VAL B 158 3.44 -32.56 3.85
N ASN B 159 4.10 -33.46 3.11
CA ASN B 159 3.40 -34.56 2.45
C ASN B 159 2.68 -35.41 3.48
N THR B 160 1.35 -35.39 3.44
CA THR B 160 0.55 -36.04 4.47
C THR B 160 0.14 -37.47 4.11
N HIS B 161 0.64 -37.98 2.99
CA HIS B 161 0.42 -39.37 2.63
C HIS B 161 1.07 -40.26 3.69
N PRO B 162 0.31 -41.21 4.24
CA PRO B 162 0.73 -42.05 5.38
C PRO B 162 2.10 -42.68 5.21
N ASP B 163 2.48 -43.02 3.98
CA ASP B 163 3.78 -43.62 3.73
C ASP B 163 4.92 -42.60 3.86
N LYS B 164 4.68 -41.38 3.40
CA LYS B 164 5.69 -40.34 3.49
C LYS B 164 5.56 -39.54 4.78
N LEU B 165 4.51 -39.82 5.55
CA LEU B 165 4.41 -39.31 6.90
C LEU B 165 5.34 -40.10 7.80
N ARG B 166 5.42 -41.41 7.55
CA ARG B 166 6.26 -42.28 8.36
C ARG B 166 7.73 -42.20 7.95
N ASN B 167 7.97 -41.81 6.71
CA ASN B 167 9.35 -41.64 6.22
C ASN B 167 9.43 -40.54 5.16
N PRO B 168 9.66 -39.30 5.61
CA PRO B 168 9.69 -38.10 4.76
C PRO B 168 10.92 -37.98 3.87
N CYS B 169 12.02 -38.61 4.25
CA CYS B 169 13.28 -38.45 3.51
C CYS B 169 13.16 -39.04 2.10
N PRO B 170 13.64 -38.30 1.09
CA PRO B 170 13.50 -38.67 -0.32
C PRO B 170 14.17 -40.01 -0.62
N ASN B 171 15.48 -40.09 -0.41
CA ASN B 171 16.17 -41.36 -0.48
C ASN B 171 15.60 -42.33 0.54
N LYS B 172 15.71 -43.63 0.27
CA LYS B 172 15.36 -44.60 1.30
C LYS B 172 16.50 -44.71 2.29
N GLU B 173 16.54 -43.81 3.27
CA GLU B 173 17.49 -44.01 4.34
C GLU B 173 16.74 -44.42 5.59
N LYS B 174 17.44 -45.12 6.47
CA LYS B 174 16.79 -45.99 7.44
C LYS B 174 16.78 -45.37 8.83
N GLU B 175 17.30 -44.15 8.89
CA GLU B 175 17.58 -43.45 10.13
C GLU B 175 16.79 -42.17 10.17
N CYS B 176 15.49 -42.28 9.91
CA CYS B 176 14.67 -41.11 9.67
C CYS B 176 13.55 -41.01 10.68
N GLN B 177 12.90 -39.86 10.72
CA GLN B 177 11.87 -39.57 11.73
C GLN B 177 10.70 -38.81 11.11
N PRO B 178 9.46 -39.21 11.47
CA PRO B 178 8.25 -38.53 10.97
C PRO B 178 8.21 -37.04 11.31
N PRO B 179 7.67 -36.22 10.39
CA PRO B 179 7.61 -34.76 10.55
C PRO B 179 6.88 -34.31 11.81
N PHE B 180 7.28 -33.14 12.32
CA PHE B 180 6.67 -32.57 13.51
C PHE B 180 6.95 -31.08 13.58
N ALA B 181 6.02 -30.32 14.14
CA ALA B 181 6.17 -28.87 14.26
C ALA B 181 7.26 -28.49 15.25
N PHE B 182 7.16 -29.03 16.46
CA PHE B 182 8.15 -28.76 17.50
C PHE B 182 8.19 -29.82 18.59
N ARG B 183 9.39 -30.29 18.90
CA ARG B 183 9.59 -31.25 19.99
CA ARG B 183 9.58 -31.23 20.00
C ARG B 183 10.65 -30.74 20.96
N HIS B 184 10.35 -30.83 22.26
CA HIS B 184 11.29 -30.43 23.29
C HIS B 184 12.09 -31.63 23.78
N VAL B 185 13.37 -31.67 23.41
CA VAL B 185 14.21 -32.84 23.67
C VAL B 185 14.76 -32.87 25.10
N LEU B 186 15.37 -31.78 25.53
CA LEU B 186 16.03 -31.74 26.83
C LEU B 186 15.76 -30.45 27.60
N LYS B 187 15.23 -30.60 28.81
CA LYS B 187 15.07 -29.46 29.72
C LYS B 187 16.45 -28.92 30.10
N LEU B 188 16.55 -27.61 30.27
CA LEU B 188 17.82 -26.95 30.59
C LEU B 188 18.49 -27.56 31.81
N THR B 189 19.71 -28.05 31.62
CA THR B 189 20.45 -28.72 32.69
C THR B 189 21.94 -28.37 32.65
N ASP B 190 22.64 -28.66 33.75
CA ASP B 190 24.07 -28.42 33.82
C ASP B 190 24.86 -29.66 33.44
N ASN B 191 24.14 -30.75 33.17
CA ASN B 191 24.75 -32.01 32.79
C ASN B 191 25.03 -32.08 31.30
N SER B 192 26.30 -32.08 30.94
CA SER B 192 26.71 -32.15 29.55
C SER B 192 26.45 -33.54 28.96
N ASN B 193 26.62 -34.57 29.78
CA ASN B 193 26.49 -35.96 29.32
C ASN B 193 25.06 -36.33 28.93
N GLN B 194 24.09 -35.80 29.67
CA GLN B 194 22.68 -35.95 29.33
C GLN B 194 22.42 -35.47 27.92
N PHE B 195 22.78 -34.21 27.68
CA PHE B 195 22.65 -33.56 26.38
C PHE B 195 23.10 -34.48 25.24
N GLN B 196 24.32 -34.99 25.37
CA GLN B 196 24.89 -35.85 24.34
C GLN B 196 24.04 -37.10 24.08
N THR B 197 23.48 -37.68 25.14
CA THR B 197 22.73 -38.92 25.02
C THR B 197 21.29 -38.69 24.55
N GLU B 198 20.69 -37.61 25.03
CA GLU B 198 19.29 -37.30 24.69
C GLU B 198 19.17 -36.73 23.28
N VAL B 199 20.11 -35.87 22.90
CA VAL B 199 20.13 -35.32 21.55
C VAL B 199 20.58 -36.40 20.57
N GLY B 200 21.40 -37.32 21.06
CA GLY B 200 21.87 -38.43 20.24
C GLY B 200 20.76 -39.31 19.73
N LYS B 201 19.71 -39.48 20.53
CA LYS B 201 18.58 -40.31 20.16
C LYS B 201 17.75 -39.67 19.06
N GLN B 202 17.85 -38.35 18.93
CA GLN B 202 17.08 -37.60 17.94
C GLN B 202 17.52 -37.93 16.52
N LEU B 203 16.54 -38.17 15.65
CA LEU B 203 16.83 -38.51 14.25
C LEU B 203 16.55 -37.34 13.32
N ILE B 204 17.00 -37.47 12.08
CA ILE B 204 16.72 -36.49 11.04
C ILE B 204 15.29 -36.67 10.54
N SER B 205 14.65 -35.58 10.15
CA SER B 205 13.30 -35.64 9.62
C SER B 205 13.26 -35.00 8.23
N GLY B 206 12.06 -34.69 7.75
CA GLY B 206 11.91 -34.05 6.47
C GLY B 206 10.51 -33.50 6.24
N ASN B 207 10.37 -32.66 5.23
CA ASN B 207 9.08 -32.13 4.84
C ASN B 207 9.14 -31.56 3.42
N LEU B 208 8.11 -30.84 2.99
CA LEU B 208 7.94 -30.55 1.57
C LEU B 208 8.57 -29.23 1.11
N ASP B 209 8.22 -28.12 1.75
CA ASP B 209 8.66 -26.82 1.27
C ASP B 209 9.84 -26.25 2.05
N ALA B 210 10.61 -25.37 1.38
CA ALA B 210 11.87 -24.88 1.91
C ALA B 210 11.75 -24.09 3.23
N PRO B 211 10.88 -23.05 3.29
CA PRO B 211 10.79 -22.40 4.60
C PRO B 211 10.17 -23.33 5.64
N GLU B 212 10.60 -23.20 6.89
CA GLU B 212 10.18 -24.12 7.93
C GLU B 212 9.40 -23.40 9.03
N GLY B 213 8.82 -24.18 9.94
CA GLY B 213 8.02 -23.63 11.01
C GLY B 213 8.84 -23.31 12.25
N GLY B 214 10.01 -22.71 12.04
CA GLY B 214 10.89 -22.37 13.15
C GLY B 214 10.28 -21.39 14.12
N LEU B 215 9.53 -20.43 13.60
CA LEU B 215 8.92 -19.39 14.44
C LEU B 215 7.87 -19.97 15.36
N ASP B 216 7.20 -21.03 14.91
CA ASP B 216 6.29 -21.77 15.77
C ASP B 216 7.03 -22.29 16.99
N ALA B 217 8.25 -22.79 16.77
CA ALA B 217 9.05 -23.37 17.84
C ALA B 217 9.49 -22.33 18.85
N MET B 218 10.06 -21.23 18.34
CA MET B 218 10.55 -20.14 19.18
C MET B 218 9.45 -19.57 20.08
N MET B 219 8.26 -19.42 19.50
CA MET B 219 7.10 -18.94 20.22
C MET B 219 6.74 -19.84 21.39
N GLN B 220 6.84 -21.15 21.17
CA GLN B 220 6.56 -22.12 22.21
C GLN B 220 7.62 -22.10 23.29
N VAL B 221 8.87 -21.94 22.87
CA VAL B 221 10.00 -21.86 23.81
C VAL B 221 9.83 -20.67 24.76
N ALA B 222 9.35 -19.55 24.23
CA ALA B 222 9.15 -18.35 25.02
C ALA B 222 7.91 -18.45 25.91
N ALA B 223 6.92 -19.22 25.48
CA ALA B 223 5.63 -19.28 26.16
C ALA B 223 5.58 -20.39 27.21
N CYS B 224 6.58 -21.27 27.22
CA CYS B 224 6.62 -22.38 28.17
C CYS B 224 7.90 -22.39 28.99
N PRO B 225 8.08 -21.39 29.88
CA PRO B 225 9.32 -21.29 30.64
C PRO B 225 9.47 -22.40 31.67
N GLU B 226 8.36 -22.96 32.13
CA GLU B 226 8.39 -24.04 33.12
C GLU B 226 8.81 -25.36 32.49
N GLU B 227 8.29 -25.65 31.30
CA GLU B 227 8.64 -26.86 30.56
C GLU B 227 10.09 -26.81 30.09
N ILE B 228 10.48 -25.68 29.52
CA ILE B 228 11.85 -25.50 29.06
C ILE B 228 12.83 -25.49 30.22
N GLY B 229 12.47 -24.75 31.26
CA GLY B 229 13.25 -24.74 32.49
C GLY B 229 14.21 -23.57 32.59
N TRP B 230 13.80 -22.42 32.07
CA TRP B 230 14.60 -21.21 32.18
C TRP B 230 14.75 -20.79 33.64
N ARG B 231 15.97 -20.44 34.04
CA ARG B 231 16.15 -19.71 35.28
C ARG B 231 15.84 -18.26 34.98
N LYS B 232 15.77 -17.42 36.01
CA LYS B 232 15.50 -16.01 35.80
C LYS B 232 16.78 -15.25 35.49
N VAL B 233 17.74 -15.97 34.90
CA VAL B 233 19.02 -15.39 34.51
C VAL B 233 18.99 -14.95 33.06
N THR B 234 20.15 -14.61 32.51
CA THR B 234 20.27 -14.25 31.10
C THR B 234 19.93 -15.45 30.21
N ARG B 235 19.09 -15.23 29.21
CA ARG B 235 18.56 -16.31 28.40
C ARG B 235 19.00 -16.23 26.94
N LEU B 236 19.58 -17.31 26.43
CA LEU B 236 19.98 -17.38 25.04
C LEU B 236 19.19 -18.45 24.29
N LEU B 237 18.69 -18.08 23.11
CA LEU B 237 18.00 -19.03 22.26
C LEU B 237 18.71 -19.13 20.92
N VAL B 238 19.45 -20.22 20.71
CA VAL B 238 20.19 -20.41 19.48
C VAL B 238 19.33 -21.04 18.39
N PHE B 239 19.02 -20.24 17.37
CA PHE B 239 18.20 -20.69 16.26
C PHE B 239 19.09 -21.08 15.08
N ALA B 240 19.11 -22.36 14.74
CA ALA B 240 20.01 -22.89 13.72
C ALA B 240 19.28 -23.52 12.54
N THR B 241 19.47 -22.94 11.34
CA THR B 241 18.80 -23.42 10.13
C THR B 241 19.58 -23.04 8.87
N ASP B 242 19.20 -23.63 7.74
CA ASP B 242 19.85 -23.36 6.47
C ASP B 242 18.91 -22.68 5.47
N ASP B 243 17.71 -22.32 5.94
CA ASP B 243 16.68 -21.80 5.05
C ASP B 243 15.83 -20.71 5.70
N GLY B 244 14.74 -20.36 5.02
CA GLY B 244 13.82 -19.35 5.49
C GLY B 244 12.87 -19.85 6.55
N PHE B 245 11.83 -19.06 6.81
CA PHE B 245 10.85 -19.40 7.84
C PHE B 245 9.44 -18.98 7.46
N HIS B 246 8.46 -19.76 7.90
CA HIS B 246 7.06 -19.38 7.78
C HIS B 246 6.70 -18.37 8.86
N PHE B 247 5.85 -17.41 8.52
CA PHE B 247 5.29 -16.52 9.51
C PHE B 247 3.78 -16.40 9.31
N ALA B 248 3.15 -15.49 10.04
CA ALA B 248 1.71 -15.34 10.04
C ALA B 248 1.18 -15.05 8.63
N GLY B 249 0.09 -15.73 8.28
CA GLY B 249 -0.53 -15.57 6.98
C GLY B 249 -0.29 -16.77 6.08
N ASP B 250 0.77 -17.52 6.36
CA ASP B 250 1.11 -18.68 5.55
C ASP B 250 0.23 -19.88 5.86
N GLY B 251 -0.44 -19.83 7.02
CA GLY B 251 -1.29 -20.92 7.43
C GLY B 251 -2.55 -21.08 6.61
N LYS B 252 -2.90 -20.03 5.86
CA LYS B 252 -4.11 -20.04 5.06
C LYS B 252 -4.03 -21.07 3.94
N LEU B 253 -2.81 -21.40 3.52
CA LEU B 253 -2.61 -22.43 2.51
C LEU B 253 -3.03 -23.80 3.03
N GLY B 254 -2.96 -23.98 4.35
CA GLY B 254 -3.44 -25.19 4.98
C GLY B 254 -4.81 -24.99 5.60
N ALA B 255 -5.50 -23.96 5.14
CA ALA B 255 -6.81 -23.57 5.66
C ALA B 255 -6.76 -23.33 7.17
N ILE B 256 -5.69 -22.70 7.63
CA ILE B 256 -5.54 -22.34 9.04
C ILE B 256 -5.59 -20.83 9.20
N LEU B 257 -6.68 -20.34 9.78
CA LEU B 257 -6.94 -18.90 9.84
C LEU B 257 -6.83 -18.34 11.26
N THR B 258 -6.73 -19.24 12.24
CA THR B 258 -6.68 -18.81 13.64
C THR B 258 -5.29 -18.34 14.04
N PRO B 259 -5.19 -17.07 14.45
CA PRO B 259 -3.91 -16.45 14.88
C PRO B 259 -3.27 -17.18 16.04
N ASN B 260 -1.94 -17.15 16.10
CA ASN B 260 -1.22 -17.70 17.24
C ASN B 260 -1.53 -16.87 18.48
N ASP B 261 -2.04 -17.52 19.51
CA ASP B 261 -2.48 -16.82 20.71
C ASP B 261 -1.33 -16.53 21.68
N GLY B 262 -0.13 -16.96 21.30
CA GLY B 262 1.06 -16.72 22.09
C GLY B 262 0.99 -17.34 23.48
N ARG B 263 0.52 -18.58 23.54
CA ARG B 263 0.43 -19.31 24.80
C ARG B 263 1.07 -20.69 24.66
N CYS B 264 1.25 -21.37 25.78
CA CYS B 264 1.91 -22.67 25.79
C CYS B 264 0.97 -23.80 25.38
N HIS B 265 1.34 -24.52 24.33
CA HIS B 265 0.55 -25.65 23.85
C HIS B 265 1.41 -26.92 23.76
N LEU B 266 1.84 -27.43 24.90
CA LEU B 266 2.71 -28.60 24.91
C LEU B 266 2.04 -29.85 25.46
N GLU B 267 1.98 -30.88 24.63
CA GLU B 267 1.49 -32.18 25.04
C GLU B 267 2.61 -33.21 24.95
N ASP B 268 3.20 -33.55 26.09
CA ASP B 268 4.31 -34.49 26.14
C ASP B 268 5.47 -34.05 25.26
N ASN B 269 6.07 -32.91 25.59
CA ASN B 269 7.20 -32.35 24.86
C ASN B 269 6.91 -32.15 23.37
N LEU B 270 5.66 -31.86 23.05
CA LEU B 270 5.25 -31.72 21.65
C LEU B 270 4.20 -30.63 21.43
N TYR B 271 4.29 -29.97 20.29
CA TYR B 271 3.32 -28.96 19.88
C TYR B 271 2.26 -29.62 18.99
N LYS B 272 1.25 -30.22 19.62
CA LYS B 272 0.28 -31.04 18.90
C LYS B 272 -0.83 -30.21 18.27
N ARG B 273 -1.17 -29.08 18.87
CA ARG B 273 -2.20 -28.21 18.31
C ARG B 273 -1.62 -27.28 17.24
N SER B 274 -0.48 -27.67 16.70
CA SER B 274 0.24 -26.83 15.74
C SER B 274 -0.55 -26.53 14.47
N ASN B 275 -1.47 -27.42 14.13
CA ASN B 275 -2.25 -27.27 12.91
C ASN B 275 -3.57 -26.54 13.18
N GLU B 276 -3.84 -26.29 14.46
CA GLU B 276 -5.03 -25.56 14.86
C GLU B 276 -4.75 -24.06 14.92
N PHE B 277 -3.47 -23.70 14.86
CA PHE B 277 -3.07 -22.29 14.93
C PHE B 277 -2.17 -21.91 13.76
N ASP B 278 -2.20 -20.63 13.40
CA ASP B 278 -1.37 -20.10 12.34
C ASP B 278 0.04 -19.84 12.87
N TYR B 279 1.02 -19.75 11.97
CA TYR B 279 2.36 -19.35 12.34
C TYR B 279 2.31 -17.99 13.03
N PRO B 280 3.15 -17.78 14.05
CA PRO B 280 3.15 -16.50 14.75
C PRO B 280 3.69 -15.38 13.89
N SER B 281 3.25 -14.15 14.14
CA SER B 281 3.79 -12.99 13.46
C SER B 281 5.18 -12.70 14.01
N VAL B 282 6.02 -12.07 13.19
CA VAL B 282 7.34 -11.65 13.65
C VAL B 282 7.15 -10.62 14.75
N GLY B 283 6.17 -9.73 14.57
CA GLY B 283 5.82 -8.75 15.57
C GLY B 283 5.28 -9.38 16.84
N GLN B 284 4.60 -10.51 16.68
CA GLN B 284 4.13 -11.30 17.82
C GLN B 284 5.30 -11.88 18.59
N LEU B 285 6.17 -12.57 17.85
CA LEU B 285 7.33 -13.24 18.41
C LEU B 285 8.26 -12.25 19.11
N ALA B 286 8.55 -11.14 18.44
CA ALA B 286 9.40 -10.10 19.00
C ALA B 286 8.92 -9.64 20.36
N HIS B 287 7.61 -9.46 20.50
CA HIS B 287 7.02 -9.03 21.75
C HIS B 287 7.15 -10.10 22.83
N LYS B 288 6.85 -11.34 22.45
CA LYS B 288 6.89 -12.45 23.40
C LYS B 288 8.33 -12.72 23.85
N LEU B 289 9.27 -12.56 22.94
CA LEU B 289 10.69 -12.75 23.26
C LEU B 289 11.19 -11.67 24.21
N ALA B 290 10.93 -10.42 23.85
CA ALA B 290 11.39 -9.28 24.64
C ALA B 290 10.76 -9.27 26.03
N GLU B 291 9.53 -9.79 26.13
CA GLU B 291 8.82 -9.83 27.39
C GLU B 291 9.41 -10.85 28.35
N ASN B 292 9.95 -11.94 27.80
CA ASN B 292 10.57 -12.97 28.62
C ASN B 292 12.09 -12.84 28.65
N ASN B 293 12.57 -11.72 28.11
CA ASN B 293 14.00 -11.43 28.04
CA ASN B 293 14.00 -11.44 28.06
C ASN B 293 14.80 -12.58 27.44
N ILE B 294 14.26 -13.17 26.37
CA ILE B 294 14.96 -14.24 25.67
C ILE B 294 15.62 -13.68 24.42
N GLN B 295 16.96 -13.65 24.44
CA GLN B 295 17.72 -13.13 23.31
C GLN B 295 18.02 -14.22 22.30
N PRO B 296 17.41 -14.12 21.10
CA PRO B 296 17.65 -15.12 20.06
C PRO B 296 18.99 -14.93 19.35
N ILE B 297 19.69 -16.03 19.12
CA ILE B 297 20.88 -16.03 18.29
C ILE B 297 20.60 -16.82 17.03
N PHE B 298 20.50 -16.12 15.90
CA PHE B 298 20.17 -16.76 14.64
C PHE B 298 21.40 -17.28 13.92
N ALA B 299 21.63 -18.58 14.05
CA ALA B 299 22.74 -19.25 13.36
C ALA B 299 22.29 -19.79 12.02
N VAL B 300 22.46 -18.99 10.97
CA VAL B 300 21.98 -19.36 9.65
C VAL B 300 23.12 -19.44 8.63
N THR B 301 22.95 -20.26 7.61
CA THR B 301 23.96 -20.41 6.56
C THR B 301 24.17 -19.10 5.81
N SER B 302 25.24 -19.04 5.02
CA SER B 302 25.64 -17.81 4.33
C SER B 302 24.54 -17.25 3.45
N ARG B 303 23.82 -18.14 2.78
CA ARG B 303 22.76 -17.76 1.86
C ARG B 303 21.58 -17.10 2.56
N MET B 304 21.48 -17.30 3.87
CA MET B 304 20.34 -16.83 4.65
C MET B 304 20.67 -15.73 5.66
N VAL B 305 21.89 -15.23 5.65
CA VAL B 305 22.33 -14.29 6.68
C VAL B 305 21.67 -12.92 6.53
N LYS B 306 21.69 -12.37 5.31
CA LYS B 306 21.14 -11.04 5.07
C LYS B 306 19.66 -10.97 5.40
N THR B 307 18.94 -12.07 5.17
CA THR B 307 17.51 -12.15 5.45
C THR B 307 17.23 -12.07 6.95
N TYR B 308 17.82 -12.98 7.71
CA TYR B 308 17.63 -13.03 9.16
C TYR B 308 18.15 -11.77 9.85
N GLU B 309 19.06 -11.06 9.19
CA GLU B 309 19.60 -9.82 9.72
C GLU B 309 18.50 -8.78 9.90
N LYS B 310 17.48 -8.84 9.04
CA LYS B 310 16.38 -7.89 9.08
C LYS B 310 15.56 -8.01 10.36
N LEU B 311 15.50 -9.21 10.91
CA LEU B 311 14.77 -9.46 12.15
C LEU B 311 15.33 -8.66 13.31
N THR B 312 16.63 -8.40 13.26
CA THR B 312 17.32 -7.70 14.33
C THR B 312 16.84 -6.26 14.47
N GLU B 313 16.20 -5.74 13.44
CA GLU B 313 15.63 -4.39 13.48
C GLU B 313 14.35 -4.40 14.30
N ILE B 314 13.59 -5.48 14.21
CA ILE B 314 12.35 -5.62 14.96
C ILE B 314 12.65 -6.16 16.36
N ILE B 315 13.57 -7.13 16.43
CA ILE B 315 14.02 -7.68 17.71
C ILE B 315 15.33 -7.03 18.14
N PRO B 316 15.27 -6.10 19.11
CA PRO B 316 16.42 -5.29 19.54
C PRO B 316 17.58 -6.14 20.08
N LYS B 317 17.26 -7.10 20.95
CA LYS B 317 18.29 -7.95 21.51
C LYS B 317 18.36 -9.28 20.78
N SER B 318 18.96 -9.26 19.58
CA SER B 318 19.18 -10.46 18.79
C SER B 318 20.45 -10.29 17.97
N ALA B 319 21.02 -11.40 17.52
CA ALA B 319 22.23 -11.34 16.71
C ALA B 319 22.25 -12.45 15.67
N VAL B 320 22.88 -12.16 14.53
CA VAL B 320 23.00 -13.14 13.46
C VAL B 320 24.46 -13.52 13.23
N GLY B 321 24.74 -14.81 13.28
CA GLY B 321 26.08 -15.33 13.01
C GLY B 321 26.03 -16.37 11.91
N GLU B 322 26.99 -16.30 10.99
CA GLU B 322 27.01 -17.19 9.84
C GLU B 322 27.40 -18.62 10.24
N LEU B 323 26.55 -19.57 9.87
CA LEU B 323 26.78 -20.98 10.20
C LEU B 323 27.55 -21.67 9.08
N SER B 324 28.66 -22.32 9.43
CA SER B 324 29.46 -23.04 8.44
C SER B 324 28.69 -24.21 7.86
N GLU B 325 29.20 -24.75 6.75
CA GLU B 325 28.49 -25.73 5.94
C GLU B 325 27.88 -26.90 6.73
N ASP B 326 28.68 -27.50 7.60
CA ASP B 326 28.20 -28.65 8.38
C ASP B 326 28.04 -28.31 9.86
N SER B 327 27.79 -27.03 10.15
CA SER B 327 27.63 -26.54 11.51
C SER B 327 28.84 -26.87 12.38
N SER B 328 30.02 -26.62 11.83
CA SER B 328 31.27 -26.90 12.54
C SER B 328 31.69 -25.72 13.42
N ASN B 329 31.30 -24.53 13.01
CA ASN B 329 31.71 -23.30 13.70
C ASN B 329 30.65 -22.77 14.67
N VAL B 330 29.66 -23.61 14.97
CA VAL B 330 28.51 -23.19 15.76
C VAL B 330 28.91 -22.60 17.13
N VAL B 331 29.91 -23.19 17.76
CA VAL B 331 30.35 -22.72 19.07
C VAL B 331 31.02 -21.33 18.99
N GLN B 332 31.91 -21.15 18.02
CA GLN B 332 32.57 -19.87 17.83
C GLN B 332 31.54 -18.82 17.40
N LEU B 333 30.49 -19.30 16.73
CA LEU B 333 29.38 -18.45 16.30
C LEU B 333 28.63 -17.89 17.51
N ILE B 334 28.32 -18.76 18.46
CA ILE B 334 27.53 -18.39 19.63
C ILE B 334 28.24 -17.35 20.49
N LYS B 335 29.53 -17.57 20.75
CA LYS B 335 30.32 -16.66 21.57
C LYS B 335 30.48 -15.29 20.89
N ASN B 336 30.75 -15.31 19.59
CA ASN B 336 30.83 -14.07 18.82
C ASN B 336 29.49 -13.33 18.81
N ALA B 337 28.41 -14.10 18.83
CA ALA B 337 27.07 -13.54 18.88
C ALA B 337 26.79 -12.97 20.27
N TYR B 338 27.26 -13.67 21.30
CA TYR B 338 27.06 -13.21 22.67
C TYR B 338 27.80 -11.91 22.94
N ASN B 339 29.01 -11.79 22.40
CA ASN B 339 29.77 -10.55 22.50
C ASN B 339 29.04 -9.41 21.82
N LYS B 340 28.52 -9.70 20.63
CA LYS B 340 27.76 -8.72 19.87
C LYS B 340 26.54 -8.24 20.65
N LEU B 341 25.89 -9.18 21.33
CA LEU B 341 24.74 -8.87 22.17
C LEU B 341 25.15 -8.05 23.39
N SER B 342 26.23 -8.48 24.04
CA SER B 342 26.66 -7.89 25.29
C SER B 342 27.38 -6.55 25.11
N SER B 343 28.02 -6.37 23.96
CA SER B 343 28.76 -5.13 23.69
C SER B 343 27.82 -3.97 23.41
N ARG B 344 26.62 -4.28 22.94
CA ARG B 344 25.65 -3.22 22.65
C ARG B 344 24.57 -3.17 23.70
N VAL B 345 24.31 -1.96 24.21
CA VAL B 345 23.34 -1.76 25.28
C VAL B 345 22.27 -0.74 24.89
N PHE B 346 21.02 -1.16 24.97
CA PHE B 346 19.90 -0.26 24.67
C PHE B 346 19.21 0.20 25.95
N LEU B 347 18.96 1.50 26.04
CA LEU B 347 18.20 2.03 27.16
C LEU B 347 16.86 2.58 26.68
N ASP B 348 15.77 2.05 27.20
CA ASP B 348 14.44 2.42 26.74
C ASP B 348 13.46 2.56 27.90
N HIS B 349 12.30 3.14 27.60
CA HIS B 349 11.24 3.34 28.58
C HIS B 349 9.99 2.57 28.17
N ASN B 350 9.22 2.11 29.15
CA ASN B 350 7.94 1.50 28.85
C ASN B 350 6.96 2.55 28.34
N ALA B 351 5.74 2.11 28.02
CA ALA B 351 4.72 2.96 27.41
C ALA B 351 4.61 4.36 28.00
N LEU B 352 4.56 5.36 27.12
CA LEU B 352 4.47 6.74 27.53
C LEU B 352 3.15 7.39 27.13
N PRO B 353 2.62 8.24 28.02
CA PRO B 353 1.44 9.07 27.76
C PRO B 353 1.72 10.11 26.68
N ASP B 354 0.67 10.77 26.21
CA ASP B 354 0.80 11.76 25.14
C ASP B 354 1.37 13.08 25.66
N THR B 355 1.44 13.22 26.98
CA THR B 355 1.91 14.45 27.59
C THR B 355 3.43 14.47 27.76
N LEU B 356 4.01 13.30 28.01
CA LEU B 356 5.43 13.19 28.28
C LEU B 356 6.25 12.75 27.07
N LYS B 357 7.35 13.45 26.83
CA LYS B 357 8.28 13.09 25.76
C LYS B 357 9.68 12.88 26.34
N VAL B 358 10.30 11.76 26.00
CA VAL B 358 11.59 11.41 26.57
C VAL B 358 12.65 11.13 25.49
N THR B 359 13.79 11.81 25.60
CA THR B 359 14.91 11.59 24.70
C THR B 359 16.15 11.17 25.49
N TYR B 360 17.13 10.61 24.80
CA TYR B 360 18.32 10.08 25.44
C TYR B 360 19.63 10.63 24.87
N ASP B 361 20.55 11.00 25.75
CA ASP B 361 21.92 11.28 25.36
C ASP B 361 22.79 10.09 25.75
N SER B 362 23.55 9.57 24.80
CA SER B 362 24.36 8.38 25.03
C SER B 362 25.85 8.72 25.11
N PHE B 363 26.45 8.49 26.27
CA PHE B 363 27.88 8.70 26.45
C PHE B 363 28.59 7.37 26.63
N CYS B 364 29.27 6.92 25.58
CA CYS B 364 29.87 5.60 25.56
C CYS B 364 31.36 5.61 25.89
N SER B 365 31.84 4.51 26.46
CA SER B 365 33.26 4.32 26.69
C SER B 365 33.95 3.98 25.38
N ASN B 366 33.14 3.68 24.36
CA ASN B 366 33.61 3.41 23.01
C ASN B 366 34.35 4.63 22.43
N GLY B 367 33.95 5.81 22.87
CA GLY B 367 34.51 7.04 22.36
C GLY B 367 33.51 7.74 21.45
N VAL B 368 32.30 7.19 21.41
CA VAL B 368 31.23 7.74 20.58
C VAL B 368 30.12 8.30 21.45
N THR B 369 29.50 9.40 21.02
CA THR B 369 28.44 10.03 21.78
C THR B 369 27.27 10.46 20.90
N HIS B 370 26.07 10.03 21.29
CA HIS B 370 24.84 10.42 20.58
C HIS B 370 24.03 11.37 21.45
N ARG B 371 23.40 12.35 20.82
CA ARG B 371 22.64 13.36 21.55
C ARG B 371 21.17 13.38 21.15
N ASN B 372 20.29 13.34 22.16
CA ASN B 372 18.86 13.47 21.97
C ASN B 372 18.25 12.42 21.05
N GLN B 373 18.58 11.16 21.27
CA GLN B 373 17.97 10.06 20.54
C GLN B 373 16.78 9.51 21.31
N PRO B 374 15.77 8.97 20.60
CA PRO B 374 14.57 8.45 21.27
C PRO B 374 14.84 7.18 22.08
N ARG B 375 16.03 6.60 21.89
CA ARG B 375 16.42 5.41 22.62
C ARG B 375 17.92 5.41 22.88
N GLY B 376 18.31 5.14 24.11
CA GLY B 376 19.72 5.07 24.47
C GLY B 376 20.42 3.96 23.72
N ASP B 377 21.50 4.29 23.01
CA ASP B 377 22.19 3.33 22.16
C ASP B 377 23.70 3.43 22.28
N CYS B 378 24.29 2.44 22.95
CA CYS B 378 25.74 2.41 23.10
C CYS B 378 26.28 1.04 22.67
N ASP B 379 27.25 1.04 21.77
CA ASP B 379 27.87 -0.21 21.33
C ASP B 379 29.32 -0.23 21.82
N GLY B 380 29.92 -1.42 21.83
CA GLY B 380 31.29 -1.58 22.26
C GLY B 380 31.47 -1.43 23.76
N VAL B 381 30.41 -1.77 24.51
CA VAL B 381 30.45 -1.70 25.96
C VAL B 381 31.34 -2.79 26.55
N GLN B 382 32.35 -2.36 27.29
CA GLN B 382 33.30 -3.28 27.91
C GLN B 382 32.91 -3.51 29.37
N ILE B 383 33.30 -4.66 29.91
CA ILE B 383 32.94 -5.03 31.27
C ILE B 383 33.58 -4.09 32.29
N ASN B 384 32.79 -3.68 33.29
CA ASN B 384 33.24 -2.80 34.37
C ASN B 384 33.64 -1.39 33.90
N VAL B 385 33.55 -1.14 32.60
CA VAL B 385 33.79 0.19 32.07
C VAL B 385 32.44 0.89 31.88
N PRO B 386 32.08 1.76 32.84
CA PRO B 386 30.73 2.32 32.91
C PRO B 386 30.42 3.34 31.81
N ILE B 387 29.20 3.26 31.28
CA ILE B 387 28.70 4.27 30.36
C ILE B 387 27.54 4.99 31.02
N THR B 388 27.26 6.21 30.57
CA THR B 388 26.20 7.00 31.17
C THR B 388 25.22 7.54 30.14
N PHE B 389 23.93 7.44 30.45
CA PHE B 389 22.89 7.99 29.59
C PHE B 389 22.21 9.17 30.26
N GLN B 390 22.09 10.28 29.53
CA GLN B 390 21.41 11.45 30.06
C GLN B 390 19.97 11.49 29.59
N VAL B 391 19.05 11.31 30.54
CA VAL B 391 17.63 11.26 30.23
C VAL B 391 16.98 12.65 30.31
N LYS B 392 16.37 13.07 29.21
CA LYS B 392 15.68 14.36 29.17
C LYS B 392 14.17 14.17 29.03
N VAL B 393 13.44 14.54 30.08
CA VAL B 393 11.99 14.39 30.10
C VAL B 393 11.29 15.74 30.04
N THR B 394 10.37 15.89 29.10
CA THR B 394 9.63 17.14 28.94
C THR B 394 8.12 16.91 28.96
N ALA B 395 7.41 17.71 29.75
CA ALA B 395 5.95 17.62 29.82
C ALA B 395 5.30 18.74 29.01
N THR B 396 4.27 18.40 28.24
CA THR B 396 3.53 19.39 27.46
C THR B 396 2.51 20.09 28.34
N GLU B 397 1.88 19.31 29.22
CA GLU B 397 0.87 19.84 30.13
C GLU B 397 1.36 19.88 31.57
N CYS B 398 0.56 20.47 32.44
CA CYS B 398 0.65 20.19 33.86
C CYS B 398 0.04 18.80 34.03
N ILE B 399 0.81 17.89 34.62
CA ILE B 399 0.43 16.48 34.59
C ILE B 399 -0.02 15.95 35.95
N GLN B 400 -0.76 14.83 35.93
CA GLN B 400 -1.18 14.16 37.16
C GLN B 400 -0.06 13.32 37.75
N GLU B 401 -0.40 12.48 38.72
CA GLU B 401 0.56 11.54 39.28
C GLU B 401 0.88 10.42 38.31
N GLN B 402 2.16 10.20 38.04
CA GLN B 402 2.55 9.16 37.09
C GLN B 402 3.88 8.47 37.41
N SER B 403 4.00 7.23 36.94
CA SER B 403 5.25 6.48 37.05
C SER B 403 5.50 5.64 35.80
N PHE B 404 6.65 5.85 35.18
CA PHE B 404 7.09 5.01 34.06
C PHE B 404 8.51 4.54 34.31
N VAL B 405 8.82 3.34 33.84
CA VAL B 405 10.12 2.73 34.15
C VAL B 405 11.06 2.69 32.96
N ILE B 406 12.34 2.91 33.26
CA ILE B 406 13.40 2.80 32.27
C ILE B 406 14.26 1.58 32.57
N ARG B 407 14.42 0.71 31.58
CA ARG B 407 15.22 -0.49 31.77
C ARG B 407 16.20 -0.67 30.61
N ALA B 408 17.26 -1.43 30.86
CA ALA B 408 18.21 -1.77 29.82
C ALA B 408 17.80 -3.08 29.16
N LEU B 409 17.60 -3.04 27.85
CA LEU B 409 17.14 -4.20 27.10
C LEU B 409 18.09 -5.38 27.25
N GLY B 410 17.54 -6.51 27.69
CA GLY B 410 18.32 -7.70 27.91
C GLY B 410 18.44 -8.02 29.40
N PHE B 411 17.92 -7.14 30.23
CA PHE B 411 18.06 -7.27 31.68
C PHE B 411 16.79 -6.88 32.43
N THR B 412 16.49 -7.61 33.49
CA THR B 412 15.29 -7.38 34.28
C THR B 412 15.39 -6.17 35.19
N ASP B 413 16.61 -5.63 35.32
CA ASP B 413 16.86 -4.47 36.17
C ASP B 413 16.10 -3.25 35.65
N ILE B 414 15.51 -2.48 36.56
CA ILE B 414 14.68 -1.34 36.16
C ILE B 414 15.04 -0.05 36.89
N VAL B 415 14.72 1.07 36.25
CA VAL B 415 14.85 2.39 36.87
C VAL B 415 13.47 3.01 36.98
N THR B 416 12.95 3.08 38.20
CA THR B 416 11.60 3.61 38.43
C THR B 416 11.59 5.13 38.46
N VAL B 417 10.91 5.73 37.51
CA VAL B 417 10.83 7.19 37.42
C VAL B 417 9.48 7.72 37.88
N GLN B 418 9.48 8.50 38.96
CA GLN B 418 8.28 9.18 39.42
C GLN B 418 8.20 10.55 38.78
N VAL B 419 7.00 10.94 38.33
CA VAL B 419 6.82 12.22 37.67
C VAL B 419 5.75 13.07 38.36
N LEU B 420 6.19 14.19 38.92
CA LEU B 420 5.33 15.15 39.59
C LEU B 420 5.31 16.47 38.84
N PRO B 421 4.14 17.13 38.77
CA PRO B 421 4.03 18.42 38.07
C PRO B 421 4.67 19.57 38.86
N GLN B 422 5.14 20.58 38.13
CA GLN B 422 5.71 21.77 38.75
CA GLN B 422 5.69 21.77 38.76
C GLN B 422 5.09 23.02 38.12
N CYS B 423 3.90 23.38 38.58
CA CYS B 423 3.19 24.54 38.05
C CYS B 423 2.97 25.58 39.15
N GLU B 424 3.27 25.20 40.38
CA GLU B 424 3.02 26.05 41.53
C GLU B 424 4.05 27.14 41.72
N CYS B 425 3.75 28.03 42.67
CA CYS B 425 4.73 28.97 43.20
C CYS B 425 4.89 28.66 44.68
N ARG B 426 5.92 29.23 45.29
CA ARG B 426 6.11 29.08 46.72
C ARG B 426 6.18 30.46 47.36
N CYS B 427 5.43 31.39 46.78
CA CYS B 427 5.49 32.83 47.07
C CYS B 427 5.68 33.17 48.56
N ARG B 428 6.51 34.18 48.82
CA ARG B 428 6.91 34.51 50.18
C ARG B 428 5.72 34.92 51.07
N LEU B 436 -4.59 43.45 52.69
CA LEU B 436 -5.51 44.55 52.43
C LEU B 436 -6.58 44.12 51.43
N CYS B 437 -6.39 44.54 50.17
CA CYS B 437 -7.20 44.10 49.04
C CYS B 437 -8.67 44.52 49.12
N HIS B 438 -8.95 45.54 49.93
CA HIS B 438 -10.25 46.22 49.96
C HIS B 438 -11.50 45.33 50.01
N GLY B 439 -11.39 44.18 50.69
CA GLY B 439 -12.57 43.38 50.95
C GLY B 439 -12.59 41.97 50.41
N LYS B 440 -13.22 41.79 49.24
CA LYS B 440 -13.54 40.45 48.74
C LYS B 440 -12.35 39.65 48.20
N GLY B 441 -11.14 40.21 48.24
CA GLY B 441 -9.99 39.50 47.70
C GLY B 441 -8.96 39.09 48.73
N PHE B 442 -8.49 37.84 48.65
CA PHE B 442 -7.35 37.43 49.44
C PHE B 442 -6.10 37.45 48.56
N LEU B 443 -5.01 37.95 49.10
CA LEU B 443 -3.81 38.23 48.31
C LEU B 443 -2.86 37.03 48.22
N GLU B 444 -2.40 36.76 47.00
CA GLU B 444 -1.46 35.67 46.78
C GLU B 444 -0.41 36.03 45.72
N CYS B 445 0.86 35.85 46.06
CA CYS B 445 1.98 36.03 45.14
C CYS B 445 2.05 37.41 44.50
N GLY B 446 1.73 38.44 45.29
CA GLY B 446 1.91 39.81 44.85
C GLY B 446 0.72 40.45 44.17
N ILE B 447 -0.40 39.74 44.11
CA ILE B 447 -1.61 40.29 43.53
C ILE B 447 -2.86 39.69 44.17
N CYS B 448 -3.95 40.44 44.17
CA CYS B 448 -5.19 40.01 44.81
C CYS B 448 -6.03 39.13 43.90
N ARG B 449 -6.43 37.97 44.41
CA ARG B 449 -7.33 37.08 43.69
C ARG B 449 -8.74 37.21 44.28
N CYS B 450 -9.59 37.95 43.59
CA CYS B 450 -10.90 38.34 44.11
C CYS B 450 -11.88 37.16 44.21
N ASP B 451 -12.93 37.34 45.01
CA ASP B 451 -13.99 36.34 45.12
C ASP B 451 -14.82 36.28 43.84
N THR B 452 -15.63 35.25 43.72
CA THR B 452 -16.49 35.07 42.56
C THR B 452 -17.50 36.20 42.44
N GLY B 453 -17.61 36.77 41.25
CA GLY B 453 -18.54 37.86 41.00
C GLY B 453 -17.92 39.22 41.26
N TYR B 454 -16.64 39.22 41.65
CA TYR B 454 -15.92 40.46 41.91
C TYR B 454 -14.61 40.51 41.13
N ILE B 455 -14.29 41.66 40.57
CA ILE B 455 -13.08 41.80 39.78
C ILE B 455 -12.50 43.22 39.89
N GLY B 456 -11.19 43.29 40.09
CA GLY B 456 -10.49 44.55 40.20
C GLY B 456 -9.08 44.31 40.70
N LYS B 457 -8.20 45.29 40.53
CA LYS B 457 -6.83 45.17 41.02
C LYS B 457 -6.81 45.01 42.54
N ASN B 458 -7.68 45.77 43.20
CA ASN B 458 -7.90 45.60 44.63
C ASN B 458 -9.32 45.11 44.91
N CYS B 459 -9.92 44.49 43.90
CA CYS B 459 -11.30 43.99 43.98
C CYS B 459 -12.27 45.12 44.34
N GLU B 460 -12.19 46.22 43.60
CA GLU B 460 -12.98 47.40 43.91
C GLU B 460 -14.19 47.56 42.99
N CYS B 461 -14.48 46.52 42.20
CA CYS B 461 -15.61 46.57 41.27
C CYS B 461 -16.43 45.28 41.31
N GLN B 462 -17.59 45.31 40.65
CA GLN B 462 -18.47 44.16 40.55
C GLN B 462 -18.79 43.86 39.08
N THR B 463 -18.85 42.58 38.74
CA THR B 463 -19.05 42.14 37.36
C THR B 463 -20.34 42.71 36.77
N GLN B 464 -21.46 42.44 37.44
CA GLN B 464 -22.71 43.13 37.12
C GLN B 464 -22.98 44.18 38.20
N GLY B 465 -23.07 45.44 37.78
CA GLY B 465 -23.27 46.53 38.71
C GLY B 465 -23.17 47.91 38.08
N ARG B 466 -22.38 48.78 38.69
CA ARG B 466 -22.28 50.17 38.27
C ARG B 466 -21.38 50.35 37.04
N SER B 467 -20.08 50.14 37.22
CA SER B 467 -19.09 50.23 36.15
C SER B 467 -19.21 51.54 35.36
N SER B 468 -18.64 52.62 35.91
CA SER B 468 -18.89 53.96 35.39
C SER B 468 -18.02 54.38 34.21
N GLN B 469 -18.12 55.68 33.89
CA GLN B 469 -17.45 56.28 32.73
C GLN B 469 -15.97 56.59 32.97
N GLU B 470 -15.30 56.97 31.88
CA GLU B 470 -13.93 57.50 31.92
C GLU B 470 -12.88 56.55 32.50
N LEU B 471 -13.29 55.35 32.88
CA LEU B 471 -12.32 54.29 33.16
C LEU B 471 -12.13 53.50 31.88
N GLU B 472 -13.00 53.78 30.90
CA GLU B 472 -12.97 53.10 29.61
C GLU B 472 -11.88 53.64 28.69
N GLY B 473 -11.14 54.64 29.15
CA GLY B 473 -10.08 55.22 28.36
C GLY B 473 -9.00 54.21 28.02
N SER B 474 -8.76 53.29 28.95
CA SER B 474 -7.75 52.27 28.78
C SER B 474 -8.27 51.09 27.95
N CYS B 475 -9.59 51.02 27.80
CA CYS B 475 -10.23 49.87 27.19
C CYS B 475 -10.03 49.76 25.67
N ARG B 476 -9.95 50.89 24.98
CA ARG B 476 -9.76 50.86 23.53
C ARG B 476 -8.29 51.00 23.15
N LYS B 477 -7.86 50.22 22.17
CA LYS B 477 -6.47 50.16 21.72
C LYS B 477 -5.93 51.54 21.35
N ASP B 478 -6.60 52.19 20.41
CA ASP B 478 -6.28 53.57 20.04
C ASP B 478 -7.57 54.36 19.92
N ASN B 479 -7.48 55.57 19.36
CA ASN B 479 -8.66 56.41 19.20
C ASN B 479 -9.65 55.85 18.19
N ASN B 480 -9.18 54.97 17.32
CA ASN B 480 -10.02 54.40 16.28
C ASN B 480 -10.47 52.97 16.56
N SER B 481 -10.19 52.48 17.76
CA SER B 481 -10.57 51.11 18.10
C SER B 481 -11.86 51.05 18.90
N ILE B 482 -12.57 49.93 18.76
CA ILE B 482 -13.77 49.68 19.54
C ILE B 482 -13.38 49.27 20.95
N ILE B 483 -14.17 49.71 21.93
CA ILE B 483 -13.96 49.35 23.32
C ILE B 483 -13.84 47.84 23.51
N CYS B 484 -12.68 47.40 24.01
CA CYS B 484 -12.37 45.97 24.18
C CYS B 484 -12.55 45.19 22.88
N SER B 485 -12.30 45.85 21.76
CA SER B 485 -12.38 45.24 20.43
C SER B 485 -13.77 44.72 20.06
N GLY B 486 -14.74 44.95 20.94
CA GLY B 486 -16.09 44.46 20.71
C GLY B 486 -16.25 43.00 21.09
N LEU B 487 -15.15 42.38 21.52
CA LEU B 487 -15.16 40.97 21.89
C LEU B 487 -15.06 40.79 23.40
N GLY B 488 -15.23 41.88 24.14
CA GLY B 488 -15.15 41.83 25.59
C GLY B 488 -15.90 42.97 26.26
N ASP B 489 -16.17 42.80 27.55
CA ASP B 489 -16.84 43.83 28.34
C ASP B 489 -15.84 44.58 29.20
N CYS B 490 -16.05 45.88 29.34
CA CYS B 490 -15.13 46.72 30.12
C CYS B 490 -15.59 46.86 31.57
N VAL B 491 -14.85 46.24 32.48
CA VAL B 491 -15.17 46.32 33.91
C VAL B 491 -14.04 46.94 34.70
N CYS B 492 -14.33 48.04 35.37
CA CYS B 492 -13.37 48.73 36.24
C CYS B 492 -12.10 49.13 35.51
N GLY B 493 -12.23 49.55 34.25
CA GLY B 493 -11.11 50.06 33.49
C GLY B 493 -10.45 49.07 32.56
N GLN B 494 -10.56 47.78 32.88
CA GLN B 494 -9.94 46.74 32.08
C GLN B 494 -10.97 45.96 31.27
N CYS B 495 -10.51 44.97 30.50
CA CYS B 495 -11.38 44.22 29.62
C CYS B 495 -11.61 42.79 30.10
N LEU B 496 -12.87 42.40 30.17
CA LEU B 496 -13.24 41.02 30.45
C LEU B 496 -13.85 40.40 29.19
N CYS B 497 -13.12 39.47 28.58
CA CYS B 497 -13.48 38.95 27.27
C CYS B 497 -14.70 38.03 27.28
N HIS B 498 -15.36 37.93 26.13
CA HIS B 498 -16.52 37.06 25.98
C HIS B 498 -16.09 35.60 25.90
N THR B 499 -17.04 34.70 26.16
CA THR B 499 -16.76 33.26 26.08
C THR B 499 -17.50 32.64 24.92
N SER B 500 -16.76 32.04 23.99
CA SER B 500 -17.35 31.39 22.84
C SER B 500 -17.37 29.88 23.03
N ASP B 501 -18.51 29.27 22.75
CA ASP B 501 -18.69 27.83 22.98
C ASP B 501 -17.98 26.97 21.94
N VAL B 502 -17.46 27.61 20.90
CA VAL B 502 -16.68 26.90 19.89
C VAL B 502 -15.44 26.29 20.54
N PRO B 503 -15.28 24.96 20.40
CA PRO B 503 -14.14 24.26 21.01
C PRO B 503 -12.80 24.74 20.47
N GLY B 504 -11.85 24.98 21.37
CA GLY B 504 -10.54 25.43 20.97
C GLY B 504 -10.51 26.92 20.66
N LYS B 505 -11.58 27.62 21.00
CA LYS B 505 -11.66 29.06 20.78
C LYS B 505 -11.64 29.82 22.09
N LEU B 506 -10.70 30.76 22.21
CA LEU B 506 -10.60 31.59 23.39
C LEU B 506 -10.16 33.00 23.03
N ILE B 507 -10.96 33.99 23.40
CA ILE B 507 -10.60 35.38 23.19
C ILE B 507 -9.77 35.88 24.37
N TYR B 508 -8.54 36.32 24.08
CA TYR B 508 -7.66 36.84 25.11
C TYR B 508 -6.94 38.09 24.63
N GLY B 509 -6.21 38.73 25.54
CA GLY B 509 -5.46 39.93 25.22
C GLY B 509 -5.87 41.11 26.08
N GLN B 510 -4.99 42.10 26.16
CA GLN B 510 -5.26 43.31 26.92
C GLN B 510 -6.49 44.03 26.38
N TYR B 511 -6.64 44.05 25.06
CA TYR B 511 -7.77 44.71 24.44
C TYR B 511 -8.65 43.69 23.71
N CYS B 512 -8.48 42.43 24.07
CA CYS B 512 -9.21 41.32 23.45
C CYS B 512 -9.06 41.32 21.94
N GLU B 513 -7.82 41.48 21.47
CA GLU B 513 -7.54 41.56 20.04
C GLU B 513 -7.06 40.23 19.48
N CYS B 514 -6.84 39.25 20.35
CA CYS B 514 -6.29 37.97 19.93
C CYS B 514 -7.28 36.82 20.10
N ASP B 515 -7.19 35.84 19.22
CA ASP B 515 -8.01 34.64 19.28
C ASP B 515 -7.18 33.43 18.87
N THR B 516 -7.56 32.25 19.36
CA THR B 516 -6.78 31.05 19.12
C THR B 516 -7.22 30.30 17.87
N ILE B 517 -8.22 30.82 17.18
CA ILE B 517 -8.77 30.15 16.01
C ILE B 517 -8.07 30.56 14.71
N ASN B 518 -7.82 31.85 14.54
CA ASN B 518 -7.27 32.36 13.29
C ASN B 518 -5.78 32.07 13.10
N CYS B 519 -5.49 31.09 12.26
CA CYS B 519 -4.12 30.75 11.86
C CYS B 519 -4.13 30.11 10.48
N GLU B 520 -2.94 29.88 9.92
CA GLU B 520 -2.84 29.21 8.64
C GLU B 520 -3.19 27.73 8.79
N ARG B 521 -3.60 27.10 7.70
CA ARG B 521 -4.14 25.75 7.78
C ARG B 521 -3.30 24.70 7.07
N TYR B 522 -3.07 23.59 7.77
CA TYR B 522 -2.61 22.36 7.13
C TYR B 522 -3.77 21.37 7.21
N ASN B 523 -3.87 20.48 6.23
CA ASN B 523 -5.07 19.66 6.04
C ASN B 523 -6.26 20.61 5.89
N GLY B 524 -7.37 20.31 6.56
CA GLY B 524 -8.52 21.19 6.53
C GLY B 524 -8.60 22.03 7.78
N GLN B 525 -7.89 21.60 8.82
CA GLN B 525 -8.01 22.21 10.14
C GLN B 525 -6.94 23.26 10.42
N VAL B 526 -7.05 23.88 11.59
CA VAL B 526 -6.15 24.95 12.00
C VAL B 526 -4.88 24.40 12.64
N CYS B 527 -3.72 24.80 12.10
CA CYS B 527 -2.42 24.37 12.60
C CYS B 527 -2.30 22.86 12.75
N GLY B 528 -2.97 22.11 11.87
CA GLY B 528 -2.98 20.67 11.95
C GLY B 528 -3.89 20.17 13.05
N GLY B 529 -4.95 20.94 13.32
CA GLY B 529 -5.90 20.60 14.37
C GLY B 529 -5.25 20.53 15.73
N PRO B 530 -5.81 19.73 16.63
CA PRO B 530 -5.22 19.47 17.95
C PRO B 530 -4.02 18.51 17.86
N GLY B 531 -3.18 18.68 16.85
CA GLY B 531 -2.08 17.77 16.62
C GLY B 531 -0.72 18.40 16.81
N ARG B 532 0.01 18.55 15.70
CA ARG B 532 1.41 18.95 15.72
C ARG B 532 1.63 20.37 16.25
N GLY B 533 0.56 21.16 16.32
CA GLY B 533 0.68 22.53 16.78
C GLY B 533 -0.59 23.15 17.32
N LEU B 534 -0.41 24.14 18.19
CA LEU B 534 -1.52 24.93 18.72
C LEU B 534 -1.39 26.37 18.24
N CYS B 535 -2.51 27.07 18.13
CA CYS B 535 -2.52 28.42 17.57
C CYS B 535 -2.65 29.51 18.63
N PHE B 536 -1.73 30.48 18.58
CA PHE B 536 -1.76 31.61 19.49
C PHE B 536 -1.64 32.94 18.76
N CYS B 537 -2.77 33.60 18.54
CA CYS B 537 -2.81 34.94 17.96
C CYS B 537 -2.08 35.05 16.62
N GLY B 538 -2.41 34.16 15.69
CA GLY B 538 -1.83 34.21 14.36
C GLY B 538 -0.63 33.31 14.17
N LYS B 539 0.12 33.11 15.25
CA LYS B 539 1.31 32.25 15.21
C LYS B 539 1.03 30.88 15.79
N CYS B 540 1.36 29.84 15.03
CA CYS B 540 1.17 28.47 15.50
C CYS B 540 2.37 28.01 16.32
N ARG B 541 2.16 27.77 17.60
CA ARG B 541 3.21 27.25 18.46
C ARG B 541 3.17 25.73 18.44
N CYS B 542 4.16 25.13 17.78
CA CYS B 542 4.17 23.70 17.52
C CYS B 542 4.60 22.86 18.72
N HIS B 543 4.00 21.69 18.85
CA HIS B 543 4.38 20.73 19.88
C HIS B 543 5.80 20.22 19.63
N PRO B 544 6.49 19.76 20.69
CA PRO B 544 7.84 19.22 20.56
C PRO B 544 7.96 18.15 19.48
N GLY B 545 8.89 18.34 18.54
CA GLY B 545 9.11 17.38 17.48
C GLY B 545 8.58 17.84 16.13
N PHE B 546 7.93 19.00 16.11
CA PHE B 546 7.35 19.54 14.89
C PHE B 546 7.63 21.03 14.74
N GLU B 547 7.55 21.53 13.51
CA GLU B 547 7.87 22.91 13.21
C GLU B 547 7.23 23.39 11.90
N GLY B 548 7.18 24.70 11.73
CA GLY B 548 6.61 25.30 10.52
C GLY B 548 5.79 26.54 10.80
N SER B 549 5.30 27.18 9.75
CA SER B 549 4.43 28.35 9.88
C SER B 549 3.06 27.92 10.35
N ALA B 550 2.39 27.10 9.54
CA ALA B 550 1.16 26.46 9.94
C ALA B 550 1.48 25.08 10.50
N CYS B 551 2.78 24.86 10.75
CA CYS B 551 3.30 23.56 11.13
C CYS B 551 2.94 22.52 10.08
N GLN B 552 2.92 22.96 8.82
CA GLN B 552 2.44 22.12 7.73
C GLN B 552 3.49 21.09 7.34
N CYS B 553 4.76 21.47 7.41
CA CYS B 553 5.83 20.51 7.16
C CYS B 553 5.94 19.58 8.34
N GLU B 554 6.21 18.32 8.08
CA GLU B 554 6.40 17.40 9.17
C GLU B 554 7.87 17.15 9.46
N ARG B 555 8.16 17.19 10.75
CA ARG B 555 9.47 16.99 11.37
C ARG B 555 10.67 17.39 10.52
N THR B 556 11.52 16.41 10.21
CA THR B 556 12.78 16.69 9.52
C THR B 556 13.15 15.69 8.42
N THR B 557 14.44 15.68 8.10
CA THR B 557 14.97 15.09 6.87
C THR B 557 15.04 13.57 6.82
N GLU B 558 13.90 12.93 6.55
CA GLU B 558 13.88 11.48 6.38
C GLU B 558 13.11 11.08 5.12
N GLY B 559 12.32 12.00 4.59
CA GLY B 559 11.55 11.73 3.39
C GLY B 559 12.29 12.05 2.11
N CYS B 560 13.55 12.44 2.24
CA CYS B 560 14.35 12.91 1.12
C CYS B 560 15.46 11.93 0.75
N LEU B 561 15.57 10.85 1.51
CA LEU B 561 16.72 9.99 1.40
C LEU B 561 16.54 8.88 0.37
N ASN B 562 17.63 8.54 -0.30
CA ASN B 562 17.75 7.27 -1.00
C ASN B 562 18.07 6.23 0.08
N PRO B 563 17.94 4.94 -0.24
CA PRO B 563 18.22 3.93 0.80
C PRO B 563 19.62 4.02 1.42
N ARG B 564 20.53 4.77 0.80
CA ARG B 564 21.88 4.94 1.33
C ARG B 564 22.09 6.38 1.85
N ARG B 565 20.98 7.10 2.05
CA ARG B 565 21.01 8.43 2.63
C ARG B 565 21.91 9.41 1.88
N VAL B 566 21.54 9.77 0.67
CA VAL B 566 22.31 10.75 -0.09
C VAL B 566 21.44 12.00 -0.32
N GLU B 567 20.20 11.93 0.15
CA GLU B 567 19.27 13.05 0.19
C GLU B 567 18.93 13.58 -1.21
N CYS B 568 17.87 13.03 -1.80
CA CYS B 568 17.37 13.44 -3.12
C CYS B 568 18.46 13.39 -4.19
N SER B 569 19.20 12.29 -4.23
CA SER B 569 20.38 12.17 -5.10
C SER B 569 21.33 13.33 -4.80
N GLY B 570 21.85 13.95 -5.85
CA GLY B 570 22.65 15.15 -5.70
C GLY B 570 22.03 16.25 -6.52
N ARG B 571 20.83 15.97 -7.03
CA ARG B 571 20.18 16.84 -8.00
C ARG B 571 19.02 17.63 -7.40
N GLY B 572 18.90 17.56 -6.07
CA GLY B 572 17.83 18.28 -5.38
C GLY B 572 18.11 18.46 -3.90
N ARG B 573 17.82 19.65 -3.37
CA ARG B 573 17.97 19.88 -1.95
C ARG B 573 16.61 19.89 -1.26
N CYS B 574 16.57 19.35 -0.05
CA CYS B 574 15.31 19.05 0.61
C CYS B 574 14.85 20.11 1.62
N ARG B 575 13.61 20.55 1.45
CA ARG B 575 12.93 21.39 2.43
C ARG B 575 11.52 20.83 2.69
N CYS B 576 11.24 20.50 3.94
CA CYS B 576 9.96 19.94 4.36
C CYS B 576 9.64 18.63 3.63
N ASN B 577 10.66 17.78 3.49
CA ASN B 577 10.54 16.44 2.93
C ASN B 577 10.10 16.37 1.47
N VAL B 578 9.79 17.52 0.89
CA VAL B 578 9.54 17.59 -0.55
C VAL B 578 10.82 18.04 -1.25
N CYS B 579 11.37 17.16 -2.07
CA CYS B 579 12.66 17.41 -2.71
C CYS B 579 12.59 18.53 -3.73
N GLU B 580 13.34 19.60 -3.47
CA GLU B 580 13.42 20.73 -4.38
C GLU B 580 14.55 20.53 -5.37
N CYS B 581 14.21 20.07 -6.57
CA CYS B 581 15.21 19.71 -7.58
C CYS B 581 15.11 20.57 -8.82
N HIS B 582 16.25 20.84 -9.44
CA HIS B 582 16.31 21.69 -10.62
C HIS B 582 15.94 20.94 -11.90
N SER B 583 15.54 21.71 -12.91
CA SER B 583 15.15 21.17 -14.22
C SER B 583 14.01 20.16 -14.13
N GLY B 584 14.04 19.14 -14.99
CA GLY B 584 12.92 18.22 -15.13
C GLY B 584 12.96 16.97 -14.28
N TYR B 585 13.86 16.91 -13.32
CA TYR B 585 13.94 15.76 -12.42
C TYR B 585 12.70 15.67 -11.54
N GLN B 586 11.91 14.61 -11.72
CA GLN B 586 10.65 14.47 -11.02
C GLN B 586 10.82 13.81 -9.65
N LEU B 587 9.73 13.81 -8.88
CA LEU B 587 9.72 13.24 -7.53
C LEU B 587 9.62 11.71 -7.62
N PRO B 588 9.82 10.98 -6.51
CA PRO B 588 10.05 11.37 -5.10
C PRO B 588 11.50 11.72 -4.75
N LEU B 589 12.47 11.02 -5.33
CA LEU B 589 13.86 11.19 -4.91
C LEU B 589 14.69 12.02 -5.89
N CYS B 590 14.02 12.64 -6.85
CA CYS B 590 14.68 13.48 -7.86
C CYS B 590 15.82 12.73 -8.55
N GLN B 591 15.54 11.51 -8.97
CA GLN B 591 16.58 10.64 -9.54
C GLN B 591 16.68 10.76 -11.06
N GLU B 592 15.54 10.87 -11.72
CA GLU B 592 15.51 10.83 -13.18
C GLU B 592 14.83 12.05 -13.81
N CYS B 593 15.42 12.55 -14.90
CA CYS B 593 14.85 13.66 -15.65
C CYS B 593 14.36 13.21 -17.02
N PRO B 594 13.04 13.08 -17.19
CA PRO B 594 12.45 12.65 -18.45
C PRO B 594 12.46 13.73 -19.53
N GLY B 595 12.49 14.99 -19.11
CA GLY B 595 12.41 16.10 -20.04
C GLY B 595 13.74 16.68 -20.48
N CYS B 596 14.82 16.25 -19.81
CA CYS B 596 16.15 16.74 -20.13
C CYS B 596 16.61 16.28 -21.50
N PRO B 597 17.42 17.10 -22.18
CA PRO B 597 18.03 16.70 -23.46
C PRO B 597 19.14 15.67 -23.25
N SER B 598 19.42 14.87 -24.26
CA SER B 598 20.43 13.83 -24.15
C SER B 598 21.83 14.43 -24.03
N PRO B 599 22.57 14.06 -22.97
CA PRO B 599 23.89 14.62 -22.66
C PRO B 599 25.01 14.10 -23.54
N CYS B 600 24.68 13.20 -24.48
CA CYS B 600 25.68 12.54 -25.31
C CYS B 600 26.56 13.49 -26.11
N GLY B 601 26.00 14.65 -26.48
CA GLY B 601 26.67 15.57 -27.38
C GLY B 601 27.93 16.23 -26.84
N LYS B 602 27.87 16.74 -25.62
CA LYS B 602 28.94 17.58 -25.08
C LYS B 602 30.15 16.79 -24.58
N TYR B 603 29.94 15.54 -24.19
CA TYR B 603 30.99 14.74 -23.58
C TYR B 603 31.88 14.01 -24.58
N ILE B 604 31.79 14.41 -25.85
CA ILE B 604 32.54 13.72 -26.90
C ILE B 604 34.05 13.96 -26.76
N SER B 605 34.42 15.16 -26.31
CA SER B 605 35.82 15.51 -26.14
C SER B 605 36.40 14.82 -24.91
N CYS B 606 35.58 14.66 -23.87
CA CYS B 606 35.99 13.97 -22.67
C CYS B 606 36.16 12.47 -22.94
N ALA B 607 35.27 11.92 -23.77
CA ALA B 607 35.35 10.51 -24.11
C ALA B 607 36.59 10.23 -24.95
N GLU B 608 36.96 11.20 -25.78
CA GLU B 608 38.10 11.06 -26.67
C GLU B 608 39.42 11.14 -25.90
N CYS B 609 39.48 12.02 -24.91
CA CYS B 609 40.69 12.19 -24.13
C CYS B 609 40.88 11.05 -23.12
N LEU B 610 39.80 10.52 -22.58
CA LEU B 610 39.89 9.45 -21.60
C LEU B 610 40.38 8.14 -22.20
N LYS B 611 39.80 7.76 -23.33
CA LYS B 611 40.05 6.45 -23.91
C LYS B 611 41.25 6.42 -24.85
N PHE B 612 41.37 7.46 -25.68
CA PHE B 612 42.35 7.43 -26.78
C PHE B 612 43.49 8.43 -26.65
N GLU B 613 43.64 9.03 -25.46
CA GLU B 613 44.75 9.94 -25.17
C GLU B 613 44.79 11.20 -26.04
N LYS B 614 43.96 11.25 -27.08
CA LYS B 614 43.97 12.35 -28.03
C LYS B 614 42.74 13.25 -27.86
N GLY B 615 42.58 14.19 -28.79
CA GLY B 615 41.50 15.14 -28.71
C GLY B 615 41.96 16.45 -28.12
N PRO B 616 41.12 17.50 -28.23
CA PRO B 616 41.40 18.85 -27.72
C PRO B 616 41.77 18.86 -26.23
N PHE B 617 41.22 17.93 -25.46
CA PHE B 617 41.50 17.90 -24.03
C PHE B 617 42.72 17.04 -23.70
N GLY B 618 43.62 16.91 -24.66
CA GLY B 618 44.87 16.19 -24.43
C GLY B 618 45.72 16.77 -23.32
N LYS B 619 45.69 16.07 -22.17
CA LYS B 619 46.53 16.31 -20.96
C LYS B 619 45.90 17.18 -19.88
N ASN B 620 44.78 17.84 -20.17
CA ASN B 620 43.96 18.36 -19.06
C ASN B 620 42.62 17.67 -19.12
N CYS B 621 42.67 16.38 -19.46
CA CYS B 621 41.49 15.53 -19.48
C CYS B 621 40.90 15.42 -18.07
N SER B 622 41.78 15.27 -17.08
CA SER B 622 41.34 15.17 -15.70
C SER B 622 40.71 16.47 -15.21
N ALA B 623 41.26 17.59 -15.67
CA ALA B 623 40.78 18.91 -15.29
C ALA B 623 39.52 19.29 -16.07
N ALA B 624 39.38 18.75 -17.27
CA ALA B 624 38.26 19.10 -18.14
C ALA B 624 37.05 18.21 -17.91
N CYS B 625 37.26 17.07 -17.24
CA CYS B 625 36.18 16.12 -17.02
C CYS B 625 36.08 15.70 -15.55
N PRO B 626 35.59 16.61 -14.69
CA PRO B 626 35.51 16.34 -13.25
C PRO B 626 34.40 15.36 -12.88
N GLY B 627 33.37 15.26 -13.71
CA GLY B 627 32.22 14.44 -13.40
C GLY B 627 32.24 13.06 -14.01
N LEU B 628 33.18 12.82 -14.92
CA LEU B 628 33.24 11.55 -15.63
C LEU B 628 34.19 10.55 -14.99
N GLN B 629 33.70 9.34 -14.78
CA GLN B 629 34.48 8.25 -14.22
C GLN B 629 34.55 7.11 -15.24
N LEU B 630 35.75 6.87 -15.78
CA LEU B 630 35.91 5.95 -16.89
C LEU B 630 35.80 4.48 -16.47
N SER B 631 35.01 3.72 -17.23
CA SER B 631 34.86 2.29 -17.00
C SER B 631 35.30 1.51 -18.23
N ASN B 632 36.11 0.47 -18.02
CA ASN B 632 36.59 -0.35 -19.13
C ASN B 632 35.65 -1.52 -19.41
N ASN B 633 34.54 -1.54 -18.69
CA ASN B 633 33.50 -2.54 -18.90
C ASN B 633 32.14 -1.86 -19.13
N PRO B 634 31.30 -2.47 -19.99
CA PRO B 634 29.99 -1.92 -20.37
C PRO B 634 29.14 -1.46 -19.19
N VAL B 635 28.35 -0.42 -19.38
CA VAL B 635 27.54 0.14 -18.31
C VAL B 635 26.06 0.20 -18.67
N LYS B 636 25.23 0.49 -17.68
CA LYS B 636 23.77 0.42 -17.80
C LYS B 636 23.17 1.69 -18.43
N GLY B 637 23.99 2.71 -18.61
CA GLY B 637 23.53 4.02 -19.05
C GLY B 637 22.93 4.10 -20.44
N ARG B 638 22.84 5.33 -20.96
CA ARG B 638 22.25 5.58 -22.26
C ARG B 638 23.28 5.56 -23.38
N THR B 639 22.85 5.11 -24.56
CA THR B 639 23.75 4.93 -25.71
C THR B 639 24.09 6.26 -26.38
N CYS B 640 25.37 6.46 -26.68
CA CYS B 640 25.81 7.66 -27.38
C CYS B 640 26.80 7.32 -28.50
N LYS B 641 26.85 8.18 -29.52
CA LYS B 641 27.81 8.03 -30.61
C LYS B 641 27.97 9.35 -31.37
N GLU B 642 29.20 9.86 -31.41
CA GLU B 642 29.47 11.12 -32.08
C GLU B 642 30.80 11.07 -32.84
N ARG B 643 31.09 12.13 -33.59
CA ARG B 643 32.36 12.24 -34.29
C ARG B 643 33.39 12.91 -33.38
N ASP B 644 34.63 12.43 -33.45
CA ASP B 644 35.70 12.99 -32.62
C ASP B 644 36.40 14.15 -33.30
N SER B 645 37.59 14.49 -32.81
CA SER B 645 38.33 15.65 -33.33
C SER B 645 38.79 15.45 -34.77
N GLU B 646 39.11 14.22 -35.14
CA GLU B 646 39.62 13.93 -36.46
C GLU B 646 38.55 13.40 -37.41
N GLY B 647 37.31 13.35 -36.93
CA GLY B 647 36.19 13.00 -37.78
C GLY B 647 35.68 11.57 -37.63
N CYS B 648 36.38 10.75 -36.87
CA CYS B 648 35.98 9.36 -36.67
C CYS B 648 34.85 9.24 -35.66
N TRP B 649 33.98 8.25 -35.84
CA TRP B 649 32.84 8.05 -34.95
C TRP B 649 33.22 7.26 -33.70
N VAL B 650 32.94 7.85 -32.53
CA VAL B 650 33.23 7.21 -31.25
C VAL B 650 31.95 6.83 -30.51
N ALA B 651 31.84 5.57 -30.13
CA ALA B 651 30.67 5.11 -29.39
C ALA B 651 30.96 5.04 -27.89
N TYR B 652 29.99 5.45 -27.08
CA TYR B 652 30.13 5.41 -25.63
C TYR B 652 28.79 5.41 -24.90
N THR B 653 28.81 4.97 -23.65
CA THR B 653 27.59 4.84 -22.85
C THR B 653 27.72 5.60 -21.53
N LEU B 654 26.68 6.36 -21.18
CA LEU B 654 26.73 7.22 -20.00
C LEU B 654 25.73 6.80 -18.92
N GLU B 655 26.24 6.25 -17.83
CA GLU B 655 25.41 5.91 -16.68
C GLU B 655 25.50 6.98 -15.61
N GLN B 656 24.36 7.53 -15.22
CA GLN B 656 24.34 8.67 -14.30
C GLN B 656 24.43 8.23 -12.84
N GLN B 657 25.24 8.94 -12.07
CA GLN B 657 25.41 8.69 -10.65
C GLN B 657 24.87 9.87 -9.84
N ASP B 658 24.63 9.64 -8.55
CA ASP B 658 24.07 10.65 -7.67
C ASP B 658 24.97 11.89 -7.59
N GLY B 659 24.46 13.02 -8.08
CA GLY B 659 25.22 14.25 -8.10
C GLY B 659 24.86 15.12 -9.29
N MET B 660 25.51 16.27 -9.39
CA MET B 660 25.24 17.18 -10.51
C MET B 660 26.22 16.94 -11.66
N ASP B 661 25.69 16.44 -12.77
CA ASP B 661 26.48 16.13 -13.95
C ASP B 661 27.61 15.16 -13.66
N ARG B 662 27.28 14.08 -12.97
CA ARG B 662 28.27 13.05 -12.65
C ARG B 662 27.87 11.72 -13.29
N TYR B 663 28.66 11.29 -14.28
CA TYR B 663 28.36 10.07 -15.04
C TYR B 663 29.47 9.03 -14.98
N LEU B 664 29.09 7.78 -15.22
CA LEU B 664 30.04 6.68 -15.33
C LEU B 664 30.14 6.26 -16.78
N ILE B 665 31.24 6.63 -17.44
CA ILE B 665 31.34 6.49 -18.89
C ILE B 665 32.14 5.27 -19.34
N TYR B 666 31.61 4.57 -20.33
CA TYR B 666 32.32 3.46 -20.99
C TYR B 666 32.47 3.76 -22.47
N VAL B 667 33.66 3.55 -23.00
CA VAL B 667 33.95 3.85 -24.41
C VAL B 667 34.45 2.62 -25.15
N ASP B 668 33.87 2.36 -26.32
CA ASP B 668 34.31 1.25 -27.17
C ASP B 668 35.67 1.56 -27.77
N GLU B 669 36.60 0.63 -27.63
CA GLU B 669 37.96 0.81 -28.13
C GLU B 669 38.00 0.92 -29.66
N SER B 670 37.00 0.35 -30.32
CA SER B 670 36.93 0.39 -31.77
C SER B 670 36.23 1.66 -32.27
N ARG B 671 36.91 2.41 -33.12
CA ARG B 671 36.35 3.62 -33.70
C ARG B 671 35.83 3.38 -35.10
N GLU B 672 34.84 4.18 -35.50
CA GLU B 672 34.26 4.05 -36.83
C GLU B 672 34.70 5.16 -37.75
N CYS B 673 35.69 4.88 -38.59
CA CYS B 673 36.10 5.82 -39.62
C CYS B 673 35.58 5.33 -40.97
N CYS B 674 35.74 6.14 -42.01
CA CYS B 674 35.28 5.74 -43.33
C CYS B 674 36.32 4.89 -44.04
N GLY B 675 37.58 5.03 -43.63
CA GLY B 675 38.66 4.23 -44.19
C GLY B 675 39.80 5.02 -44.79
N GLY B 676 40.53 5.78 -43.96
CA GLY B 676 41.67 6.54 -44.43
C1 NAG C . 17.14 0.74 -50.45
C2 NAG C . 17.42 0.42 -51.91
C3 NAG C . 17.92 -1.02 -52.03
C4 NAG C . 19.11 -1.25 -51.09
C5 NAG C . 18.84 -0.72 -49.68
C6 NAG C . 20.07 -0.68 -48.81
C7 NAG C . 16.26 1.28 -53.90
C8 NAG C . 14.95 1.42 -54.60
N2 NAG C . 16.23 0.62 -52.73
O3 NAG C . 18.28 -1.27 -53.37
O4 NAG C . 19.40 -2.64 -51.00
O5 NAG C . 18.33 0.62 -49.71
O6 NAG C . 19.78 -1.05 -47.47
O7 NAG C . 17.31 1.74 -54.36
C1 NAG C . 20.28 -3.09 -52.05
C2 NAG C . 21.17 -4.21 -51.51
C3 NAG C . 22.09 -4.71 -52.63
C4 NAG C . 21.29 -5.11 -53.85
C5 NAG C . 20.39 -3.95 -54.29
C6 NAG C . 19.45 -4.30 -55.42
C7 NAG C . 22.05 -4.45 -49.23
C8 NAG C . 22.84 -3.81 -48.13
N2 NAG C . 21.93 -3.75 -50.36
O3 NAG C . 22.84 -5.84 -52.17
O4 NAG C . 22.14 -5.49 -54.92
O5 NAG C . 19.57 -3.54 -53.18
O6 NAG C . 20.14 -4.80 -56.55
O7 NAG C . 21.54 -5.56 -49.10
C1 NAG D . -10.08 -35.22 5.21
C2 NAG D . -9.06 -36.35 5.36
C3 NAG D . -9.52 -37.36 6.42
C4 NAG D . -9.88 -36.64 7.71
C5 NAG D . -10.88 -35.52 7.44
C6 NAG D . -11.14 -34.66 8.64
C7 NAG D . -7.64 -37.17 3.54
C8 NAG D . -7.60 -37.87 2.20
N2 NAG D . -8.84 -37.03 4.10
O3 NAG D . -8.48 -38.30 6.65
O4 NAG D . -10.46 -37.57 8.63
O5 NAG D . -10.33 -34.63 6.46
O6 NAG D . -10.58 -33.37 8.49
O7 NAG D . -6.63 -36.75 4.08
C1 NAG D . -9.51 -37.86 9.67
C2 NAG D . -10.26 -38.45 10.85
C3 NAG D . -9.28 -38.83 11.96
C4 NAG D . -8.18 -39.73 11.42
C5 NAG D . -7.52 -39.07 10.21
C6 NAG D . -6.49 -39.95 9.54
C7 NAG D . -12.57 -37.67 11.15
C8 NAG D . -13.45 -36.60 11.72
N2 NAG D . -11.26 -37.51 11.36
O3 NAG D . -9.99 -39.52 13.01
O4 NAG D . -7.20 -39.98 12.42
O5 NAG D . -8.52 -38.77 9.23
O6 NAG D . -5.37 -40.16 10.37
O7 NAG D . -13.02 -38.63 10.54
C1 NAG E . 6.20 -19.61 -14.56
C2 NAG E . 7.38 -20.23 -13.83
C3 NAG E . 8.31 -20.93 -14.82
C4 NAG E . 7.52 -21.88 -15.74
C5 NAG E . 6.30 -21.16 -16.33
C6 NAG E . 5.37 -22.06 -17.11
C7 NAG E . 8.88 -19.50 -12.03
C8 NAG E . 9.51 -18.32 -11.35
N2 NAG E . 8.09 -19.22 -13.08
O3 NAG E . 9.30 -21.66 -14.12
O4 NAG E . 8.37 -22.31 -16.80
O5 NAG E . 5.52 -20.59 -15.28
O6 NAG E . 4.50 -21.29 -17.93
O7 NAG E . 9.08 -20.65 -11.66
C1 NAG E . 8.37 -23.75 -16.95
C2 NAG E . 8.94 -24.05 -18.33
C3 NAG E . 8.86 -25.54 -18.62
C4 NAG E . 9.50 -26.35 -17.49
C5 NAG E . 8.97 -25.90 -16.12
C6 NAG E . 9.70 -26.54 -14.97
C7 NAG E . 8.74 -22.20 -19.92
C8 NAG E . 7.88 -21.54 -20.97
N2 NAG E . 8.24 -23.29 -19.36
O3 NAG E . 9.52 -25.82 -19.84
O4 NAG E . 9.20 -27.72 -17.66
O5 NAG E . 9.10 -24.47 -15.97
O6 NAG E . 10.71 -25.68 -14.43
O7 NAG E . 9.83 -21.74 -19.61
C1 BMA E . 10.34 -28.43 -18.17
C2 BMA E . 10.32 -29.87 -17.62
C3 BMA E . 11.48 -30.68 -18.19
C4 BMA E . 11.61 -30.55 -19.70
C5 BMA E . 11.62 -29.08 -20.14
C6 BMA E . 11.57 -28.97 -21.66
O2 BMA E . 9.14 -30.57 -18.02
O3 BMA E . 11.38 -32.05 -17.86
O4 BMA E . 12.81 -31.17 -20.15
O5 BMA E . 10.45 -28.40 -19.59
O6 BMA E . 11.15 -27.68 -22.06
C1 MAN E . 10.54 -27.79 -23.35
C2 MAN E . 10.79 -26.50 -24.13
C3 MAN E . 10.10 -25.35 -23.39
C4 MAN E . 8.59 -25.66 -23.24
C5 MAN E . 8.38 -27.03 -22.56
C6 MAN E . 6.94 -27.50 -22.57
O2 MAN E . 10.19 -26.53 -25.43
O3 MAN E . 10.26 -24.05 -24.00
O4 MAN E . 7.96 -24.65 -22.47
O5 MAN E . 9.16 -28.05 -23.24
O6 MAN E . 6.57 -27.73 -23.93
C1 MAN E . 11.60 -23.72 -24.45
C2 MAN E . 12.65 -23.77 -23.30
C3 MAN E . 12.58 -22.51 -22.43
C4 MAN E . 12.51 -21.24 -23.28
C5 MAN E . 11.35 -21.34 -24.27
C6 MAN E . 11.21 -20.11 -25.15
O2 MAN E . 14.00 -23.80 -23.81
O3 MAN E . 13.68 -22.44 -21.52
O4 MAN E . 12.31 -20.11 -22.44
O5 MAN E . 11.60 -22.49 -25.13
O6 MAN E . 11.34 -18.96 -24.31
C1 MAN E . 12.55 -32.46 -17.13
C2 MAN E . 12.88 -33.95 -17.44
C3 MAN E . 11.94 -34.89 -16.64
C4 MAN E . 11.81 -34.44 -15.17
C5 MAN E . 11.37 -32.97 -15.12
C6 MAN E . 11.18 -32.43 -13.72
O2 MAN E . 14.20 -34.30 -17.03
O3 MAN E . 12.38 -36.24 -16.72
O4 MAN E . 10.83 -35.25 -14.52
O5 MAN E . 12.41 -32.20 -15.76
O6 MAN E . 10.22 -31.38 -13.77
C1 NAG F . -25.93 23.96 21.17
C2 NAG F . -26.35 22.54 21.62
C3 NAG F . -26.15 22.35 23.12
C4 NAG F . -24.75 22.76 23.54
C5 NAG F . -24.48 24.18 23.07
C6 NAG F . -23.09 24.66 23.39
C7 NAG F . -28.10 21.30 20.42
C8 NAG F . -29.56 21.17 20.16
N2 NAG F . -27.73 22.27 21.25
O3 NAG F . -26.42 21.00 23.47
O4 NAG F . -24.63 22.71 24.96
O5 NAG F . -24.61 24.24 21.65
O6 NAG F . -22.53 25.40 22.31
O7 NAG F . -27.29 20.54 19.88
C1 NAG F . -23.85 21.58 25.35
C2 NAG F . -23.70 21.60 26.87
C3 NAG F . -22.92 20.37 27.35
C4 NAG F . -23.53 19.09 26.81
C5 NAG F . -23.64 19.19 25.29
C6 NAG F . -24.30 17.98 24.67
C7 NAG F . -23.70 23.95 27.62
C8 NAG F . -22.86 25.10 28.07
N2 NAG F . -23.05 22.82 27.32
O3 NAG F . -22.90 20.36 28.77
O4 NAG F . -22.71 17.99 27.15
O5 NAG F . -24.44 20.32 24.94
O6 NAG F . -23.81 17.72 23.36
O7 NAG F . -24.93 24.03 27.54
C1 NAG G . 25.49 13.55 33.11
C2 NAG G . 25.54 15.05 33.51
C3 NAG G . 26.00 15.88 32.33
C4 NAG G . 27.31 15.34 31.78
C5 NAG G . 27.19 13.85 31.46
C6 NAG G . 28.48 13.22 31.01
C7 NAG G . 23.89 15.49 35.28
C8 NAG G . 22.52 15.98 35.59
N2 NAG G . 24.25 15.51 33.99
O3 NAG G . 26.16 17.24 32.74
O4 NAG G . 27.67 16.05 30.59
O5 NAG G . 26.78 13.14 32.63
O6 NAG G . 29.07 12.42 32.05
O7 NAG G . 24.65 15.09 36.15
C1 NAG G . 28.95 16.68 30.83
C2 NAG G . 29.42 17.49 29.61
C3 NAG G . 30.79 18.11 29.90
C4 NAG G . 30.76 18.90 31.21
C5 NAG G . 30.21 18.03 32.34
C6 NAG G . 30.02 18.80 33.63
C7 NAG G . 29.45 17.15 27.18
C8 NAG G . 29.50 16.14 26.08
N2 NAG G . 29.48 16.66 28.42
O3 NAG G . 31.16 18.98 28.84
O4 NAG G . 32.08 19.32 31.56
O5 NAG G . 28.92 17.52 31.99
O6 NAG G . 29.48 17.99 34.67
O7 NAG G . 29.38 18.36 26.95
C1 NAG H . 42.19 22.02 -21.71
C2 NAG H . 41.19 23.19 -21.72
C3 NAG H . 41.04 23.74 -23.13
C4 NAG H . 42.38 24.01 -23.79
C5 NAG H . 43.28 22.79 -23.66
C6 NAG H . 44.69 23.02 -24.16
C7 NAG H . 39.51 23.03 -19.93
C8 NAG H . 38.13 22.57 -19.56
N2 NAG H . 39.90 22.80 -21.19
O3 NAG H . 40.27 24.93 -23.07
O4 NAG H . 42.22 24.18 -25.20
O5 NAG H . 43.40 22.43 -22.28
O6 NAG H . 45.50 21.87 -23.97
O7 NAG H . 40.25 23.57 -19.11
C1 NAG H . 41.84 25.50 -25.60
C2 NAG H . 42.54 25.81 -26.93
C3 NAG H . 42.01 27.13 -27.52
C4 NAG H . 40.49 27.10 -27.60
C5 NAG H . 39.92 26.78 -26.23
C6 NAG H . 38.42 26.66 -26.22
C7 NAG H . 44.81 24.95 -27.23
C8 NAG H . 46.27 25.16 -26.94
N2 NAG H . 43.98 25.87 -26.75
O3 NAG H . 42.57 27.31 -28.82
O4 NAG H . 40.00 28.36 -28.04
O5 NAG H . 40.43 25.52 -25.79
O6 NAG H . 37.92 26.70 -24.89
O7 NAG H . 44.41 24.00 -27.88
CA CA I . -17.32 9.54 -1.38
CA CA J . -29.18 -0.41 0.43
CA CA K . -10.62 6.57 -12.62
MG MG L . -5.28 -72.61 -35.57
CL CL M . -5.27 -73.50 -37.74
CA CA N . 9.04 -26.48 5.31
CA CA O . 21.90 -27.68 4.91
MG MG P . 15.18 -27.20 5.53
#